data_5NMW
#
_entry.id   5NMW
#
_cell.length_a   73.874
_cell.length_b   76.277
_cell.length_c   80.884
_cell.angle_alpha   71.960
_cell.angle_beta   81.450
_cell.angle_gamma   81.210
#
_symmetry.space_group_name_H-M   'P 1'
#
loop_
_entity.id
_entity.type
_entity.pdbx_description
1 polymer 'Flavin-containing monooxygenase'
2 non-polymer 'FLAVIN-ADENINE DINUCLEOTIDE'
3 non-polymer 'MAGNESIUM ION'
4 water water
#
_entity_poly.entity_id   1
_entity_poly.type   'polypeptide(L)'
_entity_poly.pdbx_seq_one_letter_code
;MRRVAVLGAGPSGLTAARYLKQAGFEVMVFERYHHVGGTWNYTDETWMSEDGRPVYSSMYQNLFVNLPKELMAFPDFPFH
DIEGSYVPSKEVLKYFDNFTDAFDLRKLIKLQHHVENVRPCESGWLVTVTDLTTMVEHSFEFDAVVVCTGQTWCPLYPDV
EGRSFFRGRLTHAHEFRSPEPFRNKRVLIVGAGPSGHDMALHISYVSKEVFLSRKELKPVEGLFPDNVTEKPLLTSLSEY
TAHFSDGTSTDVDEILYCTGYRYRFPFLSPECGVTVDEKYVYPLYLHMLNINKPTMLFIGVSYNACYSIMFDLQAQWVTA
VLAGRCTLPDAETMRKEEAEYMEKQRAEAVHPHVLMNHQWEYFKKLEEMSGAKTMPPVYMKMFDDVASDLVKDLQNFRKN
NYMIIDNENYKKIYAAALEHHHHHH
;
_entity_poly.pdbx_strand_id   A,B,C,D
#
# COMPACT_ATOMS: atom_id res chain seq x y z
N MET A 1 -20.02 35.58 -24.34
CA MET A 1 -19.00 34.56 -24.59
C MET A 1 -18.51 34.60 -26.03
N ARG A 2 -17.44 35.33 -26.26
CA ARG A 2 -16.82 35.35 -27.56
C ARG A 2 -15.31 35.14 -27.59
N ARG A 3 -14.60 35.77 -26.66
CA ARG A 3 -13.13 35.74 -26.66
C ARG A 3 -12.59 34.65 -25.72
N VAL A 4 -11.90 33.67 -26.31
CA VAL A 4 -11.36 32.55 -25.54
C VAL A 4 -9.84 32.47 -25.65
N ALA A 5 -9.16 32.33 -24.50
CA ALA A 5 -7.72 32.15 -24.48
C ALA A 5 -7.41 30.65 -24.45
N VAL A 6 -6.47 30.21 -25.27
CA VAL A 6 -5.95 28.86 -25.18
C VAL A 6 -4.49 28.97 -24.69
N LEU A 7 -4.17 28.29 -23.61
CA LEU A 7 -2.82 28.36 -23.01
C LEU A 7 -2.04 27.13 -23.44
N GLY A 8 -1.13 27.31 -24.41
CA GLY A 8 -0.35 26.19 -24.94
C GLY A 8 -0.80 25.80 -26.34
N ALA A 9 0.17 25.55 -27.23
CA ALA A 9 -0.10 25.13 -28.59
C ALA A 9 0.57 23.78 -28.84
N GLY A 10 0.50 22.91 -27.84
CA GLY A 10 0.80 21.51 -28.06
C GLY A 10 -0.46 20.89 -28.62
N PRO A 11 -0.50 19.56 -28.71
CA PRO A 11 -1.68 18.82 -29.18
C PRO A 11 -3.02 19.26 -28.54
N SER A 12 -3.01 19.46 -27.22
CA SER A 12 -4.22 19.91 -26.53
C SER A 12 -4.68 21.25 -27.03
N GLY A 13 -3.77 22.21 -27.03
CA GLY A 13 -4.05 23.58 -27.41
C GLY A 13 -4.46 23.76 -28.86
N LEU A 14 -3.78 23.03 -29.71
CA LEU A 14 -4.09 23.04 -31.09
C LEU A 14 -5.51 22.47 -31.34
N THR A 15 -5.85 21.38 -30.69
CA THR A 15 -7.16 20.76 -30.89
C THR A 15 -8.29 21.69 -30.42
N ALA A 16 -8.04 22.34 -29.31
CA ALA A 16 -8.96 23.29 -28.77
C ALA A 16 -9.20 24.43 -29.71
N ALA A 17 -8.12 24.95 -30.28
CA ALA A 17 -8.23 26.05 -31.17
C ALA A 17 -9.05 25.67 -32.40
N ARG A 18 -8.89 24.46 -32.91
CA ARG A 18 -9.62 24.07 -34.09
C ARG A 18 -11.11 24.16 -33.82
N TYR A 19 -11.53 23.53 -32.74
CA TYR A 19 -12.94 23.46 -32.42
C TYR A 19 -13.57 24.75 -31.99
N LEU A 20 -12.84 25.50 -31.20
CA LEU A 20 -13.29 26.80 -30.80
C LEU A 20 -13.43 27.77 -31.97
N LYS A 21 -12.49 27.74 -32.90
CA LYS A 21 -12.55 28.57 -34.06
C LYS A 21 -13.76 28.20 -34.94
N GLN A 22 -13.95 26.91 -35.17
CA GLN A 22 -15.06 26.36 -35.96
C GLN A 22 -16.36 26.75 -35.32
N ALA A 23 -16.37 26.85 -34.01
CA ALA A 23 -17.59 27.22 -33.28
C ALA A 23 -17.83 28.73 -33.24
N GLY A 24 -16.96 29.51 -33.86
CA GLY A 24 -17.22 30.93 -34.03
C GLY A 24 -16.61 31.84 -32.97
N PHE A 25 -15.82 31.26 -32.07
CA PHE A 25 -15.14 32.05 -31.04
C PHE A 25 -13.97 32.83 -31.60
N GLU A 26 -13.64 33.94 -30.96
CA GLU A 26 -12.41 34.66 -31.24
C GLU A 26 -11.34 34.03 -30.38
N VAL A 27 -10.43 33.28 -30.96
CA VAL A 27 -9.47 32.51 -30.19
C VAL A 27 -8.09 33.14 -30.22
N MET A 28 -7.43 33.19 -29.07
CA MET A 28 -6.03 33.57 -29.03
C MET A 28 -5.26 32.47 -28.29
N VAL A 29 -4.23 31.94 -28.93
CA VAL A 29 -3.44 30.88 -28.35
C VAL A 29 -2.08 31.45 -27.94
N PHE A 30 -1.71 31.22 -26.69
CA PHE A 30 -0.40 31.64 -26.20
C PHE A 30 0.49 30.42 -26.12
N GLU A 31 1.68 30.53 -26.68
CA GLU A 31 2.65 29.43 -26.67
C GLU A 31 4.06 29.99 -26.43
N ARG A 32 4.75 29.49 -25.41
CA ARG A 32 6.07 30.04 -25.06
C ARG A 32 7.17 29.71 -26.06
N TYR A 33 7.02 28.58 -26.75
CA TYR A 33 8.03 28.15 -27.73
C TYR A 33 7.83 28.87 -29.07
N HIS A 34 8.80 28.70 -29.97
CA HIS A 34 8.79 29.37 -31.27
C HIS A 34 8.17 28.50 -32.35
N HIS A 35 7.65 27.35 -31.94
CA HIS A 35 7.10 26.38 -32.85
C HIS A 35 5.95 25.69 -32.11
N VAL A 36 4.87 25.34 -32.82
CA VAL A 36 3.74 24.64 -32.21
C VAL A 36 4.13 23.19 -32.01
N GLY A 37 3.28 22.42 -31.33
CA GLY A 37 3.49 20.98 -31.25
C GLY A 37 3.89 20.45 -29.90
N GLY A 38 4.10 21.34 -28.94
CA GLY A 38 4.35 20.94 -27.56
C GLY A 38 5.59 20.10 -27.35
N THR A 39 5.46 19.02 -26.60
CA THR A 39 6.63 18.23 -26.26
C THR A 39 7.19 17.47 -27.47
N TRP A 40 6.48 17.48 -28.60
CA TRP A 40 7.01 16.87 -29.82
C TRP A 40 8.17 17.68 -30.40
N ASN A 41 8.36 18.90 -29.90
CA ASN A 41 9.54 19.67 -30.24
C ASN A 41 10.75 19.17 -29.46
N TYR A 42 11.83 18.85 -30.17
CA TYR A 42 13.09 18.52 -29.49
C TYR A 42 13.95 19.76 -29.29
N THR A 43 14.54 19.86 -28.10
CA THR A 43 15.51 20.90 -27.86
C THR A 43 16.64 20.33 -27.01
N ASP A 44 17.85 20.80 -27.28
CA ASP A 44 18.99 20.41 -26.47
C ASP A 44 18.85 21.01 -25.09
N GLU A 45 18.06 22.08 -24.98
CA GLU A 45 17.90 22.75 -23.70
C GLU A 45 17.14 21.91 -22.69
N THR A 46 17.52 22.05 -21.42
CA THR A 46 16.78 21.40 -20.32
C THR A 46 16.57 22.39 -19.18
N TRP A 47 15.49 22.20 -18.43
CA TRP A 47 15.15 22.98 -17.23
C TRP A 47 14.77 24.44 -17.47
N MET A 48 15.75 25.24 -17.85
CA MET A 48 15.54 26.65 -18.11
C MET A 48 16.14 26.97 -19.44
N SER A 49 15.44 27.79 -20.21
CA SER A 49 15.93 28.19 -21.50
C SER A 49 16.77 29.46 -21.31
N GLU A 50 17.63 29.76 -22.28
CA GLU A 50 18.37 30.99 -22.26
C GLU A 50 17.46 32.14 -22.49
N ASP A 51 16.23 31.89 -22.98
CA ASP A 51 15.27 32.98 -23.08
C ASP A 51 14.69 33.43 -21.73
N GLY A 52 15.02 32.71 -20.66
CA GLY A 52 14.64 33.14 -19.31
C GLY A 52 13.41 32.48 -18.72
N ARG A 53 12.87 31.49 -19.42
CA ARG A 53 11.69 30.76 -18.94
C ARG A 53 11.93 29.27 -19.01
N PRO A 54 11.11 28.48 -18.30
CA PRO A 54 11.33 27.03 -18.32
C PRO A 54 11.30 26.36 -19.69
N VAL A 55 12.02 25.24 -19.76
CA VAL A 55 11.94 24.36 -20.90
C VAL A 55 10.87 23.34 -20.54
N TYR A 56 9.84 23.25 -21.37
CA TYR A 56 8.71 22.40 -21.06
C TYR A 56 8.77 21.06 -21.77
N SER A 57 9.66 20.95 -22.75
CA SER A 57 9.77 19.70 -23.50
C SER A 57 10.62 18.66 -22.78
N SER A 58 10.17 17.41 -22.78
CA SER A 58 10.93 16.32 -22.22
C SER A 58 11.32 15.35 -23.32
N MET A 59 11.21 15.82 -24.56
CA MET A 59 11.54 15.02 -25.73
C MET A 59 13.02 14.74 -25.74
N TYR A 60 13.38 13.53 -26.16
CA TYR A 60 14.79 13.19 -26.32
C TYR A 60 15.15 12.76 -27.75
N GLN A 61 16.45 12.63 -28.01
CA GLN A 61 16.92 12.30 -29.38
C GLN A 61 16.55 10.90 -29.74
N ASN A 62 16.24 10.69 -31.02
CA ASN A 62 15.98 9.37 -31.56
C ASN A 62 14.82 8.65 -30.91
N LEU A 63 13.78 9.39 -30.53
CA LEU A 63 12.59 8.77 -30.00
C LEU A 63 11.68 8.32 -31.12
N PHE A 64 11.07 7.16 -30.94
CA PHE A 64 10.03 6.70 -31.82
C PHE A 64 8.79 6.55 -30.97
N VAL A 65 7.63 6.72 -31.59
CA VAL A 65 6.35 6.65 -30.88
C VAL A 65 6.10 5.24 -30.35
N ASN A 66 5.30 5.14 -29.30
CA ASN A 66 5.03 3.87 -28.68
C ASN A 66 3.66 3.36 -29.03
N LEU A 67 3.06 4.00 -30.03
CA LEU A 67 1.74 3.67 -30.48
C LEU A 67 1.76 3.95 -31.96
N PRO A 68 1.10 3.10 -32.76
CA PRO A 68 1.12 3.27 -34.21
C PRO A 68 0.57 4.64 -34.66
N LYS A 69 1.16 5.22 -35.70
CA LYS A 69 0.74 6.54 -36.15
C LYS A 69 -0.75 6.54 -36.51
N GLU A 70 -1.25 5.38 -36.90
CA GLU A 70 -2.67 5.20 -37.22
C GLU A 70 -3.61 5.52 -36.04
N LEU A 71 -3.15 5.28 -34.81
CA LEU A 71 -3.95 5.60 -33.63
C LEU A 71 -3.60 6.96 -33.04
N MET A 72 -2.48 7.54 -33.47
CA MET A 72 -2.08 8.85 -32.97
C MET A 72 -2.69 9.98 -33.76
N ALA A 73 -3.20 9.66 -34.95
CA ALA A 73 -3.89 10.64 -35.77
C ALA A 73 -5.35 10.79 -35.34
N PHE A 74 -5.87 12.02 -35.43
CA PHE A 74 -7.30 12.24 -35.27
C PHE A 74 -8.02 11.48 -36.37
N PRO A 75 -9.20 10.93 -36.05
CA PRO A 75 -10.00 10.17 -37.01
C PRO A 75 -10.27 10.90 -38.32
N ASP A 76 -10.41 12.24 -38.28
CA ASP A 76 -10.72 12.95 -39.52
C ASP A 76 -9.53 13.74 -40.08
N PHE A 77 -8.33 13.43 -39.60
CA PHE A 77 -7.10 14.04 -40.12
C PHE A 77 -5.96 13.02 -40.08
N PRO A 78 -5.94 12.13 -41.08
CA PRO A 78 -4.97 11.03 -41.10
C PRO A 78 -3.54 11.52 -41.21
N PHE A 79 -2.62 10.67 -40.75
CA PHE A 79 -1.20 10.95 -40.81
C PHE A 79 -0.78 11.05 -42.25
N HIS A 80 0.26 11.81 -42.54
CA HIS A 80 0.78 11.79 -43.90
C HIS A 80 1.24 10.39 -44.26
N ASP A 81 1.15 10.05 -45.53
CA ASP A 81 1.56 8.72 -45.95
C ASP A 81 3.06 8.67 -45.86
N ILE A 82 3.55 7.87 -44.92
CA ILE A 82 4.96 7.67 -44.75
C ILE A 82 5.00 6.21 -44.36
N GLU A 83 6.01 5.50 -44.84
CA GLU A 83 6.13 4.09 -44.53
C GLU A 83 6.39 3.91 -43.04
N GLY A 84 5.67 2.96 -42.44
CA GLY A 84 5.86 2.57 -41.06
C GLY A 84 4.88 3.18 -40.09
N SER A 85 4.40 2.37 -39.16
CA SER A 85 3.43 2.81 -38.16
C SER A 85 4.12 3.49 -36.97
N TYR A 86 5.26 2.97 -36.56
CA TYR A 86 5.98 3.52 -35.42
C TYR A 86 7.04 4.52 -35.87
N VAL A 87 6.60 5.76 -36.08
CA VAL A 87 7.43 6.79 -36.69
C VAL A 87 8.36 7.49 -35.71
N PRO A 88 9.42 8.13 -36.23
CA PRO A 88 10.25 8.96 -35.37
C PRO A 88 9.46 10.19 -34.94
N SER A 89 9.87 10.80 -33.84
CA SER A 89 9.14 11.93 -33.25
C SER A 89 8.95 13.08 -34.22
N LYS A 90 9.91 13.30 -35.12
CA LYS A 90 9.82 14.44 -36.01
C LYS A 90 8.60 14.34 -36.92
N GLU A 91 8.14 13.13 -37.19
CA GLU A 91 6.94 12.96 -38.01
C GLU A 91 5.69 13.36 -37.25
N VAL A 92 5.72 13.20 -35.93
CA VAL A 92 4.57 13.60 -35.12
C VAL A 92 4.56 15.12 -35.02
N LEU A 93 5.74 15.71 -34.91
CA LEU A 93 5.84 17.17 -34.91
C LEU A 93 5.32 17.74 -36.24
N LYS A 94 5.74 17.12 -37.34
CA LYS A 94 5.24 17.48 -38.66
C LYS A 94 3.74 17.34 -38.74
N TYR A 95 3.20 16.26 -38.18
CA TYR A 95 1.77 16.07 -38.15
C TYR A 95 1.01 17.25 -37.51
N PHE A 96 1.52 17.76 -36.39
CA PHE A 96 0.86 18.87 -35.71
C PHE A 96 1.08 20.23 -36.38
N ASP A 97 2.21 20.38 -37.08
CA ASP A 97 2.42 21.57 -37.89
C ASP A 97 1.43 21.58 -39.07
N ASN A 98 1.22 20.46 -39.73
CA ASN A 98 0.24 20.35 -40.79
C ASN A 98 -1.18 20.58 -40.32
N PHE A 99 -1.48 20.02 -39.19
CA PHE A 99 -2.77 20.14 -38.58
C PHE A 99 -3.04 21.58 -38.31
N THR A 100 -2.06 22.28 -37.79
CA THR A 100 -2.19 23.67 -37.52
C THR A 100 -2.47 24.43 -38.80
N ASP A 101 -1.75 24.14 -39.86
CA ASP A 101 -1.95 24.80 -41.12
C ASP A 101 -3.27 24.42 -41.81
N ALA A 102 -3.65 23.16 -41.69
CA ALA A 102 -4.86 22.65 -42.32
C ALA A 102 -6.09 23.41 -41.84
N PHE A 103 -6.14 23.73 -40.56
CA PHE A 103 -7.27 24.39 -40.00
C PHE A 103 -7.11 25.86 -39.79
N ASP A 104 -6.08 26.41 -40.40
CA ASP A 104 -5.89 27.82 -40.37
C ASP A 104 -5.78 28.38 -38.94
N LEU A 105 -5.10 27.62 -38.09
CA LEU A 105 -4.80 27.99 -36.72
C LEU A 105 -3.65 28.93 -36.49
N ARG A 106 -2.74 28.98 -37.42
CA ARG A 106 -1.48 29.66 -37.21
C ARG A 106 -1.63 31.13 -36.87
N LYS A 107 -2.57 31.78 -37.52
CA LYS A 107 -2.86 33.15 -37.31
C LYS A 107 -3.36 33.45 -35.92
N LEU A 108 -3.85 32.46 -35.21
CA LEU A 108 -4.39 32.60 -33.85
C LEU A 108 -3.34 32.51 -32.74
N ILE A 109 -2.14 32.04 -33.11
CA ILE A 109 -1.08 31.72 -32.15
C ILE A 109 0.00 32.77 -31.99
N LYS A 110 0.17 33.22 -30.76
CA LYS A 110 1.19 34.13 -30.36
C LYS A 110 2.38 33.33 -29.82
N LEU A 111 3.31 33.06 -30.70
CA LEU A 111 4.45 32.25 -30.32
C LEU A 111 5.43 33.03 -29.44
N GLN A 112 6.25 32.30 -28.69
CA GLN A 112 7.13 32.92 -27.71
C GLN A 112 6.44 33.88 -26.75
N HIS A 113 5.20 33.55 -26.38
CA HIS A 113 4.49 34.27 -25.33
C HIS A 113 4.32 33.35 -24.15
N HIS A 114 4.96 33.70 -23.03
CA HIS A 114 4.93 32.88 -21.84
C HIS A 114 3.89 33.43 -20.88
N VAL A 115 2.90 32.60 -20.59
CA VAL A 115 1.81 32.97 -19.70
C VAL A 115 2.35 33.04 -18.28
N GLU A 116 2.20 34.19 -17.64
CA GLU A 116 2.75 34.40 -16.30
C GLU A 116 1.69 34.34 -15.22
N ASN A 117 0.52 34.87 -15.53
CA ASN A 117 -0.56 34.93 -14.55
C ASN A 117 -1.93 34.90 -15.20
N VAL A 118 -2.84 34.18 -14.56
CA VAL A 118 -4.25 34.12 -14.95
C VAL A 118 -5.08 34.35 -13.69
N ARG A 119 -6.02 35.27 -13.77
CA ARG A 119 -6.90 35.57 -12.64
C ARG A 119 -8.29 35.99 -13.14
N PRO A 120 -9.32 35.68 -12.36
CA PRO A 120 -10.68 36.07 -12.73
C PRO A 120 -10.81 37.58 -12.69
N CYS A 121 -11.60 38.12 -13.60
CA CYS A 121 -11.84 39.54 -13.70
C CYS A 121 -13.28 39.66 -14.14
N GLU A 122 -14.03 40.53 -13.45
CA GLU A 122 -15.49 40.54 -13.52
C GLU A 122 -15.99 39.08 -13.54
N SER A 123 -16.61 38.67 -14.64
CA SER A 123 -17.02 37.32 -14.94
C SER A 123 -16.02 36.63 -15.89
N GLY A 124 -15.07 37.39 -16.44
CA GLY A 124 -14.10 36.83 -17.36
C GLY A 124 -12.72 36.60 -16.76
N TRP A 125 -11.66 36.81 -17.54
CA TRP A 125 -10.33 36.46 -17.11
C TRP A 125 -9.30 37.47 -17.57
N LEU A 126 -8.29 37.73 -16.74
CA LEU A 126 -7.19 38.56 -17.19
C LEU A 126 -5.93 37.71 -17.30
N VAL A 127 -5.36 37.66 -18.50
CA VAL A 127 -4.23 36.80 -18.76
C VAL A 127 -3.02 37.67 -19.01
N THR A 128 -1.99 37.47 -18.21
CA THR A 128 -0.77 38.25 -18.33
C THR A 128 0.34 37.39 -18.90
N VAL A 129 0.98 37.89 -19.96
CA VAL A 129 1.98 37.12 -20.67
C VAL A 129 3.21 37.96 -20.99
N THR A 130 4.35 37.32 -21.14
CA THR A 130 5.54 38.04 -21.57
C THR A 130 5.88 37.63 -23.01
N ASP A 131 6.03 38.62 -23.89
CA ASP A 131 6.54 38.39 -25.24
C ASP A 131 8.03 38.25 -25.10
N LEU A 132 8.54 37.02 -25.21
CA LEU A 132 9.95 36.78 -24.92
C LEU A 132 10.88 37.39 -25.97
N THR A 133 10.34 37.82 -27.12
CA THR A 133 11.18 38.45 -28.13
C THR A 133 11.48 39.92 -27.80
N THR A 134 10.70 40.51 -26.89
CA THR A 134 10.90 41.91 -26.52
C THR A 134 11.02 42.06 -25.02
N MET A 135 10.67 40.98 -24.31
CA MET A 135 10.56 40.98 -22.86
C MET A 135 9.52 41.95 -22.31
N VAL A 136 8.60 42.38 -23.17
CA VAL A 136 7.50 43.23 -22.76
C VAL A 136 6.36 42.38 -22.22
N GLU A 137 5.78 42.81 -21.11
CA GLU A 137 4.63 42.15 -20.50
C GLU A 137 3.35 42.69 -21.12
N HIS A 138 2.42 41.79 -21.45
CA HIS A 138 1.15 42.18 -22.06
C HIS A 138 0.01 41.59 -21.24
N SER A 139 -1.09 42.32 -21.10
CA SER A 139 -2.27 41.75 -20.45
C SER A 139 -3.41 41.65 -21.45
N PHE A 140 -4.18 40.57 -21.38
CA PHE A 140 -5.28 40.40 -22.32
C PHE A 140 -6.52 39.97 -21.56
N GLU A 141 -7.68 40.42 -22.01
CA GLU A 141 -8.92 40.09 -21.31
C GLU A 141 -9.70 39.10 -22.14
N PHE A 142 -10.31 38.11 -21.49
CA PHE A 142 -11.01 37.03 -22.16
C PHE A 142 -12.26 36.65 -21.38
N ASP A 143 -13.22 36.05 -22.07
CA ASP A 143 -14.43 35.55 -21.44
C ASP A 143 -14.24 34.15 -20.90
N ALA A 144 -13.26 33.43 -21.45
CA ALA A 144 -13.00 32.05 -21.03
C ALA A 144 -11.55 31.70 -21.27
N VAL A 145 -11.06 30.72 -20.51
CA VAL A 145 -9.67 30.30 -20.69
C VAL A 145 -9.59 28.78 -20.68
N VAL A 146 -8.88 28.24 -21.66
CA VAL A 146 -8.68 26.81 -21.75
C VAL A 146 -7.20 26.51 -21.50
N VAL A 147 -6.95 25.79 -20.42
CA VAL A 147 -5.57 25.53 -19.98
C VAL A 147 -5.02 24.25 -20.63
N CYS A 148 -3.99 24.39 -21.46
CA CYS A 148 -3.46 23.25 -22.20
C CYS A 148 -1.93 23.22 -22.12
N THR A 149 -1.41 23.43 -20.92
CA THR A 149 0.05 23.63 -20.75
C THR A 149 0.83 22.37 -20.42
N GLY A 150 0.14 21.24 -20.34
CA GLY A 150 0.75 19.93 -20.17
C GLY A 150 1.17 19.55 -18.76
N GLN A 151 1.58 18.30 -18.60
CA GLN A 151 2.04 17.85 -17.30
C GLN A 151 3.17 16.85 -17.44
N THR A 152 4.05 17.09 -18.41
CA THR A 152 5.26 16.28 -18.47
C THR A 152 6.52 17.13 -18.38
N TRP A 153 6.51 18.14 -17.51
CA TRP A 153 7.69 19.01 -17.36
C TRP A 153 8.17 19.23 -15.93
N CYS A 154 7.25 19.19 -14.95
CA CYS A 154 7.63 19.34 -13.54
C CYS A 154 7.85 17.99 -12.91
N PRO A 155 9.11 17.63 -12.65
CA PRO A 155 9.40 16.25 -12.29
C PRO A 155 8.90 15.88 -10.89
N LEU A 156 8.58 14.60 -10.73
CA LEU A 156 8.26 14.04 -9.43
C LEU A 156 9.33 13.04 -9.07
N TYR A 157 9.87 13.20 -7.86
CA TYR A 157 10.85 12.26 -7.32
C TYR A 157 10.26 11.65 -6.07
N PRO A 158 10.05 10.33 -6.05
CA PRO A 158 9.46 9.69 -4.87
C PRO A 158 10.51 9.69 -3.78
N ASP A 159 10.07 9.88 -2.54
CA ASP A 159 11.01 9.89 -1.42
C ASP A 159 11.55 8.48 -1.21
N VAL A 160 12.82 8.39 -0.88
CA VAL A 160 13.40 7.09 -0.61
C VAL A 160 14.40 7.23 0.53
N GLU A 161 14.37 6.28 1.47
CA GLU A 161 15.26 6.31 2.62
C GLU A 161 16.72 6.48 2.21
N GLY A 162 17.36 7.52 2.73
CA GLY A 162 18.78 7.69 2.54
C GLY A 162 19.13 8.41 1.24
N ARG A 163 18.11 8.84 0.50
CA ARG A 163 18.36 9.49 -0.78
C ARG A 163 19.38 10.63 -0.65
N SER A 164 19.30 11.38 0.43
CA SER A 164 20.22 12.50 0.61
C SER A 164 21.67 12.05 0.90
N PHE A 165 21.88 10.78 1.10
CA PHE A 165 23.23 10.26 1.31
C PHE A 165 23.89 9.93 -0.02
N PHE A 166 23.10 9.74 -1.07
CA PHE A 166 23.61 9.27 -2.32
C PHE A 166 24.51 10.31 -2.92
N ARG A 167 25.63 9.86 -3.44
CA ARG A 167 26.67 10.73 -4.02
C ARG A 167 26.91 10.54 -5.53
N GLY A 168 26.20 9.61 -6.12
CA GLY A 168 26.28 9.46 -7.55
C GLY A 168 25.49 10.57 -8.23
N ARG A 169 25.41 10.51 -9.55
CA ARG A 169 24.66 11.48 -10.33
C ARG A 169 23.20 11.09 -10.31
N LEU A 170 22.34 12.05 -10.00
CA LEU A 170 20.92 11.77 -9.96
C LEU A 170 20.20 12.67 -10.96
N THR A 171 19.48 12.07 -11.92
CA THR A 171 18.74 12.89 -12.89
C THR A 171 17.33 12.39 -13.08
N HIS A 172 16.50 13.21 -13.70
CA HIS A 172 15.13 12.81 -13.99
C HIS A 172 14.94 12.64 -15.47
N ALA A 173 13.94 11.85 -15.82
CA ALA A 173 13.53 11.66 -17.21
C ALA A 173 13.34 12.98 -17.98
N HIS A 174 12.89 14.03 -17.30
CA HIS A 174 12.68 15.33 -17.96
C HIS A 174 13.89 15.80 -18.72
N GLU A 175 15.08 15.63 -18.12
CA GLU A 175 16.29 16.18 -18.66
C GLU A 175 17.06 15.18 -19.54
N PHE A 176 16.53 13.98 -19.68
CA PHE A 176 17.15 13.03 -20.59
C PHE A 176 17.06 13.55 -22.03
N ARG A 177 18.22 13.62 -22.68
CA ARG A 177 18.28 14.11 -24.06
C ARG A 177 19.00 13.10 -24.95
N SER A 178 20.02 12.48 -24.39
CA SER A 178 20.74 11.44 -25.10
C SER A 178 21.35 10.52 -24.07
N PRO A 179 21.62 9.26 -24.47
CA PRO A 179 22.19 8.30 -23.53
C PRO A 179 23.66 8.54 -23.23
N GLU A 180 24.27 9.50 -23.93
CA GLU A 180 25.71 9.68 -23.82
C GLU A 180 26.28 9.92 -22.40
N PRO A 181 25.58 10.68 -21.53
CA PRO A 181 26.20 10.81 -20.21
C PRO A 181 26.23 9.50 -19.43
N PHE A 182 25.46 8.51 -19.86
CA PHE A 182 25.38 7.22 -19.18
C PHE A 182 26.37 6.19 -19.74
N ARG A 183 27.21 6.60 -20.69
CA ARG A 183 28.12 5.65 -21.34
C ARG A 183 29.08 5.07 -20.31
N ASN A 184 29.18 3.74 -20.31
CA ASN A 184 30.03 2.99 -19.39
C ASN A 184 29.69 3.17 -17.91
N LYS A 185 28.46 3.56 -17.63
CA LYS A 185 28.04 3.76 -16.25
C LYS A 185 27.19 2.61 -15.76
N ARG A 186 27.17 2.43 -14.45
CA ARG A 186 26.22 1.53 -13.81
C ARG A 186 25.03 2.37 -13.46
N VAL A 187 23.90 2.08 -14.08
CA VAL A 187 22.77 2.97 -14.01
C VAL A 187 21.54 2.34 -13.38
N LEU A 188 20.97 3.00 -12.39
CA LEU A 188 19.70 2.56 -11.86
C LEU A 188 18.61 3.44 -12.42
N ILE A 189 17.62 2.82 -13.04
CA ILE A 189 16.43 3.53 -13.49
C ILE A 189 15.30 3.21 -12.53
N VAL A 190 14.71 4.23 -11.94
CA VAL A 190 13.61 4.04 -11.03
C VAL A 190 12.35 4.31 -11.85
N GLY A 191 11.48 3.31 -11.96
CA GLY A 191 10.41 3.38 -12.94
C GLY A 191 9.07 3.01 -12.38
N ALA A 192 8.03 3.21 -13.20
CA ALA A 192 6.67 2.92 -12.79
C ALA A 192 5.94 2.41 -14.00
N GLY A 193 5.47 1.17 -13.93
CA GLY A 193 4.88 0.53 -15.09
C GLY A 193 5.90 0.57 -16.21
N PRO A 194 5.49 1.15 -17.36
CA PRO A 194 6.27 1.23 -18.60
C PRO A 194 7.15 2.47 -18.69
N SER A 195 7.17 3.30 -17.64
CA SER A 195 7.82 4.62 -17.70
C SER A 195 9.33 4.54 -18.01
N GLY A 196 9.98 3.45 -17.61
CA GLY A 196 11.42 3.35 -17.78
C GLY A 196 11.85 2.36 -18.85
N HIS A 197 10.89 1.77 -19.56
CA HIS A 197 11.20 0.78 -20.58
C HIS A 197 12.03 1.36 -21.71
N ASP A 198 11.55 2.42 -22.33
CA ASP A 198 12.25 2.98 -23.47
C ASP A 198 13.60 3.56 -23.08
N MET A 199 13.67 4.24 -21.95
CA MET A 199 14.94 4.84 -21.53
C MET A 199 15.96 3.77 -21.18
N ALA A 200 15.49 2.67 -20.59
CA ALA A 200 16.35 1.53 -20.30
C ALA A 200 16.97 0.98 -21.57
N LEU A 201 16.14 0.83 -22.59
CA LEU A 201 16.60 0.32 -23.86
C LEU A 201 17.64 1.25 -24.47
N HIS A 202 17.32 2.55 -24.52
CA HIS A 202 18.26 3.53 -25.08
C HIS A 202 19.58 3.49 -24.34
N ILE A 203 19.51 3.43 -23.02
CA ILE A 203 20.73 3.45 -22.21
C ILE A 203 21.48 2.13 -22.30
N SER A 204 20.77 1.03 -22.53
CA SER A 204 21.41 -0.28 -22.60
C SER A 204 22.51 -0.32 -23.66
N TYR A 205 22.34 0.47 -24.73
CA TYR A 205 23.33 0.51 -25.82
C TYR A 205 24.66 1.17 -25.47
N VAL A 206 24.70 1.97 -24.41
CA VAL A 206 25.98 2.62 -24.09
C VAL A 206 26.51 2.30 -22.71
N SER A 207 25.68 1.74 -21.84
CA SER A 207 26.08 1.67 -20.44
C SER A 207 26.64 0.31 -20.10
N LYS A 208 27.40 0.26 -19.00
CA LYS A 208 27.97 -0.99 -18.53
C LYS A 208 26.81 -1.92 -18.15
N GLU A 209 26.02 -1.47 -17.19
CA GLU A 209 24.92 -2.29 -16.70
C GLU A 209 23.77 -1.37 -16.34
N VAL A 210 22.56 -1.78 -16.69
CA VAL A 210 21.37 -1.01 -16.35
C VAL A 210 20.53 -1.80 -15.36
N PHE A 211 20.05 -1.13 -14.33
CA PHE A 211 19.15 -1.77 -13.39
C PHE A 211 17.82 -1.05 -13.47
N LEU A 212 16.77 -1.81 -13.76
CA LEU A 212 15.44 -1.23 -13.86
C LEU A 212 14.66 -1.67 -12.64
N SER A 213 14.40 -0.71 -11.77
CA SER A 213 13.75 -0.99 -10.49
C SER A 213 12.31 -0.53 -10.52
N ARG A 214 11.39 -1.46 -10.30
CA ARG A 214 9.97 -1.15 -10.23
C ARG A 214 9.37 -2.02 -9.15
N LYS A 215 8.30 -1.55 -8.50
CA LYS A 215 7.65 -2.37 -7.49
C LYS A 215 7.29 -3.76 -7.98
N LEU A 223 12.17 -9.72 -22.30
CA LEU A 223 11.72 -8.38 -22.53
C LEU A 223 12.86 -7.40 -22.81
N PHE A 224 13.95 -7.44 -22.05
CA PHE A 224 15.00 -6.45 -22.21
C PHE A 224 16.28 -7.02 -22.71
N PRO A 225 17.15 -6.20 -23.22
CA PRO A 225 18.49 -6.66 -23.59
C PRO A 225 19.21 -7.26 -22.37
N ASP A 226 20.28 -8.00 -22.61
CA ASP A 226 20.92 -8.79 -21.56
C ASP A 226 21.55 -7.96 -20.46
N ASN A 227 21.98 -6.74 -20.78
CA ASN A 227 22.67 -5.94 -19.78
C ASN A 227 21.71 -5.01 -19.03
N VAL A 228 20.41 -5.27 -19.19
CA VAL A 228 19.39 -4.64 -18.36
C VAL A 228 18.88 -5.66 -17.35
N THR A 229 19.10 -5.39 -16.07
CA THR A 229 18.70 -6.32 -15.03
C THR A 229 17.55 -5.73 -14.24
N GLU A 230 16.45 -6.48 -14.16
CA GLU A 230 15.28 -6.03 -13.43
C GLU A 230 15.48 -6.22 -11.94
N LYS A 231 15.02 -5.23 -11.18
CA LYS A 231 15.13 -5.22 -9.74
C LYS A 231 13.78 -4.86 -9.19
N PRO A 232 13.49 -5.27 -7.94
CA PRO A 232 12.22 -4.90 -7.32
C PRO A 232 12.29 -3.46 -6.82
N LEU A 233 11.38 -3.10 -5.91
CA LEU A 233 11.32 -1.73 -5.40
C LEU A 233 12.63 -1.26 -4.78
N LEU A 234 13.02 -0.01 -5.06
CA LEU A 234 14.17 0.59 -4.40
C LEU A 234 13.76 1.01 -2.98
N THR A 235 14.48 0.51 -1.98
CA THR A 235 14.11 0.76 -0.58
C THR A 235 14.99 1.71 0.23
N SER A 236 16.28 1.73 -0.05
CA SER A 236 17.15 2.77 0.47
C SER A 236 18.31 3.08 -0.44
N LEU A 237 18.88 4.24 -0.24
CA LEU A 237 20.10 4.65 -0.88
C LEU A 237 21.21 4.91 0.17
N SER A 238 22.43 4.60 -0.19
CA SER A 238 23.59 5.08 0.52
C SER A 238 24.49 5.81 -0.46
N GLU A 239 25.74 5.97 -0.06
CA GLU A 239 26.59 6.88 -0.73
C GLU A 239 26.69 6.49 -2.16
N TYR A 240 26.89 5.23 -2.44
CA TYR A 240 27.03 4.79 -3.81
C TYR A 240 26.30 3.51 -4.15
N THR A 241 25.35 3.14 -3.34
CA THR A 241 24.74 1.85 -3.41
C THR A 241 23.23 1.96 -3.30
N ALA A 242 22.57 1.06 -4.01
CA ALA A 242 21.12 1.00 -4.00
C ALA A 242 20.75 -0.27 -3.33
N HIS A 243 19.79 -0.21 -2.43
CA HIS A 243 19.25 -1.35 -1.75
C HIS A 243 17.77 -1.58 -2.07
N PHE A 244 17.43 -2.82 -2.34
CA PHE A 244 16.14 -3.16 -2.88
C PHE A 244 15.31 -3.99 -1.91
N SER A 245 14.04 -4.14 -2.20
CA SER A 245 13.07 -4.78 -1.32
C SER A 245 13.35 -6.26 -1.08
N ASP A 246 14.12 -6.88 -1.99
CA ASP A 246 14.51 -8.27 -1.83
C ASP A 246 15.76 -8.47 -0.96
N GLY A 247 16.25 -7.39 -0.34
CA GLY A 247 17.43 -7.47 0.49
C GLY A 247 18.74 -7.38 -0.27
N THR A 248 18.64 -7.24 -1.58
CA THR A 248 19.82 -7.06 -2.40
C THR A 248 20.29 -5.60 -2.48
N SER A 249 21.49 -5.44 -2.96
CA SER A 249 22.06 -4.15 -3.09
C SER A 249 23.01 -4.13 -4.26
N THR A 250 23.16 -3.01 -4.90
CA THR A 250 24.09 -2.89 -6.01
C THR A 250 24.69 -1.50 -6.04
N ASP A 251 25.94 -1.41 -6.45
CA ASP A 251 26.58 -0.15 -6.58
C ASP A 251 26.17 0.49 -7.88
N VAL A 252 25.89 1.76 -7.84
CA VAL A 252 25.55 2.48 -9.06
C VAL A 252 26.16 3.86 -9.14
N ASP A 253 26.53 4.29 -10.32
CA ASP A 253 27.11 5.60 -10.56
C ASP A 253 26.04 6.65 -10.83
N GLU A 254 24.91 6.21 -11.40
CA GLU A 254 23.85 7.07 -11.90
C GLU A 254 22.51 6.54 -11.45
N ILE A 255 21.63 7.45 -11.06
CA ILE A 255 20.23 7.10 -10.86
C ILE A 255 19.40 7.99 -11.76
N LEU A 256 18.53 7.36 -12.53
CA LEU A 256 17.61 8.03 -13.44
C LEU A 256 16.19 7.73 -13.01
N TYR A 257 15.47 8.78 -12.62
CA TYR A 257 14.10 8.64 -12.14
C TYR A 257 13.15 8.74 -13.31
N CYS A 258 12.55 7.62 -13.68
CA CYS A 258 11.46 7.62 -14.64
C CYS A 258 10.17 7.50 -13.84
N THR A 259 9.98 8.47 -12.95
CA THR A 259 8.93 8.37 -11.94
C THR A 259 7.82 9.36 -12.22
N GLY A 260 7.80 9.87 -13.44
CA GLY A 260 6.72 10.71 -13.91
C GLY A 260 6.81 12.13 -13.40
N TYR A 261 5.66 12.81 -13.43
CA TYR A 261 5.66 14.24 -13.23
C TYR A 261 4.59 14.61 -12.23
N ARG A 262 4.54 15.88 -11.88
CA ARG A 262 3.47 16.38 -11.04
C ARG A 262 2.83 17.49 -11.80
N TYR A 263 1.57 17.73 -11.52
CA TYR A 263 0.87 18.86 -12.09
C TYR A 263 1.47 20.15 -11.59
N ARG A 264 1.63 21.11 -12.48
CA ARG A 264 2.19 22.39 -12.10
C ARG A 264 1.68 23.46 -13.03
N PHE A 265 0.96 24.43 -12.47
CA PHE A 265 0.40 25.52 -13.27
C PHE A 265 0.67 26.83 -12.59
N PRO A 266 1.91 27.34 -12.72
CA PRO A 266 2.42 28.46 -11.92
C PRO A 266 1.64 29.73 -12.14
N PHE A 267 1.03 29.85 -13.30
CA PHE A 267 0.29 31.06 -13.66
C PHE A 267 -1.08 31.19 -13.01
N LEU A 268 -1.57 30.12 -12.40
CA LEU A 268 -2.90 30.14 -11.79
C LEU A 268 -2.87 30.85 -10.45
N SER A 269 -3.50 32.02 -10.38
CA SER A 269 -3.65 32.73 -9.12
C SER A 269 -4.58 31.93 -8.24
N PRO A 270 -4.44 32.07 -6.90
CA PRO A 270 -5.33 31.32 -6.01
C PRO A 270 -6.80 31.61 -6.28
N GLU A 271 -7.08 32.84 -6.71
CA GLU A 271 -8.46 33.22 -7.01
C GLU A 271 -9.10 32.42 -8.15
N CYS A 272 -8.28 31.72 -8.94
CA CYS A 272 -8.84 30.89 -10.01
C CYS A 272 -9.66 29.75 -9.43
N GLY A 273 -9.37 29.39 -8.18
CA GLY A 273 -10.20 28.42 -7.48
C GLY A 273 -9.78 26.99 -7.73
N VAL A 274 -8.61 26.81 -8.33
CA VAL A 274 -8.07 25.48 -8.63
C VAL A 274 -7.01 25.13 -7.61
N THR A 275 -7.06 23.93 -7.04
CA THR A 275 -5.98 23.47 -6.18
C THR A 275 -5.17 22.44 -6.94
N VAL A 276 -3.86 22.65 -7.01
CA VAL A 276 -3.04 21.74 -7.77
C VAL A 276 -2.12 20.99 -6.82
N ASP A 277 -2.39 19.70 -6.64
CA ASP A 277 -1.51 18.83 -5.85
C ASP A 277 -0.70 18.01 -6.83
N GLU A 278 0.21 17.18 -6.33
CA GLU A 278 1.13 16.45 -7.17
C GLU A 278 0.47 15.58 -8.22
N LYS A 279 -0.58 14.86 -7.83
CA LYS A 279 -1.22 13.95 -8.77
C LYS A 279 -2.71 14.27 -8.94
N TYR A 280 -3.12 15.44 -8.46
CA TYR A 280 -4.55 15.74 -8.35
C TYR A 280 -4.82 17.21 -8.55
N VAL A 281 -5.68 17.52 -9.51
CA VAL A 281 -6.10 18.90 -9.77
C VAL A 281 -7.58 18.98 -9.50
N TYR A 282 -7.99 19.98 -8.71
CA TYR A 282 -9.37 20.02 -8.28
C TYR A 282 -9.91 21.42 -7.97
N PRO A 283 -11.24 21.62 -8.10
CA PRO A 283 -12.24 20.61 -8.46
C PRO A 283 -12.58 20.64 -9.93
N LEU A 284 -12.31 19.54 -10.64
CA LEU A 284 -12.62 19.51 -12.06
C LEU A 284 -13.78 18.54 -12.35
N TYR A 285 -14.67 18.95 -13.25
CA TYR A 285 -15.70 18.03 -13.72
C TYR A 285 -15.19 17.36 -14.98
N LEU A 286 -15.17 16.02 -14.98
CA LEU A 286 -14.71 15.21 -16.10
C LEU A 286 -13.30 15.56 -16.54
N HIS A 287 -12.46 15.92 -15.56
CA HIS A 287 -11.05 16.31 -15.78
C HIS A 287 -10.89 17.60 -16.58
N MET A 288 -11.96 18.35 -16.76
CA MET A 288 -11.91 19.51 -17.65
C MET A 288 -12.42 20.83 -17.06
N LEU A 289 -13.62 20.80 -16.50
CA LEU A 289 -14.29 22.05 -16.12
C LEU A 289 -13.92 22.47 -14.71
N ASN A 290 -13.44 23.70 -14.56
CA ASN A 290 -13.19 24.26 -13.23
C ASN A 290 -14.52 24.52 -12.56
N ILE A 291 -14.91 23.64 -11.65
CA ILE A 291 -16.22 23.74 -10.98
C ILE A 291 -16.42 25.11 -10.29
N ASN A 292 -15.37 25.62 -9.67
CA ASN A 292 -15.44 26.92 -9.01
C ASN A 292 -15.56 28.11 -9.95
N LYS A 293 -14.91 28.03 -11.11
CA LYS A 293 -14.94 29.11 -12.10
C LYS A 293 -15.13 28.50 -13.48
N PRO A 294 -16.40 28.24 -13.84
CA PRO A 294 -16.71 27.38 -14.98
C PRO A 294 -16.43 27.93 -16.39
N THR A 295 -15.84 29.12 -16.53
CA THR A 295 -15.33 29.53 -17.83
C THR A 295 -13.84 29.28 -17.96
N MET A 296 -13.26 28.62 -16.96
CA MET A 296 -11.92 28.07 -17.11
C MET A 296 -12.03 26.57 -17.25
N LEU A 297 -11.36 26.01 -18.26
CA LEU A 297 -11.36 24.57 -18.47
C LEU A 297 -9.95 24.09 -18.78
N PHE A 298 -9.72 22.80 -18.60
CA PHE A 298 -8.42 22.20 -18.88
C PHE A 298 -8.57 21.15 -19.94
N ILE A 299 -7.59 21.06 -20.84
CA ILE A 299 -7.48 19.90 -21.70
C ILE A 299 -6.15 19.23 -21.46
N GLY A 300 -6.16 17.90 -21.34
CA GLY A 300 -4.90 17.17 -21.18
C GLY A 300 -4.46 17.00 -19.75
N VAL A 301 -5.36 17.19 -18.79
CA VAL A 301 -5.09 16.87 -17.39
C VAL A 301 -5.24 15.37 -17.18
N SER A 302 -6.26 14.78 -17.80
CA SER A 302 -6.39 13.33 -17.75
C SER A 302 -5.27 12.69 -18.58
N TYR A 303 -4.90 11.45 -18.27
CA TYR A 303 -3.85 10.78 -19.05
C TYR A 303 -3.98 9.26 -18.99
N ASN A 304 -3.05 8.56 -19.64
CA ASN A 304 -3.15 7.11 -19.86
C ASN A 304 -4.39 6.74 -20.65
N ALA A 305 -4.39 7.07 -21.92
CA ALA A 305 -5.56 6.84 -22.77
C ALA A 305 -5.09 6.90 -24.19
N CYS A 306 -6.02 6.68 -25.12
CA CYS A 306 -5.74 6.95 -26.51
C CYS A 306 -5.78 8.46 -26.70
N TYR A 307 -4.62 9.10 -26.74
CA TYR A 307 -4.58 10.57 -26.66
C TYR A 307 -5.26 11.31 -27.81
N SER A 308 -5.13 10.79 -29.03
CA SER A 308 -5.81 11.41 -30.17
C SER A 308 -7.28 11.62 -29.88
N ILE A 309 -7.95 10.55 -29.45
CA ILE A 309 -9.37 10.65 -29.17
C ILE A 309 -9.62 11.54 -27.95
N MET A 310 -8.76 11.43 -26.95
CA MET A 310 -8.94 12.21 -25.75
C MET A 310 -8.88 13.71 -26.05
N PHE A 311 -7.88 14.14 -26.82
CA PHE A 311 -7.73 15.55 -27.17
C PHE A 311 -8.91 15.98 -28.01
N ASP A 312 -9.21 15.19 -29.01
CA ASP A 312 -10.30 15.48 -29.93
C ASP A 312 -11.59 15.69 -29.13
N LEU A 313 -11.96 14.73 -28.28
CA LEU A 313 -13.19 14.85 -27.51
C LEU A 313 -13.23 15.92 -26.43
N GLN A 314 -12.14 16.10 -25.67
CA GLN A 314 -12.13 17.12 -24.65
C GLN A 314 -12.28 18.52 -25.29
N ALA A 315 -11.62 18.75 -26.42
CA ALA A 315 -11.74 20.01 -27.15
C ALA A 315 -13.18 20.25 -27.61
N GLN A 316 -13.82 19.21 -28.11
CA GLN A 316 -15.20 19.36 -28.56
C GLN A 316 -16.14 19.58 -27.37
N TRP A 317 -15.83 18.95 -26.23
CA TRP A 317 -16.65 19.11 -25.02
C TRP A 317 -16.51 20.50 -24.41
N VAL A 318 -15.26 20.96 -24.29
CA VAL A 318 -15.00 22.32 -23.82
C VAL A 318 -15.71 23.34 -24.69
N THR A 319 -15.57 23.16 -26.00
CA THR A 319 -16.25 24.02 -26.95
C THR A 319 -17.76 24.04 -26.78
N ALA A 320 -18.35 22.86 -26.61
CA ALA A 320 -19.81 22.76 -26.43
C ALA A 320 -20.25 23.45 -25.15
N VAL A 321 -19.47 23.29 -24.08
CA VAL A 321 -19.80 23.94 -22.81
C VAL A 321 -19.76 25.46 -22.97
N LEU A 322 -18.67 25.98 -23.56
CA LEU A 322 -18.54 27.42 -23.72
C LEU A 322 -19.59 28.01 -24.68
N ALA A 323 -20.01 27.23 -25.66
CA ALA A 323 -21.00 27.71 -26.63
C ALA A 323 -22.41 27.56 -26.08
N GLY A 324 -22.52 26.95 -24.90
CA GLY A 324 -23.83 26.72 -24.31
C GLY A 324 -24.61 25.58 -24.93
N ARG A 325 -23.93 24.67 -25.63
CA ARG A 325 -24.64 23.61 -26.33
C ARG A 325 -24.70 22.40 -25.43
N CYS A 326 -23.87 22.42 -24.41
CA CYS A 326 -23.85 21.37 -23.43
C CYS A 326 -24.30 22.05 -22.15
N THR A 327 -25.38 21.55 -21.57
CA THR A 327 -25.89 22.10 -20.32
C THR A 327 -25.40 21.19 -19.20
N LEU A 328 -24.64 21.76 -18.26
CA LEU A 328 -24.01 20.96 -17.21
C LEU A 328 -24.91 20.84 -15.99
N PRO A 329 -24.72 19.76 -15.21
CA PRO A 329 -25.44 19.68 -13.94
C PRO A 329 -25.02 20.84 -13.06
N ASP A 330 -25.75 21.09 -11.97
CA ASP A 330 -25.34 22.16 -11.09
C ASP A 330 -24.05 21.75 -10.40
N ALA A 331 -23.39 22.74 -9.83
CA ALA A 331 -22.09 22.56 -9.19
C ALA A 331 -22.12 21.49 -8.11
N GLU A 332 -23.19 21.48 -7.30
CA GLU A 332 -23.29 20.47 -6.26
C GLU A 332 -23.25 19.06 -6.84
N THR A 333 -23.91 18.86 -7.96
CA THR A 333 -23.93 17.53 -8.56
C THR A 333 -22.58 17.18 -9.17
N MET A 334 -21.93 18.18 -9.76
CA MET A 334 -20.62 17.95 -10.37
C MET A 334 -19.61 17.58 -9.28
N ARG A 335 -19.69 18.24 -8.13
CA ARG A 335 -18.81 17.91 -7.01
C ARG A 335 -19.05 16.49 -6.52
N LYS A 336 -20.32 16.12 -6.47
CA LYS A 336 -20.69 14.76 -6.06
C LYS A 336 -20.17 13.73 -7.03
N GLU A 337 -20.32 13.98 -8.32
CA GLU A 337 -19.86 13.01 -9.31
C GLU A 337 -18.34 12.92 -9.30
N GLU A 338 -17.69 14.06 -9.13
CA GLU A 338 -16.22 14.09 -9.05
C GLU A 338 -15.80 13.27 -7.85
N ALA A 339 -16.45 13.50 -6.73
CA ALA A 339 -16.11 12.82 -5.48
C ALA A 339 -16.25 11.31 -5.63
N GLU A 340 -17.33 10.87 -6.27
CA GLU A 340 -17.56 9.44 -6.48
C GLU A 340 -16.55 8.85 -7.44
N TYR A 341 -16.22 9.61 -8.47
CA TYR A 341 -15.23 9.19 -9.45
C TYR A 341 -13.88 8.95 -8.75
N MET A 342 -13.49 9.88 -7.91
CA MET A 342 -12.19 9.79 -7.25
C MET A 342 -12.12 8.68 -6.20
N GLU A 343 -13.25 8.35 -5.58
CA GLU A 343 -13.25 7.23 -4.65
C GLU A 343 -12.98 5.96 -5.43
N LYS A 344 -13.60 5.88 -6.60
CA LYS A 344 -13.46 4.72 -7.46
C LYS A 344 -12.03 4.63 -8.02
N GLN A 345 -11.40 5.76 -8.31
CA GLN A 345 -10.01 5.72 -8.72
C GLN A 345 -9.14 5.09 -7.64
N ARG A 346 -9.39 5.47 -6.39
CA ARG A 346 -8.65 4.91 -5.26
C ARG A 346 -8.92 3.42 -5.10
N ALA A 347 -10.17 3.00 -5.30
CA ALA A 347 -10.50 1.57 -5.17
C ALA A 347 -9.79 0.75 -6.24
N GLU A 348 -9.63 1.34 -7.42
CA GLU A 348 -9.00 0.63 -8.52
C GLU A 348 -7.49 0.87 -8.53
N ALA A 349 -7.00 1.58 -7.52
CA ALA A 349 -5.56 1.78 -7.33
C ALA A 349 -4.89 2.50 -8.50
N VAL A 350 -5.53 3.54 -9.02
CA VAL A 350 -4.91 4.39 -10.02
C VAL A 350 -4.96 5.83 -9.56
N HIS A 351 -4.09 6.66 -10.13
CA HIS A 351 -4.06 8.07 -9.77
C HIS A 351 -5.31 8.77 -10.28
N PRO A 352 -5.65 9.92 -9.66
CA PRO A 352 -6.94 10.57 -9.89
C PRO A 352 -7.33 10.80 -11.34
N HIS A 353 -6.38 11.17 -12.18
CA HIS A 353 -6.75 11.55 -13.53
C HIS A 353 -6.36 10.48 -14.58
N VAL A 354 -6.19 9.23 -14.15
CA VAL A 354 -5.83 8.14 -15.05
C VAL A 354 -7.09 7.54 -15.69
N LEU A 355 -7.13 7.50 -17.02
CA LEU A 355 -8.35 7.08 -17.74
C LEU A 355 -8.38 5.63 -18.17
N MET A 356 -7.22 4.98 -18.08
CA MET A 356 -7.01 3.69 -18.72
C MET A 356 -8.10 2.64 -18.52
N ASN A 357 -8.61 2.51 -17.30
CA ASN A 357 -9.55 1.43 -17.03
C ASN A 357 -10.92 1.67 -17.64
N HIS A 358 -11.22 2.92 -17.99
CA HIS A 358 -12.59 3.27 -18.43
C HIS A 358 -12.61 4.32 -19.51
N GLN A 359 -11.55 4.42 -20.32
CA GLN A 359 -11.48 5.51 -21.29
C GLN A 359 -12.60 5.49 -22.33
N TRP A 360 -12.97 4.29 -22.78
CA TRP A 360 -13.96 4.17 -23.85
C TRP A 360 -15.33 4.61 -23.39
N GLU A 361 -15.67 4.29 -22.15
CA GLU A 361 -16.92 4.75 -21.59
C GLU A 361 -16.88 6.26 -21.34
N TYR A 362 -15.74 6.74 -20.87
CA TYR A 362 -15.54 8.16 -20.68
C TYR A 362 -15.68 8.91 -22.01
N PHE A 363 -15.09 8.40 -23.09
CA PHE A 363 -15.22 9.02 -24.40
C PHE A 363 -16.68 9.02 -24.90
N LYS A 364 -17.38 7.93 -24.67
CA LYS A 364 -18.79 7.85 -25.05
C LYS A 364 -19.61 8.93 -24.34
N LYS A 365 -19.29 9.17 -23.07
CA LYS A 365 -19.97 10.22 -22.32
C LYS A 365 -19.65 11.59 -22.91
N LEU A 366 -18.38 11.83 -23.22
CA LEU A 366 -18.00 13.10 -23.82
C LEU A 366 -18.69 13.31 -25.16
N GLU A 367 -18.79 12.24 -25.94
CA GLU A 367 -19.48 12.29 -27.24
C GLU A 367 -20.93 12.71 -27.07
N GLU A 368 -21.63 12.02 -26.18
CA GLU A 368 -23.02 12.36 -25.92
C GLU A 368 -23.19 13.80 -25.45
N MET A 369 -22.33 14.26 -24.56
CA MET A 369 -22.48 15.61 -24.04
C MET A 369 -22.07 16.68 -25.03
N SER A 370 -21.07 16.40 -25.87
CA SER A 370 -20.51 17.46 -26.73
C SER A 370 -21.20 17.55 -28.09
N GLY A 371 -21.84 16.46 -28.53
CA GLY A 371 -22.45 16.38 -29.86
C GLY A 371 -21.43 15.96 -30.88
N ALA A 372 -20.29 15.47 -30.41
CA ALA A 372 -19.24 15.01 -31.32
C ALA A 372 -19.64 13.76 -32.08
N LYS A 373 -19.04 13.62 -33.26
CA LYS A 373 -19.17 12.39 -34.03
C LYS A 373 -18.67 11.20 -33.21
N THR A 374 -19.38 10.09 -33.28
CA THR A 374 -18.94 8.87 -32.60
C THR A 374 -17.56 8.43 -33.12
N MET A 375 -16.68 8.02 -32.21
CA MET A 375 -15.38 7.48 -32.56
C MET A 375 -15.46 6.19 -33.36
N PRO A 376 -14.63 6.06 -34.39
CA PRO A 376 -14.52 4.78 -35.10
C PRO A 376 -14.11 3.66 -34.16
N PRO A 377 -14.93 2.59 -34.07
CA PRO A 377 -14.66 1.48 -33.15
C PRO A 377 -13.29 0.85 -33.37
N VAL A 378 -12.73 1.00 -34.57
CA VAL A 378 -11.43 0.44 -34.88
C VAL A 378 -10.35 1.03 -33.96
N TYR A 379 -10.53 2.28 -33.50
CA TYR A 379 -9.58 2.86 -32.53
C TYR A 379 -9.53 2.03 -31.25
N MET A 380 -10.70 1.66 -30.74
CA MET A 380 -10.75 0.85 -29.52
C MET A 380 -10.15 -0.56 -29.71
N LYS A 381 -10.55 -1.23 -30.79
CA LYS A 381 -10.02 -2.57 -31.09
C LYS A 381 -8.52 -2.57 -31.24
N MET A 382 -8.01 -1.64 -32.03
CA MET A 382 -6.59 -1.60 -32.29
C MET A 382 -5.83 -1.19 -31.03
N PHE A 383 -6.33 -0.18 -30.32
CA PHE A 383 -5.68 0.24 -29.08
C PHE A 383 -5.62 -0.90 -28.06
N ASP A 384 -6.76 -1.51 -27.78
CA ASP A 384 -6.80 -2.62 -26.84
C ASP A 384 -5.86 -3.76 -27.28
N ASP A 385 -5.71 -3.96 -28.59
CA ASP A 385 -4.77 -4.97 -29.08
C ASP A 385 -3.28 -4.61 -28.95
N VAL A 386 -2.91 -3.38 -29.30
CA VAL A 386 -1.48 -3.08 -29.41
C VAL A 386 -0.85 -2.10 -28.41
N ALA A 387 -1.66 -1.48 -27.56
CA ALA A 387 -1.12 -0.40 -26.73
C ALA A 387 -0.06 -0.89 -25.76
N SER A 388 -0.24 -2.13 -25.31
CA SER A 388 0.62 -2.74 -24.30
C SER A 388 1.83 -3.41 -24.90
N ASP A 389 1.99 -3.33 -26.22
CA ASP A 389 3.10 -4.02 -26.87
C ASP A 389 4.50 -3.55 -26.40
N LEU A 390 4.57 -2.30 -25.96
CA LEU A 390 5.79 -1.73 -25.39
C LEU A 390 6.28 -2.56 -24.20
N VAL A 391 5.37 -2.97 -23.34
CA VAL A 391 5.75 -3.72 -22.15
C VAL A 391 5.80 -5.22 -22.43
N LYS A 392 5.21 -5.63 -23.55
CA LYS A 392 5.18 -7.04 -23.91
C LYS A 392 6.17 -7.47 -24.98
N ASP A 393 6.64 -6.54 -25.80
CA ASP A 393 7.55 -6.87 -26.89
C ASP A 393 8.40 -5.65 -27.23
N LEU A 394 9.00 -5.09 -26.18
CA LEU A 394 9.76 -3.84 -26.24
C LEU A 394 10.74 -3.74 -27.41
N GLN A 395 11.53 -4.79 -27.59
CA GLN A 395 12.61 -4.76 -28.56
C GLN A 395 12.12 -4.88 -30.01
N ASN A 396 10.90 -5.37 -30.20
CA ASN A 396 10.42 -5.73 -31.54
C ASN A 396 9.09 -5.11 -31.99
N PHE A 397 8.30 -4.56 -31.07
CA PHE A 397 6.95 -4.14 -31.41
C PHE A 397 6.90 -3.04 -32.48
N ARG A 398 7.93 -2.22 -32.52
CA ARG A 398 7.97 -1.10 -33.44
C ARG A 398 8.25 -1.51 -34.89
N LYS A 399 8.55 -2.79 -35.10
CA LYS A 399 8.71 -3.31 -36.46
C LYS A 399 7.35 -3.62 -37.05
N ASN A 400 6.34 -3.68 -36.19
CA ASN A 400 4.98 -3.93 -36.65
C ASN A 400 4.46 -2.71 -37.40
N ASN A 401 3.72 -2.96 -38.49
CA ASN A 401 3.08 -1.90 -39.26
C ASN A 401 1.62 -2.25 -39.41
N TYR A 402 0.76 -1.26 -39.38
CA TYR A 402 -0.67 -1.51 -39.40
C TYR A 402 -1.33 -0.60 -40.41
N MET A 403 -2.50 -1.00 -40.88
CA MET A 403 -3.31 -0.18 -41.73
C MET A 403 -4.75 -0.33 -41.29
N ILE A 404 -5.44 0.76 -41.08
CA ILE A 404 -6.87 0.75 -40.82
C ILE A 404 -7.58 0.48 -42.14
N ILE A 405 -8.44 -0.53 -42.15
CA ILE A 405 -9.19 -0.92 -43.35
C ILE A 405 -10.46 -0.10 -43.49
N ASP A 406 -11.21 -0.01 -42.39
CA ASP A 406 -12.43 0.79 -42.37
C ASP A 406 -12.72 1.23 -40.94
N ASN A 407 -13.98 1.66 -40.69
CA ASN A 407 -14.38 2.17 -39.39
C ASN A 407 -14.31 1.11 -38.30
N GLU A 408 -14.28 -0.15 -38.70
CA GLU A 408 -14.34 -1.26 -37.75
C GLU A 408 -13.11 -2.12 -37.70
N ASN A 409 -12.30 -2.11 -38.75
CA ASN A 409 -11.23 -3.10 -38.83
C ASN A 409 -9.88 -2.55 -39.25
N TYR A 410 -8.84 -3.25 -38.82
CA TYR A 410 -7.49 -2.93 -39.20
C TYR A 410 -6.77 -4.22 -39.52
N LYS A 411 -5.57 -4.12 -40.06
CA LYS A 411 -4.78 -5.30 -40.29
C LYS A 411 -3.31 -5.00 -40.11
N LYS A 412 -2.58 -6.05 -39.74
CA LYS A 412 -1.13 -6.01 -39.68
C LYS A 412 -0.59 -6.15 -41.10
N ILE A 413 0.35 -5.30 -41.48
CA ILE A 413 1.11 -5.43 -42.70
C ILE A 413 2.51 -6.06 -42.52
N MET B 1 17.75 -62.75 -7.67
CA MET B 1 17.57 -61.69 -8.63
C MET B 1 18.87 -61.41 -9.38
N ARG B 2 18.95 -61.89 -10.60
CA ARG B 2 20.08 -61.67 -11.47
C ARG B 2 19.81 -61.17 -12.90
N ARG B 3 18.85 -61.76 -13.61
CA ARG B 3 18.61 -61.44 -15.00
C ARG B 3 17.47 -60.42 -15.06
N VAL B 4 17.74 -59.27 -15.64
CA VAL B 4 16.77 -58.22 -15.75
C VAL B 4 16.54 -57.85 -17.21
N ALA B 5 15.29 -57.73 -17.60
CA ALA B 5 14.98 -57.35 -18.97
C ALA B 5 14.67 -55.87 -19.01
N VAL B 6 15.24 -55.18 -19.94
CA VAL B 6 14.88 -53.79 -20.21
C VAL B 6 14.17 -53.74 -21.57
N LEU B 7 12.95 -53.22 -21.57
CA LEU B 7 12.17 -53.20 -22.82
C LEU B 7 12.28 -51.79 -23.39
N GLY B 8 13.11 -51.61 -24.41
CA GLY B 8 13.31 -50.31 -25.04
C GLY B 8 14.67 -49.70 -24.76
N ALA B 9 15.28 -49.11 -25.78
CA ALA B 9 16.58 -48.47 -25.58
C ALA B 9 16.53 -46.99 -25.94
N GLY B 10 15.44 -46.34 -25.56
CA GLY B 10 15.40 -44.89 -25.52
C GLY B 10 16.06 -44.45 -24.22
N PRO B 11 15.95 -43.14 -23.91
CA PRO B 11 16.49 -42.57 -22.68
C PRO B 11 16.14 -43.34 -21.41
N SER B 12 14.89 -43.78 -21.27
CA SER B 12 14.46 -44.54 -20.12
C SER B 12 15.22 -45.85 -20.02
N GLY B 13 15.24 -46.58 -21.11
CA GLY B 13 15.87 -47.85 -21.18
C GLY B 13 17.39 -47.78 -21.01
N LEU B 14 18.01 -46.83 -21.68
CA LEU B 14 19.43 -46.70 -21.59
C LEU B 14 19.82 -46.40 -20.14
N THR B 15 19.11 -45.50 -19.52
CA THR B 15 19.41 -45.07 -18.19
C THR B 15 19.26 -46.21 -17.22
N ALA B 16 18.23 -47.01 -17.43
CA ALA B 16 18.01 -48.18 -16.64
C ALA B 16 19.17 -49.16 -16.81
N ALA B 17 19.59 -49.32 -18.04
CA ALA B 17 20.63 -50.25 -18.35
C ALA B 17 21.88 -49.84 -17.60
N ARG B 18 22.15 -48.55 -17.53
CA ARG B 18 23.37 -48.11 -16.91
C ARG B 18 23.43 -48.49 -15.45
N TYR B 19 22.40 -48.18 -14.71
CA TYR B 19 22.36 -48.49 -13.30
C TYR B 19 22.20 -49.97 -12.99
N LEU B 20 21.41 -50.68 -13.77
CA LEU B 20 21.26 -52.11 -13.58
C LEU B 20 22.58 -52.85 -13.78
N LYS B 21 23.34 -52.47 -14.79
CA LYS B 21 24.64 -53.04 -15.08
C LYS B 21 25.60 -52.78 -13.94
N GLN B 22 25.57 -51.55 -13.46
CA GLN B 22 26.42 -51.08 -12.38
C GLN B 22 26.17 -51.88 -11.15
N ALA B 23 24.92 -52.23 -10.90
CA ALA B 23 24.60 -52.99 -9.75
C ALA B 23 24.96 -54.47 -9.87
N GLY B 24 25.47 -54.88 -11.01
CA GLY B 24 25.89 -56.25 -11.20
C GLY B 24 24.87 -57.23 -11.74
N PHE B 25 23.74 -56.73 -12.16
CA PHE B 25 22.71 -57.58 -12.77
C PHE B 25 23.11 -58.04 -14.15
N GLU B 26 22.54 -59.14 -14.62
CA GLU B 26 22.68 -59.51 -16.01
C GLU B 26 21.54 -58.89 -16.78
N VAL B 27 21.84 -57.89 -17.56
CA VAL B 27 20.88 -57.04 -18.19
C VAL B 27 20.82 -57.39 -19.63
N MET B 28 19.61 -57.52 -20.21
CA MET B 28 19.45 -57.63 -21.63
C MET B 28 18.45 -56.59 -22.06
N VAL B 29 18.81 -55.74 -22.99
CA VAL B 29 17.93 -54.66 -23.42
C VAL B 29 17.35 -55.03 -24.82
N PHE B 30 16.02 -54.96 -24.97
CA PHE B 30 15.42 -55.20 -26.27
C PHE B 30 15.00 -53.89 -26.90
N GLU B 31 15.39 -53.67 -28.14
CA GLU B 31 15.03 -52.46 -28.88
C GLU B 31 14.66 -52.79 -30.32
N ARG B 32 13.46 -52.40 -30.74
CA ARG B 32 12.98 -52.74 -32.09
C ARG B 32 13.71 -52.01 -33.18
N TYR B 33 14.23 -50.84 -32.86
CA TYR B 33 14.92 -50.04 -33.86
C TYR B 33 16.35 -50.51 -34.04
N HIS B 34 17.01 -50.01 -35.08
CA HIS B 34 18.39 -50.41 -35.38
C HIS B 34 19.41 -49.46 -34.76
N HIS B 35 18.91 -48.51 -33.97
CA HIS B 35 19.73 -47.48 -33.34
C HIS B 35 19.10 -47.14 -32.00
N VAL B 36 19.93 -46.84 -31.00
CA VAL B 36 19.43 -46.46 -29.68
C VAL B 36 18.95 -45.03 -29.70
N GLY B 37 18.31 -44.59 -28.60
CA GLY B 37 17.95 -43.19 -28.46
C GLY B 37 16.44 -42.94 -28.54
N GLY B 38 15.66 -43.98 -28.81
CA GLY B 38 14.22 -43.83 -28.77
C GLY B 38 13.66 -42.81 -29.73
N THR B 39 12.83 -41.92 -29.20
CA THR B 39 12.11 -40.90 -29.96
C THR B 39 13.05 -39.91 -30.62
N TRP B 40 14.30 -39.86 -30.16
CA TRP B 40 15.29 -38.97 -30.77
C TRP B 40 15.72 -39.41 -32.15
N ASN B 41 15.41 -40.65 -32.51
CA ASN B 41 15.63 -41.11 -33.87
C ASN B 41 14.57 -40.57 -34.82
N TYR B 42 15.03 -39.92 -35.88
CA TYR B 42 14.13 -39.48 -36.94
C TYR B 42 14.04 -40.56 -37.99
N THR B 43 12.80 -40.85 -38.40
CA THR B 43 12.57 -41.76 -39.52
C THR B 43 11.46 -41.21 -40.39
N ASP B 44 11.58 -41.40 -41.70
CA ASP B 44 10.56 -40.98 -42.64
C ASP B 44 9.32 -41.85 -42.49
N GLU B 45 9.50 -43.03 -41.91
CA GLU B 45 8.38 -43.97 -41.74
C GLU B 45 7.38 -43.47 -40.71
N THR B 46 6.11 -43.78 -40.93
CA THR B 46 5.05 -43.47 -39.98
C THR B 46 4.14 -44.70 -39.79
N TRP B 47 3.53 -44.79 -38.62
CA TRP B 47 2.56 -45.85 -38.31
C TRP B 47 3.14 -47.24 -38.25
N MET B 48 3.46 -47.77 -39.44
CA MET B 48 4.00 -49.11 -39.58
C MET B 48 5.25 -49.06 -40.43
N SER B 49 6.26 -49.80 -40.02
CA SER B 49 7.51 -49.86 -40.75
C SER B 49 7.43 -50.96 -41.78
N GLU B 50 8.22 -50.84 -42.84
CA GLU B 50 8.29 -51.92 -43.81
C GLU B 50 8.82 -53.22 -43.19
N ASP B 51 9.49 -53.12 -42.04
CA ASP B 51 9.94 -54.33 -41.34
C ASP B 51 8.80 -55.13 -40.69
N GLY B 52 7.59 -54.58 -40.72
CA GLY B 52 6.42 -55.32 -40.25
C GLY B 52 5.95 -55.04 -38.83
N ARG B 53 6.54 -54.06 -38.15
CA ARG B 53 6.11 -53.71 -36.79
C ARG B 53 5.89 -52.20 -36.71
N PRO B 54 5.18 -51.72 -35.68
CA PRO B 54 4.93 -50.28 -35.60
C PRO B 54 6.17 -49.37 -35.59
N VAL B 55 5.97 -48.15 -36.05
CA VAL B 55 6.96 -47.10 -35.92
C VAL B 55 6.64 -46.37 -34.62
N TYR B 56 7.61 -46.28 -33.72
CA TYR B 56 7.33 -45.69 -32.42
C TYR B 56 7.77 -44.25 -32.32
N SER B 57 8.55 -43.78 -33.28
CA SER B 57 9.05 -42.40 -33.24
C SER B 57 8.05 -41.38 -33.77
N SER B 58 7.94 -40.26 -33.07
CA SER B 58 7.08 -39.17 -33.46
C SER B 58 7.92 -37.94 -33.78
N MET B 59 9.23 -38.16 -33.93
CA MET B 59 10.15 -37.09 -34.25
C MET B 59 9.90 -36.55 -35.66
N TYR B 60 10.03 -35.23 -35.79
CA TYR B 60 9.93 -34.59 -37.09
C TYR B 60 11.20 -33.84 -37.48
N GLN B 61 11.24 -33.41 -38.74
CA GLN B 61 12.42 -32.76 -39.30
C GLN B 61 12.66 -31.38 -38.71
N ASN B 62 13.94 -31.01 -38.56
CA ASN B 62 14.31 -29.68 -38.11
C ASN B 62 13.74 -29.35 -36.73
N LEU B 63 13.65 -30.35 -35.86
CA LEU B 63 13.18 -30.10 -34.50
C LEU B 63 14.35 -29.61 -33.69
N PHE B 64 14.10 -28.65 -32.81
CA PHE B 64 15.08 -28.23 -31.82
C PHE B 64 14.44 -28.48 -30.46
N VAL B 65 15.29 -28.72 -29.47
CA VAL B 65 14.82 -29.01 -28.12
C VAL B 65 14.09 -27.83 -27.54
N ASN B 66 13.18 -28.09 -26.59
CA ASN B 66 12.41 -27.01 -25.96
C ASN B 66 12.89 -26.71 -24.56
N LEU B 67 14.04 -27.27 -24.22
CA LEU B 67 14.64 -27.10 -22.92
C LEU B 67 16.13 -27.08 -23.19
N PRO B 68 16.88 -26.22 -22.50
CA PRO B 68 18.31 -26.14 -22.76
C PRO B 68 19.03 -27.45 -22.51
N LYS B 69 20.05 -27.71 -23.31
CA LYS B 69 20.82 -28.95 -23.23
C LYS B 69 21.42 -29.14 -21.83
N GLU B 70 21.67 -28.03 -21.14
CA GLU B 70 22.18 -28.09 -19.77
C GLU B 70 21.21 -28.81 -18.85
N LEU B 71 19.91 -28.73 -19.14
CA LEU B 71 18.93 -29.41 -18.30
C LEU B 71 18.62 -30.79 -18.87
N MET B 72 19.01 -31.04 -20.11
CA MET B 72 18.76 -32.34 -20.72
C MET B 72 19.86 -33.35 -20.44
N ALA B 73 21.03 -32.85 -20.07
CA ALA B 73 22.13 -33.75 -19.71
C ALA B 73 21.93 -34.24 -18.29
N PHE B 74 22.27 -35.51 -18.06
CA PHE B 74 22.35 -36.02 -16.70
C PHE B 74 23.44 -35.26 -15.95
N PRO B 75 23.24 -35.03 -14.64
CA PRO B 75 24.18 -34.30 -13.78
C PRO B 75 25.61 -34.79 -13.88
N ASP B 76 25.83 -36.09 -14.07
CA ASP B 76 27.20 -36.60 -14.13
C ASP B 76 27.66 -37.00 -15.53
N PHE B 77 26.96 -36.56 -16.57
CA PHE B 77 27.35 -36.81 -17.95
C PHE B 77 27.01 -35.60 -18.80
N PRO B 78 27.89 -34.59 -18.78
CA PRO B 78 27.63 -33.31 -19.47
C PRO B 78 27.48 -33.52 -20.96
N PHE B 79 26.79 -32.59 -21.60
CA PHE B 79 26.59 -32.66 -23.03
C PHE B 79 27.95 -32.47 -23.70
N HIS B 80 28.13 -33.10 -24.86
CA HIS B 80 29.33 -32.85 -25.65
C HIS B 80 29.41 -31.40 -26.05
N ASP B 81 30.62 -30.93 -26.40
CA ASP B 81 30.79 -29.54 -26.78
C ASP B 81 29.99 -29.25 -28.06
N ILE B 82 29.02 -28.35 -27.93
CA ILE B 82 28.24 -27.91 -29.08
C ILE B 82 27.86 -26.47 -28.77
N GLU B 83 27.96 -25.60 -29.76
CA GLU B 83 27.54 -24.20 -29.61
C GLU B 83 26.02 -24.11 -29.45
N GLY B 84 25.57 -23.39 -28.43
CA GLY B 84 24.14 -23.17 -28.25
C GLY B 84 23.48 -24.11 -27.26
N SER B 85 22.54 -23.59 -26.49
CA SER B 85 21.79 -24.39 -25.54
C SER B 85 20.65 -25.16 -26.18
N TYR B 86 19.97 -24.53 -27.13
CA TYR B 86 18.84 -25.17 -27.80
C TYR B 86 19.27 -25.88 -29.07
N VAL B 87 19.72 -27.12 -28.88
CA VAL B 87 20.35 -27.89 -29.93
C VAL B 87 19.33 -28.60 -30.81
N PRO B 88 19.72 -28.98 -32.03
CA PRO B 88 18.88 -29.81 -32.89
C PRO B 88 18.77 -31.19 -32.31
N SER B 89 17.73 -31.91 -32.71
CA SER B 89 17.43 -33.24 -32.19
C SER B 89 18.60 -34.21 -32.38
N LYS B 90 19.34 -34.06 -33.48
CA LYS B 90 20.42 -34.99 -33.75
C LYS B 90 21.52 -34.92 -32.68
N GLU B 91 21.67 -33.79 -32.01
CA GLU B 91 22.65 -33.68 -30.93
C GLU B 91 22.20 -34.46 -29.69
N VAL B 92 20.89 -34.54 -29.49
CA VAL B 92 20.34 -35.30 -28.37
C VAL B 92 20.49 -36.78 -28.67
N LEU B 93 20.28 -37.13 -29.94
CA LEU B 93 20.47 -38.51 -30.37
C LEU B 93 21.94 -38.90 -30.18
N LYS B 94 22.82 -37.99 -30.58
CA LYS B 94 24.26 -38.17 -30.37
C LYS B 94 24.60 -38.33 -28.91
N TYR B 95 24.01 -37.48 -28.06
CA TYR B 95 24.20 -37.60 -26.62
C TYR B 95 23.88 -39.02 -26.10
N PHE B 96 22.77 -39.61 -26.53
CA PHE B 96 22.42 -40.94 -26.04
C PHE B 96 23.24 -42.05 -26.71
N ASP B 97 23.73 -41.80 -27.93
CA ASP B 97 24.65 -42.74 -28.56
C ASP B 97 25.97 -42.73 -27.77
N ASN B 98 26.47 -41.58 -27.39
CA ASN B 98 27.67 -41.46 -26.57
C ASN B 98 27.48 -42.07 -25.18
N PHE B 99 26.32 -41.84 -24.59
CA PHE B 99 26.03 -42.34 -23.28
C PHE B 99 26.11 -43.83 -23.29
N THR B 100 25.59 -44.43 -24.32
CA THR B 100 25.55 -45.85 -24.46
C THR B 100 26.95 -46.46 -24.53
N ASP B 101 27.82 -45.83 -25.27
CA ASP B 101 29.22 -46.22 -25.32
C ASP B 101 30.04 -45.93 -24.04
N ALA B 102 29.80 -44.77 -23.46
CA ALA B 102 30.50 -44.34 -22.29
C ALA B 102 30.29 -45.31 -21.17
N PHE B 103 29.12 -45.87 -21.07
CA PHE B 103 28.83 -46.79 -20.01
C PHE B 103 28.92 -48.23 -20.40
N ASP B 104 29.43 -48.49 -21.58
CA ASP B 104 29.59 -49.83 -22.05
C ASP B 104 28.29 -50.64 -22.08
N LEU B 105 27.22 -49.99 -22.55
CA LEU B 105 25.92 -50.62 -22.65
C LEU B 105 25.57 -51.32 -23.95
N ARG B 106 26.29 -50.99 -25.00
CA ARG B 106 25.94 -51.38 -26.35
C ARG B 106 25.90 -52.87 -26.46
N LYS B 107 26.79 -53.52 -25.76
CA LYS B 107 26.88 -54.95 -25.74
C LYS B 107 25.66 -55.62 -25.13
N LEU B 108 24.97 -54.93 -24.25
CA LEU B 108 23.74 -55.41 -23.63
C LEU B 108 22.46 -55.40 -24.54
N ILE B 109 22.52 -54.63 -25.59
CA ILE B 109 21.36 -54.29 -26.36
C ILE B 109 21.14 -55.15 -27.59
N LYS B 110 20.01 -55.83 -27.59
CA LYS B 110 19.57 -56.51 -28.78
C LYS B 110 18.70 -55.57 -29.64
N LEU B 111 19.31 -55.01 -30.66
CA LEU B 111 18.65 -54.08 -31.58
C LEU B 111 17.81 -54.85 -32.61
N GLN B 112 16.85 -54.15 -33.22
CA GLN B 112 15.90 -54.81 -34.11
C GLN B 112 15.24 -56.04 -33.50
N HIS B 113 15.00 -55.97 -32.19
CA HIS B 113 14.24 -57.00 -31.49
C HIS B 113 12.95 -56.40 -30.99
N HIS B 114 11.83 -56.89 -31.52
CA HIS B 114 10.53 -56.35 -31.14
C HIS B 114 9.85 -57.22 -30.07
N VAL B 115 9.61 -56.65 -28.90
CA VAL B 115 8.96 -57.40 -27.84
C VAL B 115 7.51 -57.64 -28.20
N GLU B 116 7.12 -58.92 -28.23
CA GLU B 116 5.76 -59.29 -28.63
C GLU B 116 4.86 -59.65 -27.44
N ASN B 117 5.43 -60.30 -26.44
CA ASN B 117 4.64 -60.71 -25.28
C ASN B 117 5.49 -60.79 -24.02
N VAL B 118 4.91 -60.39 -22.91
CA VAL B 118 5.56 -60.54 -21.61
C VAL B 118 4.54 -61.19 -20.70
N ARG B 119 4.93 -62.28 -20.04
CA ARG B 119 4.04 -62.88 -19.06
C ARG B 119 4.84 -63.48 -17.92
N PRO B 120 4.25 -63.48 -16.72
CA PRO B 120 4.88 -64.05 -15.53
C PRO B 120 4.94 -65.58 -15.66
N CYS B 121 6.00 -66.19 -15.15
CA CYS B 121 6.13 -67.64 -15.18
C CYS B 121 6.91 -68.04 -13.93
N GLU B 122 6.43 -69.07 -13.23
CA GLU B 122 6.92 -69.40 -11.89
C GLU B 122 7.14 -68.14 -11.05
N SER B 123 8.40 -67.82 -10.72
CA SER B 123 8.67 -66.57 -10.02
C SER B 123 9.19 -65.45 -10.92
N GLY B 124 9.60 -65.80 -12.14
CA GLY B 124 10.18 -64.83 -13.04
C GLY B 124 9.26 -64.35 -14.14
N TRP B 125 9.83 -64.15 -15.33
CA TRP B 125 9.09 -63.58 -16.45
C TRP B 125 9.53 -64.25 -17.75
N LEU B 126 8.56 -64.47 -18.64
CA LEU B 126 8.87 -64.97 -19.97
C LEU B 126 8.60 -63.89 -21.01
N VAL B 127 9.65 -63.54 -21.74
CA VAL B 127 9.59 -62.46 -22.70
C VAL B 127 9.71 -63.01 -24.11
N THR B 128 8.73 -62.73 -24.95
CA THR B 128 8.76 -63.24 -26.30
C THR B 128 9.09 -62.10 -27.24
N VAL B 129 10.14 -62.26 -28.05
CA VAL B 129 10.59 -61.17 -28.89
C VAL B 129 10.88 -61.70 -30.29
N THR B 130 10.70 -60.85 -31.28
CA THR B 130 11.05 -61.22 -32.64
C THR B 130 12.30 -60.51 -33.09
N ASP B 131 13.24 -61.28 -33.60
CA ASP B 131 14.40 -60.72 -34.28
C ASP B 131 13.95 -60.34 -35.67
N LEU B 132 13.82 -59.04 -35.90
CA LEU B 132 13.28 -58.56 -37.15
C LEU B 132 14.20 -58.79 -38.36
N THR B 133 15.45 -59.12 -38.09
CA THR B 133 16.41 -59.39 -39.18
C THR B 133 16.24 -60.79 -39.74
N THR B 134 15.56 -61.64 -38.97
CA THR B 134 15.36 -63.03 -39.36
C THR B 134 13.90 -63.40 -39.28
N MET B 135 13.11 -62.54 -38.63
CA MET B 135 11.71 -62.86 -38.33
C MET B 135 11.58 -64.10 -37.44
N VAL B 136 12.66 -64.47 -36.76
CA VAL B 136 12.60 -65.56 -35.81
C VAL B 136 12.15 -65.06 -34.45
N GLU B 137 11.21 -65.79 -33.85
CA GLU B 137 10.69 -65.46 -32.54
C GLU B 137 11.61 -66.10 -31.52
N HIS B 138 12.01 -65.35 -30.49
CA HIS B 138 12.89 -65.87 -29.45
C HIS B 138 12.21 -65.69 -28.10
N SER B 139 12.45 -66.64 -27.21
CA SER B 139 11.92 -66.56 -25.86
C SER B 139 13.04 -66.36 -24.88
N PHE B 140 12.84 -65.48 -23.91
CA PHE B 140 13.86 -65.25 -22.89
C PHE B 140 13.20 -65.19 -21.53
N GLU B 141 13.91 -65.71 -20.54
CA GLU B 141 13.42 -65.80 -19.17
C GLU B 141 14.17 -64.81 -18.31
N PHE B 142 13.47 -64.17 -17.38
CA PHE B 142 14.06 -63.13 -16.56
C PHE B 142 13.50 -63.15 -15.16
N ASP B 143 14.27 -62.63 -14.20
CA ASP B 143 13.82 -62.51 -12.82
C ASP B 143 13.04 -61.21 -12.63
N ALA B 144 13.28 -60.27 -13.54
CA ALA B 144 12.62 -58.97 -13.47
C ALA B 144 12.51 -58.34 -14.85
N VAL B 145 11.55 -57.44 -15.01
CA VAL B 145 11.33 -56.77 -16.28
C VAL B 145 11.14 -55.29 -16.02
N VAL B 146 11.90 -54.47 -16.77
CA VAL B 146 11.77 -53.02 -16.66
C VAL B 146 11.22 -52.46 -17.97
N VAL B 147 10.01 -51.92 -17.90
CA VAL B 147 9.32 -51.52 -19.13
C VAL B 147 9.61 -50.06 -19.47
N CYS B 148 10.26 -49.84 -20.62
CA CYS B 148 10.69 -48.50 -21.03
C CYS B 148 10.33 -48.23 -22.49
N THR B 149 9.10 -48.55 -22.86
CA THR B 149 8.71 -48.53 -24.28
C THR B 149 8.07 -47.21 -24.74
N GLY B 150 7.94 -46.26 -23.82
CA GLY B 150 7.52 -44.91 -24.13
C GLY B 150 6.01 -44.76 -24.28
N GLN B 151 5.56 -43.51 -24.40
CA GLN B 151 4.12 -43.29 -24.57
C GLN B 151 3.81 -42.08 -25.45
N THR B 152 4.62 -41.90 -26.50
CA THR B 152 4.28 -40.90 -27.50
C THR B 152 4.14 -41.52 -28.88
N TRP B 153 3.50 -42.68 -28.95
CA TRP B 153 3.32 -43.34 -30.25
C TRP B 153 1.88 -43.72 -30.60
N CYS B 154 1.10 -44.02 -29.58
CA CYS B 154 -0.30 -44.38 -29.77
C CYS B 154 -1.19 -43.15 -29.61
N PRO B 155 -1.73 -42.65 -30.73
CA PRO B 155 -2.36 -41.33 -30.72
C PRO B 155 -3.68 -41.29 -29.96
N LEU B 156 -3.99 -40.14 -29.44
CA LEU B 156 -5.24 -39.89 -28.82
C LEU B 156 -5.91 -38.81 -29.64
N TYR B 157 -7.12 -39.12 -30.09
CA TYR B 157 -7.98 -38.15 -30.75
C TYR B 157 -9.22 -37.92 -29.93
N PRO B 158 -9.46 -36.58 -29.67
CA PRO B 158 -10.63 -36.36 -28.81
C PRO B 158 -11.85 -36.40 -29.69
N ASP B 159 -12.97 -36.91 -29.24
CA ASP B 159 -14.14 -36.93 -30.09
C ASP B 159 -14.64 -35.54 -30.30
N VAL B 160 -15.14 -35.26 -31.49
CA VAL B 160 -15.77 -34.02 -31.72
C VAL B 160 -16.95 -34.22 -32.62
N GLU B 161 -17.97 -33.45 -32.35
CA GLU B 161 -19.23 -33.65 -32.97
C GLU B 161 -18.99 -33.39 -34.44
N GLY B 162 -19.34 -34.35 -35.25
CA GLY B 162 -19.29 -34.16 -36.67
C GLY B 162 -18.02 -34.53 -37.33
N ARG B 163 -17.10 -35.10 -36.56
CA ARG B 163 -15.76 -35.38 -37.02
C ARG B 163 -15.92 -36.32 -38.20
N SER B 164 -16.85 -37.21 -38.08
CA SER B 164 -17.09 -38.17 -39.10
C SER B 164 -17.54 -37.62 -40.45
N PHE B 165 -18.06 -36.41 -40.48
CA PHE B 165 -18.46 -35.73 -41.69
C PHE B 165 -17.33 -35.00 -42.43
N PHE B 166 -16.22 -34.79 -41.74
CA PHE B 166 -15.12 -34.02 -42.29
C PHE B 166 -14.53 -34.74 -43.49
N ARG B 167 -14.24 -34.01 -44.55
CA ARG B 167 -13.70 -34.61 -45.75
C ARG B 167 -12.33 -34.10 -46.17
N GLY B 168 -11.78 -33.23 -45.35
CA GLY B 168 -10.41 -32.79 -45.53
C GLY B 168 -9.46 -33.83 -45.01
N ARG B 169 -8.17 -33.52 -45.01
CA ARG B 169 -7.16 -34.46 -44.54
C ARG B 169 -7.02 -34.31 -43.03
N LEU B 170 -7.07 -35.42 -42.32
CA LEU B 170 -6.99 -35.39 -40.89
C LEU B 170 -5.80 -36.22 -40.51
N THR B 171 -4.89 -35.62 -39.80
CA THR B 171 -3.68 -36.31 -39.34
C THR B 171 -3.43 -36.04 -37.88
N HIS B 172 -2.54 -36.82 -37.31
CA HIS B 172 -2.16 -36.65 -35.92
C HIS B 172 -0.73 -36.17 -35.82
N ALA B 173 -0.38 -35.58 -34.69
CA ALA B 173 1.03 -35.24 -34.43
C ALA B 173 2.01 -36.38 -34.68
N HIS B 174 1.61 -37.62 -34.40
CA HIS B 174 2.52 -38.76 -34.54
C HIS B 174 3.18 -38.85 -35.93
N GLU B 175 2.37 -38.61 -36.96
CA GLU B 175 2.80 -38.80 -38.32
C GLU B 175 3.38 -37.52 -38.92
N PHE B 176 3.39 -36.43 -38.17
CA PHE B 176 4.02 -35.22 -38.67
C PHE B 176 5.54 -35.42 -38.86
N ARG B 177 6.03 -35.12 -40.06
CA ARG B 177 7.46 -35.30 -40.34
C ARG B 177 8.03 -34.02 -40.92
N SER B 178 7.25 -33.33 -41.74
CA SER B 178 7.64 -32.05 -42.31
C SER B 178 6.38 -31.25 -42.64
N PRO B 179 6.51 -29.92 -42.73
CA PRO B 179 5.32 -29.12 -43.02
C PRO B 179 4.89 -29.23 -44.48
N GLU B 180 5.65 -29.94 -45.29
CA GLU B 180 5.38 -29.92 -46.72
C GLU B 180 3.97 -30.33 -47.19
N PRO B 181 3.35 -31.34 -46.56
CA PRO B 181 1.98 -31.64 -47.01
C PRO B 181 1.00 -30.52 -46.70
N PHE B 182 1.39 -29.59 -45.86
CA PHE B 182 0.54 -28.48 -45.46
C PHE B 182 0.79 -27.23 -46.30
N ARG B 183 1.67 -27.34 -47.30
CA ARG B 183 1.98 -26.19 -48.15
C ARG B 183 0.76 -25.68 -48.92
N ASN B 184 0.52 -24.39 -48.81
CA ASN B 184 -0.63 -23.72 -49.42
C ASN B 184 -1.98 -24.24 -48.92
N LYS B 185 -2.01 -24.83 -47.73
CA LYS B 185 -3.28 -25.34 -47.20
C LYS B 185 -3.84 -24.46 -46.11
N ARG B 186 -5.15 -24.55 -45.90
CA ARG B 186 -5.77 -23.97 -44.73
C ARG B 186 -5.78 -25.05 -43.66
N VAL B 187 -5.05 -24.80 -42.58
CA VAL B 187 -4.77 -25.84 -41.61
C VAL B 187 -5.32 -25.51 -40.24
N LEU B 188 -6.07 -26.45 -39.66
CA LEU B 188 -6.49 -26.32 -38.29
C LEU B 188 -5.65 -27.23 -37.41
N ILE B 189 -5.00 -26.66 -36.41
CA ILE B 189 -4.28 -27.45 -35.45
C ILE B 189 -5.10 -27.49 -34.17
N VAL B 190 -5.40 -28.69 -33.69
CA VAL B 190 -6.16 -28.88 -32.47
C VAL B 190 -5.17 -29.23 -31.35
N GLY B 191 -5.13 -28.39 -30.32
CA GLY B 191 -4.06 -28.49 -29.33
C GLY B 191 -4.52 -28.37 -27.89
N ALA B 192 -3.60 -28.59 -26.96
CA ALA B 192 -3.87 -28.48 -25.53
C ALA B 192 -2.62 -27.98 -24.89
N GLY B 193 -2.69 -26.81 -24.25
CA GLY B 193 -1.50 -26.14 -23.75
C GLY B 193 -0.50 -25.85 -24.86
N PRO B 194 0.74 -26.35 -24.70
CA PRO B 194 1.87 -26.10 -25.60
C PRO B 194 1.97 -27.12 -26.73
N SER B 195 1.03 -28.04 -26.81
CA SER B 195 1.14 -29.22 -27.67
C SER B 195 1.26 -28.90 -29.15
N GLY B 196 0.67 -27.79 -29.57
CA GLY B 196 0.62 -27.42 -30.97
C GLY B 196 1.46 -26.23 -31.36
N HIS B 197 2.24 -25.73 -30.40
CA HIS B 197 3.05 -24.54 -30.61
C HIS B 197 4.12 -24.69 -31.69
N ASP B 198 5.03 -25.64 -31.52
CA ASP B 198 6.13 -25.82 -32.45
C ASP B 198 5.61 -26.23 -33.83
N MET B 199 4.61 -27.11 -33.87
CA MET B 199 4.06 -27.53 -35.16
C MET B 199 3.33 -26.38 -35.85
N ALA B 200 2.67 -25.53 -35.07
CA ALA B 200 2.03 -24.35 -35.65
C ALA B 200 3.09 -23.48 -36.31
N LEU B 201 4.20 -23.30 -35.61
CA LEU B 201 5.31 -22.49 -36.08
C LEU B 201 5.90 -23.09 -37.35
N HIS B 202 6.17 -24.40 -37.34
CA HIS B 202 6.69 -25.10 -38.51
C HIS B 202 5.75 -24.96 -39.70
N ILE B 203 4.47 -25.16 -39.47
CA ILE B 203 3.51 -25.12 -40.57
C ILE B 203 3.27 -23.69 -41.03
N SER B 204 3.40 -22.73 -40.11
CA SER B 204 3.15 -21.33 -40.46
C SER B 204 4.04 -20.86 -41.60
N TYR B 205 5.24 -21.43 -41.67
CA TYR B 205 6.22 -21.07 -42.70
C TYR B 205 5.81 -21.49 -44.11
N VAL B 206 4.86 -22.41 -44.25
CA VAL B 206 4.47 -22.91 -45.57
C VAL B 206 3.01 -22.75 -45.98
N SER B 207 2.13 -22.46 -45.02
CA SER B 207 0.72 -22.56 -45.32
C SER B 207 0.06 -21.22 -45.53
N LYS B 208 -1.11 -21.26 -46.19
CA LYS B 208 -1.88 -20.06 -46.44
C LYS B 208 -2.30 -19.51 -45.09
N GLU B 209 -2.99 -20.33 -44.32
CA GLU B 209 -3.48 -19.90 -43.03
C GLU B 209 -3.46 -21.06 -42.03
N VAL B 210 -3.00 -20.78 -40.84
CA VAL B 210 -2.96 -21.75 -39.78
C VAL B 210 -3.85 -21.28 -38.67
N PHE B 211 -4.68 -22.15 -38.18
CA PHE B 211 -5.56 -21.86 -37.07
C PHE B 211 -5.18 -22.76 -35.93
N LEU B 212 -5.02 -22.19 -34.75
CA LEU B 212 -4.62 -22.95 -33.62
C LEU B 212 -5.76 -22.98 -32.63
N SER B 213 -6.37 -24.11 -32.46
CA SER B 213 -7.55 -24.21 -31.59
C SER B 213 -7.22 -24.88 -30.28
N ARG B 214 -7.48 -24.18 -29.19
CA ARG B 214 -7.26 -24.72 -27.85
C ARG B 214 -8.37 -24.29 -26.91
N LYS B 215 -8.68 -25.13 -25.92
CA LYS B 215 -9.64 -24.75 -24.89
C LYS B 215 -9.23 -23.48 -24.16
N LEU B 223 2.38 -13.57 -30.08
CA LEU B 223 3.07 -14.69 -29.55
C LEU B 223 3.31 -15.68 -30.63
N PHE B 224 2.56 -15.58 -31.71
CA PHE B 224 2.71 -16.48 -32.83
C PHE B 224 2.89 -15.63 -34.05
N PRO B 225 3.40 -16.22 -35.10
CA PRO B 225 3.55 -15.52 -36.38
C PRO B 225 2.22 -14.98 -36.90
N ASP B 226 2.29 -14.12 -37.89
CA ASP B 226 1.11 -13.37 -38.35
C ASP B 226 0.02 -14.25 -38.93
N ASN B 227 0.40 -15.37 -39.54
CA ASN B 227 -0.59 -16.21 -40.20
C ASN B 227 -1.08 -17.37 -39.33
N VAL B 228 -0.77 -17.30 -38.05
CA VAL B 228 -1.33 -18.24 -37.10
C VAL B 228 -2.44 -17.51 -36.35
N THR B 229 -3.66 -18.01 -36.51
CA THR B 229 -4.81 -17.39 -35.87
C THR B 229 -5.31 -18.27 -34.74
N GLU B 230 -5.36 -17.73 -33.54
CA GLU B 230 -5.84 -18.53 -32.42
C GLU B 230 -7.35 -18.59 -32.42
N LYS B 231 -7.85 -19.78 -32.09
CA LYS B 231 -9.26 -20.04 -32.05
C LYS B 231 -9.56 -20.72 -30.73
N PRO B 232 -10.79 -20.56 -30.23
CA PRO B 232 -11.17 -21.25 -29.00
C PRO B 232 -11.49 -22.72 -29.28
N LEU B 233 -12.21 -23.38 -28.37
CA LEU B 233 -12.52 -24.80 -28.52
C LEU B 233 -13.25 -25.17 -29.82
N LEU B 234 -12.81 -26.27 -30.43
CA LEU B 234 -13.48 -26.82 -31.61
C LEU B 234 -14.69 -27.61 -31.15
N THR B 235 -15.87 -27.21 -31.62
CA THR B 235 -17.12 -27.78 -31.14
C THR B 235 -17.84 -28.68 -32.15
N SER B 236 -17.61 -28.47 -33.43
CA SER B 236 -18.13 -29.40 -34.40
C SER B 236 -17.39 -29.31 -35.71
N LEU B 237 -17.50 -30.34 -36.51
CA LEU B 237 -16.96 -30.38 -37.83
C LEU B 237 -18.05 -30.70 -38.87
N SER B 238 -17.89 -30.10 -40.04
CA SER B 238 -18.63 -30.53 -41.19
C SER B 238 -17.73 -30.89 -42.37
N GLU B 239 -18.33 -31.00 -43.53
CA GLU B 239 -17.63 -31.50 -44.67
C GLU B 239 -16.25 -30.86 -44.79
N TYR B 240 -16.20 -29.55 -44.85
CA TYR B 240 -14.93 -28.87 -45.05
C TYR B 240 -14.77 -27.67 -44.17
N THR B 241 -15.47 -27.65 -43.05
CA THR B 241 -15.53 -26.50 -42.20
C THR B 241 -15.44 -26.90 -40.75
N ALA B 242 -14.72 -26.09 -40.00
CA ALA B 242 -14.58 -26.22 -38.58
C ALA B 242 -15.35 -25.14 -37.89
N HIS B 243 -16.06 -25.56 -36.86
CA HIS B 243 -16.93 -24.70 -36.08
C HIS B 243 -16.46 -24.59 -34.63
N PHE B 244 -16.40 -23.38 -34.10
CA PHE B 244 -15.77 -23.14 -32.80
C PHE B 244 -16.74 -22.66 -31.72
N SER B 245 -16.34 -22.77 -30.48
CA SER B 245 -17.16 -22.37 -29.36
C SER B 245 -17.67 -20.94 -29.38
N ASP B 246 -16.96 -20.07 -30.07
CA ASP B 246 -17.31 -18.65 -30.21
C ASP B 246 -18.33 -18.35 -31.30
N GLY B 247 -18.88 -19.40 -31.90
CA GLY B 247 -19.87 -19.23 -32.97
C GLY B 247 -19.23 -18.98 -34.34
N THR B 248 -17.90 -18.95 -34.40
CA THR B 248 -17.26 -18.80 -35.69
C THR B 248 -17.04 -20.10 -36.44
N SER B 249 -16.73 -19.98 -37.72
CA SER B 249 -16.54 -21.10 -38.60
C SER B 249 -15.43 -20.79 -39.57
N THR B 250 -14.63 -21.75 -39.93
CA THR B 250 -13.61 -21.54 -40.93
C THR B 250 -13.44 -22.76 -41.79
N ASP B 251 -13.29 -22.55 -43.08
CA ASP B 251 -13.07 -23.65 -43.98
C ASP B 251 -11.60 -24.07 -43.89
N VAL B 252 -11.36 -25.36 -43.81
CA VAL B 252 -10.01 -25.85 -43.71
C VAL B 252 -9.85 -27.07 -44.57
N ASP B 253 -8.70 -27.20 -45.20
CA ASP B 253 -8.32 -28.35 -45.95
C ASP B 253 -7.75 -29.49 -45.12
N GLU B 254 -7.14 -29.11 -44.02
CA GLU B 254 -6.35 -30.02 -43.22
C GLU B 254 -6.66 -29.80 -41.75
N ILE B 255 -6.78 -30.91 -41.01
CA ILE B 255 -6.80 -30.88 -39.55
C ILE B 255 -5.65 -31.73 -39.02
N LEU B 256 -4.91 -31.12 -38.12
CA LEU B 256 -3.79 -31.75 -37.47
C LEU B 256 -4.07 -31.83 -35.99
N TYR B 257 -4.11 -33.01 -35.49
CA TYR B 257 -4.39 -33.24 -34.12
C TYR B 257 -3.09 -33.25 -33.27
N CYS B 258 -2.91 -32.22 -32.48
CA CYS B 258 -1.84 -32.20 -31.51
C CYS B 258 -2.43 -32.47 -30.14
N THR B 259 -3.08 -33.60 -30.01
CA THR B 259 -3.88 -33.88 -28.84
C THR B 259 -3.25 -34.97 -27.97
N GLY B 260 -1.97 -35.20 -28.18
CA GLY B 260 -1.23 -36.11 -27.33
C GLY B 260 -1.55 -37.56 -27.62
N TYR B 261 -1.23 -38.41 -26.65
CA TYR B 261 -1.21 -39.84 -26.88
C TYR B 261 -1.89 -40.60 -25.76
N ARG B 262 -1.98 -41.90 -25.91
CA ARG B 262 -2.44 -42.73 -24.82
C ARG B 262 -1.43 -43.81 -24.50
N TYR B 263 -1.46 -44.31 -23.28
CA TYR B 263 -0.61 -45.43 -22.91
C TYR B 263 -1.03 -46.67 -23.67
N ARG B 264 -0.04 -47.42 -24.13
CA ARG B 264 -0.29 -48.64 -24.89
C ARG B 264 0.94 -49.52 -24.75
N PHE B 265 0.73 -50.70 -24.19
CA PHE B 265 1.76 -51.68 -23.97
C PHE B 265 1.21 -53.02 -24.41
N PRO B 266 1.19 -53.27 -25.73
CA PRO B 266 0.45 -54.40 -26.32
C PRO B 266 1.01 -55.74 -25.87
N PHE B 267 2.28 -55.75 -25.49
CA PHE B 267 2.95 -56.97 -25.10
C PHE B 267 2.59 -57.45 -23.70
N LEU B 268 1.93 -56.60 -22.91
CA LEU B 268 1.61 -56.97 -21.54
C LEU B 268 0.41 -57.91 -21.52
N SER B 269 0.64 -59.17 -21.17
CA SER B 269 -0.46 -60.10 -20.98
C SER B 269 -1.25 -59.67 -19.76
N PRO B 270 -2.56 -59.99 -19.75
CA PRO B 270 -3.41 -59.62 -18.61
C PRO B 270 -2.86 -60.15 -17.28
N GLU B 271 -2.16 -61.28 -17.34
CA GLU B 271 -1.57 -61.84 -16.13
C GLU B 271 -0.49 -61.00 -15.48
N CYS B 272 0.06 -60.03 -16.21
CA CYS B 272 1.07 -59.14 -15.63
C CYS B 272 0.48 -58.30 -14.51
N GLY B 273 -0.85 -58.14 -14.51
CA GLY B 273 -1.52 -57.47 -13.42
C GLY B 273 -1.62 -55.96 -13.57
N VAL B 274 -1.29 -55.48 -14.76
CA VAL B 274 -1.36 -54.05 -15.02
C VAL B 274 -2.61 -53.76 -15.84
N THR B 275 -3.34 -52.71 -15.47
CA THR B 275 -4.44 -52.22 -16.29
C THR B 275 -3.98 -50.94 -16.99
N VAL B 276 -4.13 -50.89 -18.31
CA VAL B 276 -3.67 -49.73 -19.08
C VAL B 276 -4.88 -49.02 -19.66
N ASP B 277 -5.12 -47.83 -19.13
CA ASP B 277 -6.16 -46.97 -19.68
C ASP B 277 -5.49 -45.86 -20.46
N GLU B 278 -6.30 -44.99 -21.07
CA GLU B 278 -5.76 -43.97 -21.94
C GLU B 278 -4.73 -43.05 -21.28
N LYS B 279 -5.03 -42.63 -20.06
CA LYS B 279 -4.16 -41.70 -19.35
C LYS B 279 -3.73 -42.25 -18.00
N TYR B 280 -3.97 -43.54 -17.76
CA TYR B 280 -3.79 -44.11 -16.43
C TYR B 280 -3.27 -45.54 -16.53
N VAL B 281 -2.16 -45.80 -15.87
CA VAL B 281 -1.58 -47.13 -15.81
C VAL B 281 -1.58 -47.54 -14.38
N TYR B 282 -2.11 -48.73 -14.10
CA TYR B 282 -2.31 -49.12 -12.71
C TYR B 282 -2.27 -50.61 -12.47
N PRO B 283 -1.91 -51.04 -11.24
CA PRO B 283 -1.56 -50.18 -10.10
C PRO B 283 -0.06 -49.95 -9.97
N LEU B 284 0.36 -48.71 -10.10
CA LEU B 284 1.79 -48.42 -9.97
C LEU B 284 2.11 -47.65 -8.70
N TYR B 285 3.21 -48.04 -8.05
CA TYR B 285 3.72 -47.27 -6.91
C TYR B 285 4.74 -46.29 -7.46
N LEU B 286 4.51 -45.00 -7.19
CA LEU B 286 5.41 -43.93 -7.64
C LEU B 286 5.65 -43.94 -9.15
N HIS B 287 4.63 -44.34 -9.91
CA HIS B 287 4.71 -44.40 -11.37
C HIS B 287 5.68 -45.45 -11.92
N MET B 288 6.14 -46.36 -11.06
CA MET B 288 7.18 -47.31 -11.44
C MET B 288 6.86 -48.77 -11.15
N LEU B 289 6.54 -49.06 -9.90
CA LEU B 289 6.47 -50.43 -9.44
C LEU B 289 5.07 -51.05 -9.64
N ASN B 290 5.01 -52.19 -10.32
CA ASN B 290 3.76 -52.95 -10.46
C ASN B 290 3.44 -53.56 -9.10
N ILE B 291 2.50 -52.96 -8.38
CA ILE B 291 2.12 -53.42 -7.05
C ILE B 291 1.68 -54.90 -7.08
N ASN B 292 0.95 -55.30 -8.13
CA ASN B 292 0.53 -56.70 -8.25
C ASN B 292 1.68 -57.67 -8.51
N LYS B 293 2.67 -57.23 -9.30
CA LYS B 293 3.81 -58.08 -9.62
C LYS B 293 5.06 -57.23 -9.49
N PRO B 294 5.59 -57.12 -8.27
CA PRO B 294 6.63 -56.12 -8.00
C PRO B 294 8.00 -56.37 -8.63
N THR B 295 8.14 -57.41 -9.44
CA THR B 295 9.39 -57.56 -10.18
C THR B 295 9.24 -57.04 -11.60
N MET B 296 8.09 -56.45 -11.87
CA MET B 296 7.92 -55.65 -13.07
C MET B 296 7.89 -54.18 -12.70
N LEU B 297 8.71 -53.39 -13.36
CA LEU B 297 8.69 -51.95 -13.11
C LEU B 297 8.69 -51.17 -14.40
N PHE B 298 8.24 -49.93 -14.33
CA PHE B 298 8.18 -49.07 -15.50
C PHE B 298 9.06 -47.86 -15.26
N ILE B 299 9.75 -47.39 -16.30
CA ILE B 299 10.41 -46.09 -16.26
C ILE B 299 9.84 -45.21 -17.37
N GLY B 300 9.50 -43.97 -17.06
CA GLY B 300 9.00 -43.07 -18.11
C GLY B 300 7.51 -43.08 -18.38
N VAL B 301 6.74 -43.64 -17.44
CA VAL B 301 5.29 -43.53 -17.48
C VAL B 301 4.84 -42.15 -17.00
N SER B 302 5.51 -41.64 -15.96
CA SER B 302 5.26 -40.28 -15.49
C SER B 302 5.78 -39.32 -16.54
N TYR B 303 5.26 -38.10 -16.58
CA TYR B 303 5.71 -37.13 -17.56
C TYR B 303 5.41 -35.71 -17.12
N ASN B 304 5.75 -34.74 -17.98
CA ASN B 304 5.70 -33.32 -17.63
C ASN B 304 6.58 -32.97 -16.45
N ALA B 305 7.88 -33.06 -16.65
CA ALA B 305 8.85 -32.87 -15.58
C ALA B 305 10.21 -32.60 -16.21
N CYS B 306 11.23 -32.38 -15.39
CA CYS B 306 12.59 -32.33 -15.90
C CYS B 306 13.06 -33.76 -16.19
N TYR B 307 13.02 -34.14 -17.46
CA TYR B 307 13.17 -35.54 -17.83
C TYR B 307 14.52 -36.18 -17.51
N SER B 308 15.63 -35.45 -17.65
CA SER B 308 16.95 -35.96 -17.31
C SER B 308 16.97 -36.49 -15.87
N ILE B 309 16.50 -35.67 -14.96
CA ILE B 309 16.46 -36.04 -13.55
C ILE B 309 15.47 -37.19 -13.33
N MET B 310 14.35 -37.13 -14.03
CA MET B 310 13.32 -38.16 -13.86
C MET B 310 13.84 -39.53 -14.27
N PHE B 311 14.48 -39.60 -15.44
CA PHE B 311 15.03 -40.86 -15.93
C PHE B 311 16.10 -41.36 -14.98
N ASP B 312 17.01 -40.46 -14.65
CA ASP B 312 18.13 -40.79 -13.77
C ASP B 312 17.67 -41.38 -12.44
N LEU B 313 16.78 -40.66 -11.75
CA LEU B 313 16.27 -41.13 -10.45
C LEU B 313 15.39 -42.37 -10.56
N GLN B 314 14.50 -42.42 -11.56
CA GLN B 314 13.64 -43.60 -11.66
C GLN B 314 14.48 -44.85 -11.92
N ALA B 315 15.50 -44.74 -12.77
CA ALA B 315 16.39 -45.86 -13.03
C ALA B 315 17.12 -46.30 -11.76
N GLN B 316 17.56 -45.33 -10.97
CA GLN B 316 18.28 -45.65 -9.74
C GLN B 316 17.32 -46.26 -8.74
N TRP B 317 16.07 -45.81 -8.76
CA TRP B 317 15.09 -46.32 -7.83
C TRP B 317 14.73 -47.75 -8.16
N VAL B 318 14.46 -48.01 -9.44
CA VAL B 318 14.16 -49.35 -9.91
C VAL B 318 15.31 -50.30 -9.59
N THR B 319 16.52 -49.87 -9.89
CA THR B 319 17.70 -50.65 -9.57
C THR B 319 17.79 -50.96 -8.07
N ALA B 320 17.53 -49.96 -7.24
CA ALA B 320 17.57 -50.12 -5.79
C ALA B 320 16.53 -51.14 -5.30
N VAL B 321 15.33 -51.11 -5.88
CA VAL B 321 14.29 -52.09 -5.53
C VAL B 321 14.74 -53.50 -5.90
N LEU B 322 15.25 -53.65 -7.11
CA LEU B 322 15.64 -54.96 -7.59
C LEU B 322 16.85 -55.50 -6.81
N ALA B 323 17.69 -54.59 -6.32
CA ALA B 323 18.89 -54.97 -5.57
C ALA B 323 18.62 -55.22 -4.09
N GLY B 324 17.41 -54.94 -3.64
CA GLY B 324 17.05 -55.12 -2.25
C GLY B 324 17.54 -54.02 -1.33
N ARG B 325 17.90 -52.89 -1.92
CA ARG B 325 18.42 -51.71 -1.20
C ARG B 325 17.39 -50.62 -0.96
N CYS B 326 16.23 -50.74 -1.58
CA CYS B 326 15.21 -49.73 -1.42
C CYS B 326 14.16 -50.45 -0.60
N THR B 327 13.77 -49.88 0.53
CA THR B 327 12.78 -50.54 1.37
C THR B 327 11.40 -50.04 1.01
N LEU B 328 10.59 -50.92 0.45
CA LEU B 328 9.28 -50.52 -0.03
C LEU B 328 8.25 -50.73 1.06
N PRO B 329 7.19 -49.91 1.06
CA PRO B 329 6.10 -50.22 1.97
C PRO B 329 5.47 -51.54 1.57
N ASP B 330 4.65 -52.12 2.45
CA ASP B 330 3.95 -53.32 2.02
C ASP B 330 2.93 -52.92 0.97
N ALA B 331 2.40 -53.91 0.25
CA ALA B 331 1.46 -53.65 -0.83
C ALA B 331 0.24 -52.83 -0.40
N GLU B 332 -0.29 -53.11 0.79
CA GLU B 332 -1.47 -52.37 1.29
C GLU B 332 -1.22 -50.88 1.35
N THR B 333 -0.04 -50.51 1.85
CA THR B 333 0.32 -49.11 1.99
C THR B 333 0.55 -48.47 0.62
N MET B 334 1.13 -49.24 -0.28
CA MET B 334 1.38 -48.75 -1.63
C MET B 334 0.06 -48.46 -2.35
N ARG B 335 -0.93 -49.32 -2.16
CA ARG B 335 -2.24 -49.08 -2.77
C ARG B 335 -2.86 -47.85 -2.16
N LYS B 336 -2.70 -47.69 -0.85
CA LYS B 336 -3.25 -46.52 -0.18
C LYS B 336 -2.60 -45.22 -0.65
N GLU B 337 -1.28 -45.23 -0.80
CA GLU B 337 -0.61 -44.04 -1.26
C GLU B 337 -0.96 -43.72 -2.72
N GLU B 338 -1.07 -44.75 -3.56
CA GLU B 338 -1.43 -44.53 -4.96
C GLU B 338 -2.82 -43.88 -5.07
N ALA B 339 -3.78 -44.42 -4.33
CA ALA B 339 -5.14 -43.91 -4.37
C ALA B 339 -5.21 -42.46 -3.92
N GLU B 340 -4.48 -42.14 -2.86
CA GLU B 340 -4.46 -40.78 -2.33
C GLU B 340 -3.77 -39.85 -3.31
N TYR B 341 -2.71 -40.35 -3.94
CA TYR B 341 -1.99 -39.57 -4.95
C TYR B 341 -2.92 -39.27 -6.13
N MET B 342 -3.65 -40.29 -6.59
CA MET B 342 -4.51 -40.12 -7.75
C MET B 342 -5.70 -39.22 -7.44
N GLU B 343 -6.16 -39.24 -6.20
CA GLU B 343 -7.24 -38.36 -5.76
C GLU B 343 -6.78 -36.93 -5.82
N LYS B 344 -5.54 -36.71 -5.41
CA LYS B 344 -4.99 -35.38 -5.42
C LYS B 344 -4.74 -34.90 -6.86
N GLN B 345 -4.35 -35.79 -7.76
CA GLN B 345 -4.20 -35.43 -9.17
C GLN B 345 -5.52 -34.89 -9.73
N ARG B 346 -6.62 -35.56 -9.39
CA ARG B 346 -7.92 -35.11 -9.87
C ARG B 346 -8.26 -33.71 -9.32
N ALA B 347 -7.94 -33.47 -8.05
CA ALA B 347 -8.21 -32.21 -7.40
C ALA B 347 -7.41 -31.08 -8.04
N GLU B 348 -6.21 -31.39 -8.49
CA GLU B 348 -5.35 -30.38 -9.10
C GLU B 348 -5.59 -30.30 -10.59
N ALA B 349 -6.55 -31.11 -11.06
CA ALA B 349 -6.95 -31.12 -12.48
C ALA B 349 -5.80 -31.46 -13.43
N VAL B 350 -5.00 -32.45 -13.07
CA VAL B 350 -3.98 -32.95 -13.98
C VAL B 350 -4.19 -34.43 -14.16
N HIS B 351 -3.65 -34.96 -15.26
CA HIS B 351 -3.79 -36.39 -15.54
C HIS B 351 -2.96 -37.19 -14.54
N PRO B 352 -3.32 -38.47 -14.34
CA PRO B 352 -2.73 -39.32 -13.29
C PRO B 352 -1.22 -39.29 -13.17
N HIS B 353 -0.51 -39.26 -14.29
CA HIS B 353 0.95 -39.40 -14.21
C HIS B 353 1.69 -38.08 -14.49
N VAL B 354 1.03 -36.95 -14.33
CA VAL B 354 1.65 -35.65 -14.56
C VAL B 354 2.38 -35.18 -13.29
N LEU B 355 3.68 -34.90 -13.42
CA LEU B 355 4.50 -34.60 -12.25
C LEU B 355 4.68 -33.11 -11.99
N MET B 356 4.33 -32.27 -12.97
CA MET B 356 4.69 -30.85 -12.99
C MET B 356 4.44 -30.09 -11.69
N ASN B 357 3.33 -30.37 -11.01
CA ASN B 357 3.04 -29.61 -9.80
C ASN B 357 3.91 -30.00 -8.60
N HIS B 358 4.53 -31.18 -8.64
CA HIS B 358 5.24 -31.69 -7.46
C HIS B 358 6.51 -32.47 -7.78
N GLN B 359 7.14 -32.19 -8.92
CA GLN B 359 8.27 -33.02 -9.36
C GLN B 359 9.46 -32.98 -8.41
N TRP B 360 9.75 -31.81 -7.85
CA TRP B 360 10.94 -31.67 -7.01
C TRP B 360 10.77 -32.45 -5.72
N GLU B 361 9.56 -32.44 -5.16
CA GLU B 361 9.28 -33.26 -3.99
C GLU B 361 9.30 -34.75 -4.33
N TYR B 362 8.74 -35.08 -5.48
CA TYR B 362 8.76 -36.45 -5.96
C TYR B 362 10.19 -36.93 -6.19
N PHE B 363 11.02 -36.09 -6.82
CA PHE B 363 12.41 -36.44 -7.00
C PHE B 363 13.12 -36.62 -5.65
N LYS B 364 12.84 -35.76 -4.70
CA LYS B 364 13.45 -35.87 -3.37
C LYS B 364 13.10 -37.21 -2.74
N LYS B 365 11.84 -37.65 -2.90
CA LYS B 365 11.41 -38.93 -2.35
C LYS B 365 12.16 -40.08 -3.02
N LEU B 366 12.32 -40.01 -4.35
CA LEU B 366 13.08 -41.05 -5.06
C LEU B 366 14.52 -41.14 -4.58
N GLU B 367 15.10 -39.96 -4.33
CA GLU B 367 16.45 -39.85 -3.80
C GLU B 367 16.58 -40.53 -2.45
N GLU B 368 15.71 -40.16 -1.52
CA GLU B 368 15.74 -40.74 -0.17
C GLU B 368 15.60 -42.25 -0.18
N MET B 369 14.70 -42.76 -1.01
CA MET B 369 14.47 -44.21 -1.04
C MET B 369 15.54 -45.03 -1.73
N SER B 370 16.19 -44.45 -2.74
CA SER B 370 17.10 -45.20 -3.60
C SER B 370 18.58 -45.12 -3.22
N GLY B 371 18.95 -44.08 -2.47
CA GLY B 371 20.35 -43.84 -2.13
C GLY B 371 21.06 -43.07 -3.23
N ALA B 372 20.27 -42.55 -4.16
CA ALA B 372 20.82 -41.77 -5.25
C ALA B 372 21.47 -40.49 -4.74
N LYS B 373 22.46 -40.01 -5.48
CA LYS B 373 23.08 -38.73 -5.22
C LYS B 373 22.04 -37.62 -5.31
N THR B 374 22.12 -36.66 -4.39
CA THR B 374 21.20 -35.52 -4.41
C THR B 374 21.39 -34.72 -5.70
N MET B 375 20.26 -34.34 -6.31
CA MET B 375 20.28 -33.53 -7.51
C MET B 375 20.85 -32.16 -7.20
N PRO B 376 21.74 -31.65 -8.08
CA PRO B 376 22.20 -30.26 -7.92
C PRO B 376 21.02 -29.30 -8.01
N PRO B 377 20.83 -28.46 -6.98
CA PRO B 377 19.69 -27.54 -6.93
C PRO B 377 19.55 -26.63 -8.15
N VAL B 378 20.65 -26.41 -8.88
CA VAL B 378 20.64 -25.55 -10.06
C VAL B 378 19.68 -26.08 -11.14
N TYR B 379 19.48 -27.40 -11.21
CA TYR B 379 18.48 -27.98 -12.14
C TYR B 379 17.07 -27.44 -11.85
N MET B 380 16.70 -27.39 -10.59
CA MET B 380 15.41 -26.85 -10.21
C MET B 380 15.28 -25.35 -10.49
N LYS B 381 16.30 -24.61 -10.07
CA LYS B 381 16.31 -23.17 -10.29
C LYS B 381 16.23 -22.86 -11.77
N MET B 382 17.03 -23.53 -12.57
CA MET B 382 17.03 -23.25 -13.99
C MET B 382 15.75 -23.74 -14.67
N PHE B 383 15.32 -24.96 -14.35
CA PHE B 383 14.08 -25.48 -14.92
C PHE B 383 12.91 -24.57 -14.59
N ASP B 384 12.75 -24.23 -13.31
CA ASP B 384 11.68 -23.35 -12.90
C ASP B 384 11.73 -22.02 -13.65
N ASP B 385 12.94 -21.55 -13.95
CA ASP B 385 13.09 -20.31 -14.73
C ASP B 385 12.77 -20.41 -16.21
N VAL B 386 13.22 -21.47 -16.90
CA VAL B 386 13.15 -21.48 -18.36
C VAL B 386 12.19 -22.46 -19.06
N ALA B 387 11.59 -23.39 -18.32
CA ALA B 387 10.83 -24.47 -18.94
C ALA B 387 9.62 -23.96 -19.71
N SER B 388 9.06 -22.85 -19.23
CA SER B 388 7.85 -22.30 -19.81
C SER B 388 8.15 -21.29 -20.93
N ASP B 389 9.42 -21.08 -21.25
CA ASP B 389 9.79 -20.08 -22.26
C ASP B 389 9.21 -20.38 -23.64
N LEU B 390 8.97 -21.65 -23.90
CA LEU B 390 8.31 -22.09 -25.12
C LEU B 390 6.97 -21.39 -25.32
N VAL B 391 6.18 -21.28 -24.25
CA VAL B 391 4.86 -20.66 -24.40
C VAL B 391 4.86 -19.15 -24.20
N LYS B 392 5.94 -18.61 -23.64
CA LYS B 392 5.99 -17.17 -23.41
C LYS B 392 6.77 -16.43 -24.48
N ASP B 393 7.67 -17.13 -25.17
CA ASP B 393 8.51 -16.49 -26.18
C ASP B 393 8.87 -17.48 -27.27
N LEU B 394 7.83 -18.09 -27.84
CA LEU B 394 7.96 -19.17 -28.81
C LEU B 394 8.94 -18.90 -29.95
N GLN B 395 8.84 -17.73 -30.58
CA GLN B 395 9.65 -17.50 -31.77
C GLN B 395 11.11 -17.22 -31.44
N ASN B 396 11.39 -16.86 -30.19
CA ASN B 396 12.72 -16.38 -29.86
C ASN B 396 13.45 -17.09 -28.71
N PHE B 397 12.75 -17.90 -27.92
CA PHE B 397 13.38 -18.46 -26.71
C PHE B 397 14.59 -19.34 -27.04
N ARG B 398 14.60 -19.93 -28.23
CA ARG B 398 15.70 -20.83 -28.56
C ARG B 398 17.01 -20.10 -28.87
N LYS B 399 16.98 -18.77 -28.91
CA LYS B 399 18.21 -18.00 -29.09
C LYS B 399 18.97 -17.84 -27.77
N ASN B 400 18.30 -18.08 -26.64
CA ASN B 400 18.95 -17.94 -25.34
C ASN B 400 19.97 -19.06 -25.11
N ASN B 401 21.10 -18.70 -24.52
CA ASN B 401 22.15 -19.67 -24.20
C ASN B 401 22.49 -19.57 -22.73
N TYR B 402 22.80 -20.72 -22.13
CA TYR B 402 23.02 -20.77 -20.69
C TYR B 402 24.29 -21.51 -20.35
N MET B 403 24.74 -21.34 -19.12
CA MET B 403 25.88 -22.09 -18.66
C MET B 403 25.65 -22.36 -17.20
N ILE B 404 25.82 -23.62 -16.80
CA ILE B 404 25.83 -23.93 -15.37
C ILE B 404 27.17 -23.49 -14.75
N ILE B 405 27.11 -22.67 -13.70
CA ILE B 405 28.30 -22.18 -13.02
C ILE B 405 28.76 -23.18 -11.97
N ASP B 406 27.82 -23.65 -11.15
CA ASP B 406 28.13 -24.68 -10.16
C ASP B 406 26.83 -25.41 -9.82
N ASN B 407 26.81 -26.17 -8.74
CA ASN B 407 25.60 -26.92 -8.39
C ASN B 407 24.42 -26.03 -7.97
N GLU B 408 24.69 -24.76 -7.71
CA GLU B 408 23.67 -23.85 -7.20
C GLU B 408 23.30 -22.73 -8.17
N ASN B 409 24.17 -22.44 -9.13
CA ASN B 409 23.98 -21.26 -9.98
C ASN B 409 24.18 -21.50 -11.46
N TYR B 410 23.48 -20.72 -12.27
CA TYR B 410 23.67 -20.75 -13.70
C TYR B 410 23.61 -19.29 -14.16
N LYS B 411 23.98 -19.03 -15.40
CA LYS B 411 23.84 -17.69 -15.94
C LYS B 411 23.47 -17.76 -17.40
N LYS B 412 22.77 -16.73 -17.86
CA LYS B 412 22.53 -16.61 -19.28
C LYS B 412 23.79 -16.07 -19.93
N ILE B 413 24.14 -16.61 -21.09
CA ILE B 413 25.30 -16.11 -21.81
C ILE B 413 24.83 -15.01 -22.76
N MET C 1 3.64 65.72 29.50
CA MET C 1 3.27 64.32 29.51
C MET C 1 2.88 63.95 30.91
N ARG C 2 1.71 64.36 31.33
CA ARG C 2 1.13 63.83 32.54
C ARG C 2 -0.21 63.12 32.31
N ARG C 3 -0.97 63.56 31.32
CA ARG C 3 -2.32 63.06 31.17
C ARG C 3 -2.43 62.04 30.05
N VAL C 4 -2.78 60.84 30.47
CA VAL C 4 -2.93 59.71 29.58
C VAL C 4 -4.35 59.10 29.61
N ALA C 5 -4.94 58.95 28.45
CA ALA C 5 -6.25 58.31 28.34
C ALA C 5 -6.07 56.86 28.02
N VAL C 6 -6.74 56.00 28.76
CA VAL C 6 -6.76 54.58 28.42
C VAL C 6 -8.16 54.22 27.95
N LEU C 7 -8.25 53.65 26.75
CA LEU C 7 -9.56 53.35 26.18
C LEU C 7 -9.88 51.90 26.41
N GLY C 8 -10.75 51.63 27.38
CA GLY C 8 -11.13 50.27 27.73
C GLY C 8 -10.60 49.79 29.08
N ALA C 9 -11.45 49.09 29.84
CA ALA C 9 -11.07 48.57 31.17
C ALA C 9 -11.18 47.06 31.20
N GLY C 10 -10.79 46.43 30.11
CA GLY C 10 -10.52 45.01 30.15
C GLY C 10 -9.10 44.82 30.62
N PRO C 11 -8.62 43.57 30.54
CA PRO C 11 -7.25 43.18 30.89
C PRO C 11 -6.17 44.11 30.30
N SER C 12 -6.30 44.47 29.04
CA SER C 12 -5.29 45.33 28.40
C SER C 12 -5.27 46.69 29.10
N GLY C 13 -6.43 47.27 29.21
CA GLY C 13 -6.58 48.57 29.80
C GLY C 13 -6.21 48.64 31.29
N LEU C 14 -6.59 47.61 32.01
CA LEU C 14 -6.34 47.51 33.43
C LEU C 14 -4.84 47.39 33.66
N THR C 15 -4.21 46.57 32.84
CA THR C 15 -2.80 46.37 32.95
C THR C 15 -2.10 47.66 32.63
N ALA C 16 -2.58 48.37 31.63
CA ALA C 16 -2.03 49.64 31.27
C ALA C 16 -2.16 50.63 32.38
N ALA C 17 -3.32 50.69 32.99
CA ALA C 17 -3.56 51.63 34.06
C ALA C 17 -2.60 51.38 35.24
N ARG C 18 -2.31 50.13 35.53
CA ARG C 18 -1.45 49.80 36.64
C ARG C 18 -0.07 50.39 36.50
N TYR C 19 0.55 50.15 35.35
CA TYR C 19 1.87 50.68 35.09
C TYR C 19 1.94 52.18 34.86
N LEU C 20 0.94 52.70 34.17
CA LEU C 20 0.90 54.09 33.92
C LEU C 20 0.77 54.83 35.25
N LYS C 21 -0.07 54.34 36.13
CA LYS C 21 -0.28 54.95 37.42
C LYS C 21 1.00 54.89 38.23
N GLN C 22 1.67 53.77 38.17
CA GLN C 22 2.92 53.55 38.90
C GLN C 22 4.02 54.50 38.42
N ALA C 23 3.94 54.90 37.16
CA ALA C 23 4.91 55.77 36.54
C ALA C 23 4.63 57.24 36.77
N GLY C 24 3.57 57.53 37.48
CA GLY C 24 3.25 58.88 37.84
C GLY C 24 2.38 59.68 36.91
N PHE C 25 1.87 59.06 35.87
CA PHE C 25 0.95 59.73 34.98
C PHE C 25 -0.39 60.01 35.65
N GLU C 26 -1.04 61.04 35.16
CA GLU C 26 -2.42 61.30 35.46
C GLU C 26 -3.22 60.45 34.46
N VAL C 27 -3.84 59.40 34.95
CA VAL C 27 -4.48 58.41 34.14
C VAL C 27 -6.02 58.51 34.18
N MET C 28 -6.65 58.48 33.02
CA MET C 28 -8.09 58.35 32.99
C MET C 28 -8.46 57.21 32.06
N VAL C 29 -9.22 56.26 32.60
CA VAL C 29 -9.65 55.11 31.83
C VAL C 29 -11.11 55.27 31.47
N PHE C 30 -11.41 55.13 30.17
CA PHE C 30 -12.79 55.16 29.74
C PHE C 30 -13.24 53.73 29.42
N GLU C 31 -14.38 53.37 30.00
CA GLU C 31 -14.96 52.04 29.83
C GLU C 31 -16.45 52.18 29.66
N ARG C 32 -16.98 51.65 28.55
CA ARG C 32 -18.39 51.79 28.27
C ARG C 32 -19.27 50.96 29.22
N TYR C 33 -18.71 49.88 29.76
CA TYR C 33 -19.49 48.98 30.61
C TYR C 33 -19.61 49.51 32.03
N HIS C 34 -20.41 48.85 32.83
CA HIS C 34 -20.60 49.24 34.21
C HIS C 34 -19.74 48.44 35.13
N HIS C 35 -18.83 47.67 34.56
CA HIS C 35 -17.94 46.82 35.27
C HIS C 35 -16.63 46.65 34.48
N VAL C 36 -15.52 46.50 35.20
CA VAL C 36 -14.24 46.31 34.55
C VAL C 36 -14.13 44.88 34.17
N GLY C 37 -13.16 44.57 33.33
CA GLY C 37 -12.87 43.20 33.04
C GLY C 37 -13.13 42.79 31.61
N GLY C 38 -13.68 43.69 30.86
CA GLY C 38 -13.86 43.46 29.43
C GLY C 38 -14.69 42.25 29.09
N THR C 39 -14.16 41.42 28.19
CA THR C 39 -14.86 40.26 27.64
C THR C 39 -15.17 39.23 28.72
N TRP C 40 -14.51 39.34 29.88
CA TRP C 40 -14.78 38.42 30.98
C TRP C 40 -16.13 38.65 31.63
N ASN C 41 -16.74 39.79 31.33
CA ASN C 41 -18.10 40.06 31.74
C ASN C 41 -19.11 39.32 30.86
N TYR C 42 -20.01 38.58 31.49
CA TYR C 42 -21.12 37.97 30.77
C TYR C 42 -22.34 38.89 30.79
N THR C 43 -22.99 39.03 29.64
CA THR C 43 -24.27 39.75 29.55
C THR C 43 -25.22 39.00 28.63
N ASP C 44 -26.50 39.04 28.96
CA ASP C 44 -27.50 38.44 28.08
C ASP C 44 -27.63 39.26 26.80
N GLU C 45 -27.25 40.53 26.87
CA GLU C 45 -27.37 41.41 25.71
C GLU C 45 -26.40 41.02 24.59
N THR C 46 -26.83 41.28 23.37
CA THR C 46 -26.02 41.05 22.21
C THR C 46 -26.18 42.18 21.22
N TRP C 47 -25.13 42.40 20.47
CA TRP C 47 -25.02 43.42 19.44
C TRP C 47 -25.11 44.85 19.89
N MET C 48 -26.26 45.25 20.37
CA MET C 48 -26.50 46.57 20.90
C MET C 48 -27.16 46.46 22.23
N SER C 49 -26.76 47.33 23.12
CA SER C 49 -27.32 47.33 24.45
C SER C 49 -28.51 48.27 24.52
N GLU C 50 -29.38 48.04 25.50
CA GLU C 50 -30.48 48.96 25.75
C GLU C 50 -29.97 50.37 26.08
N ASP C 51 -28.70 50.50 26.50
CA ASP C 51 -28.11 51.82 26.78
C ASP C 51 -27.78 52.66 25.54
N GLY C 52 -27.94 52.08 24.36
CA GLY C 52 -27.78 52.84 23.13
C GLY C 52 -26.42 52.70 22.47
N ARG C 53 -25.59 51.82 23.03
CA ARG C 53 -24.26 51.58 22.47
C ARG C 53 -24.01 50.09 22.29
N PRO C 54 -23.02 49.72 21.46
CA PRO C 54 -22.76 48.31 21.19
C PRO C 54 -22.42 47.46 22.40
N VAL C 55 -22.72 46.17 22.26
CA VAL C 55 -22.28 45.19 23.23
C VAL C 55 -20.97 44.63 22.72
N TYR C 56 -19.94 44.73 23.55
CA TYR C 56 -18.60 44.33 23.14
C TYR C 56 -18.19 42.96 23.63
N SER C 57 -18.96 42.43 24.57
CA SER C 57 -18.61 41.14 25.15
C SER C 57 -19.08 40.02 24.25
N SER C 58 -18.25 39.00 24.08
CA SER C 58 -18.66 37.83 23.34
C SER C 58 -18.68 36.60 24.25
N MET C 59 -18.64 36.85 25.56
CA MET C 59 -18.66 35.79 26.56
C MET C 59 -20.00 35.08 26.56
N TYR C 60 -19.97 33.77 26.75
CA TYR C 60 -21.19 32.98 26.88
C TYR C 60 -21.32 32.22 28.21
N GLN C 61 -22.47 31.58 28.45
CA GLN C 61 -22.69 30.89 29.72
C GLN C 61 -21.83 29.65 29.88
N ASN C 62 -21.40 29.38 31.11
CA ASN C 62 -20.67 28.17 31.43
C ASN C 62 -19.37 28.00 30.65
N LEU C 63 -18.70 29.11 30.37
CA LEU C 63 -17.42 29.01 29.70
C LEU C 63 -16.37 28.71 30.75
N PHE C 64 -15.41 27.86 30.37
CA PHE C 64 -14.24 27.64 31.18
C PHE C 64 -13.04 28.02 30.34
N VAL C 65 -11.98 28.47 31.00
CA VAL C 65 -10.77 28.91 30.30
C VAL C 65 -10.12 27.76 29.52
N ASN C 66 -9.36 28.10 28.48
CA ASN C 66 -8.69 27.09 27.67
C ASN C 66 -7.21 27.01 27.96
N LEU C 67 -6.82 27.63 29.07
CA LEU C 67 -5.43 27.68 29.44
C LEU C 67 -5.44 27.68 30.96
N PRO C 68 -4.48 27.04 31.57
CA PRO C 68 -4.48 26.97 33.02
C PRO C 68 -4.31 28.32 33.66
N LYS C 69 -4.96 28.52 34.78
CA LYS C 69 -4.99 29.78 35.48
C LYS C 69 -3.58 30.21 35.89
N GLU C 70 -2.76 29.26 36.18
CA GLU C 70 -1.38 29.49 36.39
C GLU C 70 -0.73 30.28 35.26
N LEU C 71 -1.18 30.08 34.03
CA LEU C 71 -0.63 30.82 32.88
C LEU C 71 -1.42 32.09 32.59
N MET C 72 -2.61 32.21 33.17
CA MET C 72 -3.44 33.39 32.97
C MET C 72 -3.21 34.50 33.98
N ALA C 73 -2.59 34.16 35.11
CA ALA C 73 -2.25 35.15 36.12
C ALA C 73 -0.97 35.84 35.73
N PHE C 74 -0.87 37.14 36.01
CA PHE C 74 0.39 37.84 35.90
C PHE C 74 1.41 37.25 36.90
N PRO C 75 2.70 37.20 36.52
CA PRO C 75 3.76 36.63 37.36
C PRO C 75 3.82 37.17 38.79
N ASP C 76 3.48 38.45 38.97
CA ASP C 76 3.53 39.04 40.30
C ASP C 76 2.15 39.31 40.91
N PHE C 77 1.13 38.69 40.33
CA PHE C 77 -0.21 38.78 40.90
C PHE C 77 -0.95 37.46 40.69
N PRO C 78 -0.63 36.49 41.52
CA PRO C 78 -1.09 35.14 41.33
C PRO C 78 -2.56 35.01 41.57
N PHE C 79 -3.10 33.94 41.06
CA PHE C 79 -4.52 33.73 41.12
C PHE C 79 -4.93 33.46 42.52
N HIS C 80 -6.12 33.86 42.85
CA HIS C 80 -6.69 33.59 44.16
C HIS C 80 -6.91 32.08 44.33
N ASP C 81 -7.08 31.62 45.56
CA ASP C 81 -7.16 30.21 45.84
C ASP C 81 -8.49 29.66 45.36
N ILE C 82 -8.41 28.71 44.44
CA ILE C 82 -9.57 28.03 43.90
C ILE C 82 -9.09 26.69 43.49
N GLU C 83 -9.92 25.67 43.68
CA GLU C 83 -9.54 24.35 43.24
C GLU C 83 -9.55 24.39 41.74
N GLY C 84 -8.57 23.82 41.11
CA GLY C 84 -8.59 23.64 39.68
C GLY C 84 -7.94 24.71 38.82
N SER C 85 -7.17 24.26 37.85
CA SER C 85 -6.60 25.13 36.87
C SER C 85 -7.52 25.72 35.85
N TYR C 86 -8.40 24.91 35.30
CA TYR C 86 -9.25 25.36 34.22
C TYR C 86 -10.50 25.88 34.80
N VAL C 87 -10.53 27.14 35.13
CA VAL C 87 -11.59 27.71 35.90
C VAL C 87 -12.68 28.23 35.01
N PRO C 88 -13.90 28.39 35.69
CA PRO C 88 -14.92 29.11 34.91
C PRO C 88 -14.65 30.56 34.69
N SER C 89 -15.34 31.18 33.73
CA SER C 89 -15.05 32.57 33.34
C SER C 89 -15.13 33.56 34.50
N LYS C 90 -16.01 33.26 35.44
CA LYS C 90 -16.25 34.14 36.54
C LYS C 90 -15.02 34.37 37.41
N GLU C 91 -14.20 33.36 37.59
CA GLU C 91 -12.96 33.47 38.36
C GLU C 91 -12.02 34.44 37.69
N VAL C 92 -12.04 34.48 36.37
CA VAL C 92 -11.19 35.41 35.66
C VAL C 92 -11.67 36.82 35.85
N LEU C 93 -12.96 37.00 35.87
CA LEU C 93 -13.53 38.30 36.07
C LEU C 93 -13.22 38.80 37.47
N LYS C 94 -13.30 37.92 38.43
CA LYS C 94 -12.92 38.24 39.77
C LYS C 94 -11.43 38.60 39.80
N TYR C 95 -10.61 37.87 39.07
CA TYR C 95 -9.19 38.08 39.12
C TYR C 95 -8.93 39.47 38.70
N PHE C 96 -9.60 39.93 37.67
CA PHE C 96 -9.51 41.33 37.26
C PHE C 96 -10.08 42.38 38.17
N ASP C 97 -11.18 42.05 38.79
CA ASP C 97 -11.78 42.91 39.76
C ASP C 97 -10.81 43.07 40.92
N ASN C 98 -10.21 41.99 41.33
CA ASN C 98 -9.24 42.02 42.40
C ASN C 98 -7.99 42.80 42.05
N PHE C 99 -7.52 42.60 40.85
CA PHE C 99 -6.38 43.31 40.33
C PHE C 99 -6.65 44.79 40.31
N THR C 100 -7.84 45.17 39.92
CA THR C 100 -8.22 46.56 39.92
C THR C 100 -8.16 47.17 41.31
N ASP C 101 -8.70 46.46 42.28
CA ASP C 101 -8.69 46.94 43.62
C ASP C 101 -7.27 46.95 44.22
N ALA C 102 -6.50 45.93 43.94
CA ALA C 102 -5.19 45.81 44.52
C ALA C 102 -4.21 46.92 44.15
N PHE C 103 -4.39 47.53 42.99
CA PHE C 103 -3.50 48.60 42.54
C PHE C 103 -4.18 49.95 42.53
N ASP C 104 -5.27 50.02 43.25
CA ASP C 104 -6.00 51.26 43.43
C ASP C 104 -6.42 51.91 42.12
N LEU C 105 -6.90 51.11 41.18
CA LEU C 105 -7.18 51.57 39.83
C LEU C 105 -8.59 52.09 39.64
N ARG C 106 -9.47 51.69 40.53
CA ARG C 106 -10.89 51.95 40.40
C ARG C 106 -11.22 53.45 40.32
N LYS C 107 -10.54 54.27 41.09
CA LYS C 107 -10.73 55.70 41.05
C LYS C 107 -10.28 56.29 39.74
N LEU C 108 -9.56 55.54 38.94
CA LEU C 108 -9.06 56.02 37.67
C LEU C 108 -10.01 55.77 36.52
N ILE C 109 -11.02 54.96 36.76
CA ILE C 109 -11.89 54.47 35.72
C ILE C 109 -13.22 55.18 35.69
N LYS C 110 -13.53 55.75 34.54
CA LYS C 110 -14.81 56.32 34.29
C LYS C 110 -15.74 55.28 33.59
N LEU C 111 -16.56 54.63 34.39
CA LEU C 111 -17.43 53.59 33.87
C LEU C 111 -18.62 54.18 33.14
N GLN C 112 -19.24 53.37 32.30
CA GLN C 112 -20.33 53.79 31.43
C GLN C 112 -19.99 55.04 30.62
N HIS C 113 -18.73 55.15 30.21
CA HIS C 113 -18.32 56.18 29.26
C HIS C 113 -17.91 55.54 27.94
N HIS C 114 -18.66 55.82 26.88
CA HIS C 114 -18.39 55.21 25.59
C HIS C 114 -17.56 56.13 24.71
N VAL C 115 -16.35 55.69 24.34
CA VAL C 115 -15.51 56.53 23.48
C VAL C 115 -16.08 56.60 22.08
N GLU C 116 -16.38 57.82 21.62
CA GLU C 116 -17.02 58.07 20.33
C GLU C 116 -16.05 58.55 19.25
N ASN C 117 -15.08 59.37 19.65
CA ASN C 117 -14.11 59.91 18.71
C ASN C 117 -12.79 60.22 19.40
N VAL C 118 -11.70 59.97 18.69
CA VAL C 118 -10.38 60.38 19.14
C VAL C 118 -9.70 61.08 17.97
N ARG C 119 -9.13 62.26 18.22
CA ARG C 119 -8.40 62.94 17.17
C ARG C 119 -7.21 63.68 17.76
N PRO C 120 -6.17 63.92 16.97
CA PRO C 120 -5.01 64.68 17.41
C PRO C 120 -5.40 66.10 17.76
N CYS C 121 -4.90 66.64 18.85
CA CYS C 121 -5.19 67.99 19.25
C CYS C 121 -3.89 68.64 19.69
N GLU C 122 -3.42 69.81 19.19
CA GLU C 122 -2.09 70.38 19.37
C GLU C 122 -1.11 69.22 19.41
N SER C 123 -0.30 69.00 20.19
CA SER C 123 0.61 67.86 20.24
C SER C 123 -0.06 66.64 20.87
N GLY C 124 -1.20 66.91 21.49
CA GLY C 124 -1.94 65.98 22.30
C GLY C 124 -3.15 65.36 21.64
N TRP C 125 -4.13 64.99 22.42
CA TRP C 125 -5.28 64.30 21.88
C TRP C 125 -6.61 64.81 22.39
N LEU C 126 -7.62 64.74 21.54
CA LEU C 126 -8.96 65.02 21.97
C LEU C 126 -9.79 63.77 21.94
N VAL C 127 -10.35 63.42 23.08
CA VAL C 127 -11.13 62.21 23.22
C VAL C 127 -12.57 62.60 23.52
N THR C 128 -13.49 62.14 22.68
CA THR C 128 -14.90 62.46 22.84
C THR C 128 -15.61 61.23 23.35
N VAL C 129 -16.34 61.38 24.44
CA VAL C 129 -17.01 60.25 25.09
C VAL C 129 -18.40 60.63 25.47
N THR C 130 -19.27 59.63 25.56
CA THR C 130 -20.61 59.84 26.06
C THR C 130 -20.74 59.19 27.42
N ASP C 131 -21.17 59.98 28.40
CA ASP C 131 -21.50 59.46 29.70
C ASP C 131 -22.88 58.83 29.56
N LEU C 132 -22.93 57.51 29.57
CA LEU C 132 -24.18 56.80 29.28
C LEU C 132 -25.25 56.99 30.38
N THR C 133 -24.85 57.50 31.54
CA THR C 133 -25.79 57.74 32.64
C THR C 133 -26.58 59.02 32.46
N THR C 134 -26.08 59.89 31.59
CA THR C 134 -26.66 61.21 31.37
C THR C 134 -26.87 61.50 29.89
N MET C 135 -26.31 60.66 29.04
CA MET C 135 -26.32 60.87 27.58
C MET C 135 -25.66 62.16 27.10
N VAL C 136 -24.89 62.81 27.97
CA VAL C 136 -24.17 64.00 27.54
C VAL C 136 -22.81 63.60 26.95
N GLU C 137 -22.50 64.22 25.80
CA GLU C 137 -21.24 64.00 25.14
C GLU C 137 -20.22 64.97 25.73
N HIS C 138 -19.04 64.45 26.03
CA HIS C 138 -17.96 65.26 26.58
C HIS C 138 -16.71 65.08 25.73
N SER C 139 -15.93 66.15 25.54
CA SER C 139 -14.63 66.00 24.91
C SER C 139 -13.58 66.39 25.94
N PHE C 140 -12.52 65.60 26.04
CA PHE C 140 -11.48 65.78 27.04
C PHE C 140 -10.14 65.68 26.35
N GLU C 141 -9.17 66.43 26.84
CA GLU C 141 -7.87 66.51 26.19
C GLU C 141 -6.77 65.80 27.00
N PHE C 142 -5.87 65.14 26.29
CA PHE C 142 -4.82 64.34 26.86
C PHE C 142 -3.50 64.47 26.09
N ASP C 143 -2.41 64.23 26.79
CA ASP C 143 -1.12 64.13 26.19
C ASP C 143 -0.89 62.87 25.38
N ALA C 144 -1.47 61.77 25.83
CA ALA C 144 -1.37 60.47 25.17
C ALA C 144 -2.64 59.65 25.29
N VAL C 145 -2.76 58.67 24.42
CA VAL C 145 -3.91 57.79 24.40
C VAL C 145 -3.43 56.36 24.20
N VAL C 146 -3.92 55.46 25.06
CA VAL C 146 -3.59 54.05 24.97
C VAL C 146 -4.86 53.30 24.65
N VAL C 147 -4.90 52.70 23.46
CA VAL C 147 -6.12 52.09 22.95
C VAL C 147 -6.20 50.61 23.33
N CYS C 148 -7.21 50.26 24.13
CA CYS C 148 -7.31 48.90 24.67
C CYS C 148 -8.73 48.40 24.54
N THR C 149 -9.34 48.58 23.37
CA THR C 149 -10.77 48.31 23.20
C THR C 149 -11.11 46.93 22.63
N GLY C 150 -10.09 46.13 22.35
CA GLY C 150 -10.29 44.76 21.95
C GLY C 150 -10.64 44.57 20.49
N GLN C 151 -10.67 43.30 20.07
CA GLN C 151 -11.03 42.95 18.70
C GLN C 151 -11.72 41.59 18.63
N THR C 152 -12.56 41.30 19.62
CA THR C 152 -13.39 40.10 19.55
C THR C 152 -14.86 40.46 19.61
N TRP C 153 -15.23 41.54 18.92
CA TRP C 153 -16.61 41.98 18.91
C TRP C 153 -17.20 42.27 17.54
N CYS C 154 -16.35 42.70 16.61
CA CYS C 154 -16.80 42.97 15.25
C CYS C 154 -16.60 41.73 14.41
N PRO C 155 -17.70 41.05 14.08
CA PRO C 155 -17.63 39.70 13.53
C PRO C 155 -17.10 39.65 12.10
N LEU C 156 -16.46 38.53 11.75
CA LEU C 156 -16.04 38.29 10.38
C LEU C 156 -16.86 37.13 9.84
N TYR C 157 -17.47 37.34 8.67
CA TYR C 157 -18.20 36.27 8.00
C TYR C 157 -17.55 36.01 6.64
N PRO C 158 -17.08 34.78 6.42
CA PRO C 158 -16.50 34.45 5.12
C PRO C 158 -17.62 34.34 4.09
N ASP C 159 -17.32 34.71 2.86
CA ASP C 159 -18.28 34.59 1.78
C ASP C 159 -18.46 33.12 1.41
N VAL C 160 -19.69 32.74 1.10
CA VAL C 160 -19.99 31.37 0.73
C VAL C 160 -20.99 31.41 -0.42
N GLU C 161 -20.74 30.63 -1.46
CA GLU C 161 -21.65 30.57 -2.60
C GLU C 161 -23.06 30.22 -2.11
N GLY C 162 -24.04 31.07 -2.40
CA GLY C 162 -25.43 30.77 -2.10
C GLY C 162 -25.91 31.15 -0.71
N ARG C 163 -25.05 31.77 0.07
CA ARG C 163 -25.39 32.16 1.44
C ARG C 163 -26.66 33.00 1.48
N SER C 164 -26.83 33.85 0.48
CA SER C 164 -28.00 34.72 0.43
C SER C 164 -29.31 33.96 0.18
N PHE C 165 -29.21 32.66 -0.11
CA PHE C 165 -30.38 31.82 -0.29
C PHE C 165 -30.80 31.11 0.99
N PHE C 166 -29.90 31.04 1.96
CA PHE C 166 -30.15 30.27 3.16
C PHE C 166 -31.27 30.91 3.95
N ARG C 167 -32.21 30.09 4.40
CA ARG C 167 -33.37 30.59 5.13
C ARG C 167 -33.47 30.08 6.56
N GLY C 168 -32.49 29.30 6.98
CA GLY C 168 -32.43 28.90 8.38
C GLY C 168 -31.87 30.05 9.20
N ARG C 169 -31.63 29.81 10.48
CA ARG C 169 -31.08 30.84 11.34
C ARG C 169 -29.56 30.91 11.23
N LEU C 170 -29.05 32.10 10.94
CA LEU C 170 -27.60 32.27 10.79
C LEU C 170 -27.10 33.20 11.86
N THR C 171 -26.15 32.72 12.65
CA THR C 171 -25.59 33.52 13.73
C THR C 171 -24.09 33.45 13.76
N HIS C 172 -23.50 34.37 14.53
CA HIS C 172 -22.07 34.39 14.68
C HIS C 172 -21.73 34.02 16.11
N ALA C 173 -20.50 33.57 16.31
CA ALA C 173 -19.98 33.31 17.63
C ALA C 173 -20.21 34.48 18.57
N HIS C 174 -20.12 35.71 18.05
CA HIS C 174 -20.24 36.89 18.92
C HIS C 174 -21.51 36.87 19.76
N GLU C 175 -22.62 36.48 19.15
CA GLU C 175 -23.91 36.56 19.79
C GLU C 175 -24.30 35.25 20.50
N PHE C 176 -23.45 34.24 20.41
CA PHE C 176 -23.68 33.00 21.16
C PHE C 176 -23.62 33.26 22.66
N ARG C 177 -24.68 32.87 23.37
CA ARG C 177 -24.78 33.07 24.81
C ARG C 177 -25.09 31.78 25.55
N SER C 178 -25.94 30.95 24.93
CA SER C 178 -26.23 29.62 25.46
C SER C 178 -26.67 28.71 24.34
N PRO C 179 -26.52 27.38 24.53
CA PRO C 179 -26.93 26.46 23.48
C PRO C 179 -28.44 26.37 23.32
N GLU C 180 -29.19 27.07 24.18
CA GLU C 180 -30.64 26.91 24.22
C GLU C 180 -31.39 27.09 22.87
N PRO C 181 -31.04 28.11 22.06
CA PRO C 181 -31.78 28.21 20.79
C PRO C 181 -31.45 27.08 19.82
N PHE C 182 -30.40 26.31 20.10
CA PHE C 182 -30.00 25.21 19.23
C PHE C 182 -30.60 23.86 19.62
N ARG C 183 -31.44 23.83 20.66
CA ARG C 183 -31.99 22.55 21.13
C ARG C 183 -32.81 21.87 20.05
N ASN C 184 -32.53 20.57 19.86
CA ASN C 184 -33.23 19.75 18.85
C ASN C 184 -33.09 20.26 17.43
N LYS C 185 -32.03 21.04 17.17
CA LYS C 185 -31.80 21.57 15.83
C LYS C 185 -30.68 20.80 15.14
N ARG C 186 -30.71 20.83 13.82
CA ARG C 186 -29.60 20.39 13.00
C ARG C 186 -28.74 21.62 12.76
N VAL C 187 -27.52 21.58 13.27
CA VAL C 187 -26.66 22.76 13.35
C VAL C 187 -25.37 22.61 12.57
N LEU C 188 -25.06 23.59 11.74
CA LEU C 188 -23.77 23.63 11.08
C LEU C 188 -22.91 24.68 11.72
N ILE C 189 -21.74 24.25 12.18
CA ILE C 189 -20.78 25.19 12.72
C ILE C 189 -19.65 25.35 11.69
N VAL C 190 -19.42 26.58 11.28
CA VAL C 190 -18.36 26.88 10.31
C VAL C 190 -17.16 27.45 11.08
N GLY C 191 -16.02 26.77 11.00
CA GLY C 191 -14.91 27.08 11.88
C GLY C 191 -13.55 27.17 11.20
N ALA C 192 -12.57 27.61 11.96
CA ALA C 192 -11.20 27.73 11.47
C ALA C 192 -10.29 27.43 12.65
N GLY C 193 -9.48 26.41 12.47
CA GLY C 193 -8.63 25.93 13.53
C GLY C 193 -9.48 25.47 14.67
N PRO C 194 -9.24 26.11 15.89
CA PRO C 194 -10.02 25.59 17.00
C PRO C 194 -11.15 26.49 17.31
N SER C 195 -11.50 27.38 16.41
CA SER C 195 -12.41 28.45 16.70
C SER C 195 -13.81 28.03 17.15
N GLY C 196 -14.30 26.90 16.66
CA GLY C 196 -15.59 26.37 17.03
C GLY C 196 -15.62 25.10 17.87
N HIS C 197 -14.48 24.68 18.42
CA HIS C 197 -14.41 23.44 19.15
C HIS C 197 -15.28 23.46 20.39
N ASP C 198 -15.18 24.53 21.16
CA ASP C 198 -15.87 24.62 22.40
C ASP C 198 -17.36 24.79 22.11
N MET C 199 -17.70 25.59 21.14
CA MET C 199 -19.10 25.82 20.81
C MET C 199 -19.77 24.56 20.28
N ALA C 200 -19.01 23.78 19.51
CA ALA C 200 -19.51 22.49 19.04
C ALA C 200 -19.87 21.60 20.22
N LEU C 201 -19.00 21.55 21.21
CA LEU C 201 -19.24 20.73 22.39
C LEU C 201 -20.47 21.20 23.15
N HIS C 202 -20.55 22.51 23.41
CA HIS C 202 -21.69 23.10 24.12
C HIS C 202 -23.01 22.79 23.40
N ILE C 203 -23.00 22.92 22.08
CA ILE C 203 -24.23 22.71 21.32
C ILE C 203 -24.57 21.22 21.19
N SER C 204 -23.54 20.36 21.20
CA SER C 204 -23.76 18.92 21.03
C SER C 204 -24.69 18.35 22.11
N TYR C 205 -24.64 18.94 23.30
CA TYR C 205 -25.43 18.49 24.44
C TYR C 205 -26.94 18.79 24.29
N VAL C 206 -27.33 19.67 23.37
CA VAL C 206 -28.76 19.97 23.20
C VAL C 206 -29.31 19.64 21.81
N SER C 207 -28.44 19.43 20.84
CA SER C 207 -28.97 19.36 19.47
C SER C 207 -29.07 17.93 18.95
N LYS C 208 -29.87 17.77 17.91
CA LYS C 208 -30.04 16.51 17.22
C LYS C 208 -28.71 16.11 16.58
N GLU C 209 -28.19 16.95 15.73
CA GLU C 209 -26.90 16.72 15.11
C GLU C 209 -26.18 17.98 14.88
N VAL C 210 -24.88 17.93 15.11
CA VAL C 210 -23.98 19.06 14.93
C VAL C 210 -22.99 18.70 13.85
N PHE C 211 -22.79 19.61 12.92
CA PHE C 211 -21.83 19.42 11.85
C PHE C 211 -20.75 20.46 11.99
N LEU C 212 -19.50 20.03 12.08
CA LEU C 212 -18.39 20.97 12.19
C LEU C 212 -17.63 20.99 10.89
N SER C 213 -17.73 22.11 10.17
CA SER C 213 -17.11 22.21 8.87
C SER C 213 -15.85 23.06 8.99
N ARG C 214 -14.72 22.46 8.61
CA ARG C 214 -13.45 23.15 8.58
C ARG C 214 -12.67 22.68 7.34
N LYS C 215 -12.02 23.32 6.93
CA LYS C 215 -11.08 23.07 5.85
C LYS C 215 -10.06 21.99 6.24
N LEU C 223 -12.82 12.63 19.46
CA LEU C 223 -12.53 13.96 19.96
C LEU C 223 -13.78 14.67 20.38
N PHE C 224 -14.76 14.73 19.48
CA PHE C 224 -16.05 15.29 19.71
C PHE C 224 -17.02 14.22 20.14
N PRO C 225 -18.12 14.60 20.76
CA PRO C 225 -19.12 13.58 21.10
C PRO C 225 -19.79 13.07 19.84
N ASP C 226 -20.53 11.99 19.95
CA ASP C 226 -21.02 11.22 18.83
C ASP C 226 -21.90 12.01 17.86
N ASN C 227 -22.67 12.97 18.33
CA ASN C 227 -23.60 13.65 17.46
C ASN C 227 -23.00 14.84 16.78
N VAL C 228 -21.69 15.00 16.90
CA VAL C 228 -20.97 15.94 16.08
C VAL C 228 -20.37 15.20 14.91
N THR C 229 -20.51 15.75 13.73
CA THR C 229 -19.99 15.14 12.56
C THR C 229 -19.05 16.09 11.89
N GLU C 230 -17.87 15.64 11.61
CA GLU C 230 -16.92 16.50 10.92
C GLU C 230 -17.22 16.54 9.42
N LYS C 231 -17.11 17.73 8.85
CA LYS C 231 -17.37 17.93 7.44
C LYS C 231 -16.20 18.72 6.87
N PRO C 232 -15.94 18.55 5.57
CA PRO C 232 -14.89 19.37 4.95
C PRO C 232 -15.41 20.77 4.68
N LEU C 233 -14.73 21.51 3.81
CA LEU C 233 -15.09 22.88 3.49
C LEU C 233 -16.53 23.02 3.01
N LEU C 234 -17.21 24.05 3.50
CA LEU C 234 -18.55 24.38 3.02
C LEU C 234 -18.40 25.08 1.67
N THR C 235 -19.01 24.52 0.64
CA THR C 235 -18.83 25.05 -0.71
C THR C 235 -20.08 25.80 -1.23
N SER C 236 -21.26 25.46 -0.71
CA SER C 236 -22.46 26.23 -1.04
C SER C 236 -23.60 26.05 -0.04
N LEU C 237 -24.52 27.01 -0.03
CA LEU C 237 -25.73 26.93 0.77
C LEU C 237 -26.93 27.01 -0.15
N SER C 238 -28.02 26.34 0.21
CA SER C 238 -29.30 26.61 -0.42
C SER C 238 -30.28 26.93 0.70
N GLU C 239 -31.57 26.90 0.40
CA GLU C 239 -32.58 27.36 1.36
C GLU C 239 -32.39 26.81 2.78
N TYR C 240 -32.20 25.50 2.89
CA TYR C 240 -32.11 24.85 4.18
C TYR C 240 -31.10 23.69 4.13
N THR C 241 -30.16 23.77 3.20
CA THR C 241 -29.20 22.70 3.01
C THR C 241 -27.79 23.24 2.84
N ALA C 242 -26.84 22.54 3.44
CA ALA C 242 -25.42 22.87 3.31
C ALA C 242 -24.82 21.87 2.35
N HIS C 243 -23.94 22.35 1.47
CA HIS C 243 -23.28 21.47 0.51
C HIS C 243 -21.78 21.57 0.68
N PHE C 244 -21.11 20.43 0.67
CA PHE C 244 -19.69 20.40 1.02
C PHE C 244 -18.75 19.96 -0.12
N SER C 245 -17.46 20.16 0.08
CA SER C 245 -16.43 19.95 -0.94
C SER C 245 -16.26 18.48 -1.31
N ASP C 246 -16.68 17.58 -0.42
CA ASP C 246 -16.64 16.15 -0.70
C ASP C 246 -17.88 15.71 -1.46
N GLY C 247 -18.68 16.67 -1.90
CA GLY C 247 -19.88 16.40 -2.66
C GLY C 247 -21.11 16.02 -1.85
N THR C 248 -20.96 15.98 -0.52
CA THR C 248 -22.09 15.64 0.34
C THR C 248 -22.94 16.87 0.67
N SER C 249 -24.13 16.62 1.22
CA SER C 249 -25.03 17.70 1.59
C SER C 249 -25.82 17.30 2.83
N THR C 250 -26.17 18.28 3.67
CA THR C 250 -26.97 18.01 4.87
C THR C 250 -28.00 19.12 5.09
N ASP C 251 -29.23 18.75 5.43
CA ASP C 251 -30.21 19.76 5.78
C ASP C 251 -29.87 20.31 7.16
N VAL C 252 -29.86 21.64 7.29
CA VAL C 252 -29.57 22.26 8.58
C VAL C 252 -30.55 23.36 8.91
N ASP C 253 -30.86 23.49 10.19
CA ASP C 253 -31.77 24.51 10.66
C ASP C 253 -31.01 25.77 11.06
N GLU C 254 -29.77 25.56 11.52
CA GLU C 254 -28.95 26.62 12.11
C GLU C 254 -27.54 26.59 11.54
N ILE C 255 -27.02 27.76 11.22
CA ILE C 255 -25.61 27.91 10.90
C ILE C 255 -24.99 28.88 11.87
N LEU C 256 -23.92 28.43 12.51
CA LEU C 256 -23.18 29.25 13.45
C LEU C 256 -21.78 29.49 12.93
N TYR C 257 -21.48 30.76 12.69
CA TYR C 257 -20.18 31.12 12.18
C TYR C 257 -19.20 31.37 13.31
N CYS C 258 -18.25 30.45 13.49
CA CYS C 258 -17.12 30.66 14.40
C CYS C 258 -15.90 31.08 13.59
N THR C 259 -16.03 32.19 12.89
CA THR C 259 -15.04 32.58 11.91
C THR C 259 -14.23 33.78 12.36
N GLY C 260 -14.27 34.03 13.67
CA GLY C 260 -13.44 35.07 14.26
C GLY C 260 -13.98 36.46 13.97
N TYR C 261 -13.11 37.44 14.11
CA TYR C 261 -13.52 38.83 14.12
C TYR C 261 -12.60 39.65 13.23
N ARG C 262 -12.93 40.93 13.08
CA ARG C 262 -12.05 41.87 12.41
C ARG C 262 -11.77 43.02 13.35
N TYR C 263 -10.63 43.67 13.14
CA TYR C 263 -10.30 44.87 13.90
C TYR C 263 -11.30 45.93 13.57
N ARG C 264 -11.70 46.69 14.59
CA ARG C 264 -12.66 47.76 14.40
C ARG C 264 -12.49 48.76 15.53
N PHE C 265 -12.16 50.00 15.16
CA PHE C 265 -11.98 51.09 16.09
C PHE C 265 -12.72 52.32 15.57
N PRO C 266 -14.05 52.34 15.76
CA PRO C 266 -14.92 53.34 15.12
C PRO C 266 -14.55 54.75 15.55
N PHE C 267 -13.96 54.87 16.73
CA PHE C 267 -13.61 56.17 17.27
C PHE C 267 -12.33 56.79 16.69
N LEU C 268 -11.53 56.01 15.96
CA LEU C 268 -10.28 56.56 15.42
C LEU C 268 -10.53 57.40 14.18
N SER C 269 -10.41 58.72 14.32
CA SER C 269 -10.50 59.56 13.15
C SER C 269 -9.27 59.30 12.29
N PRO C 270 -9.41 59.49 10.97
CA PRO C 270 -8.31 59.27 10.05
C PRO C 270 -7.07 60.06 10.44
N GLU C 271 -7.28 61.19 11.09
CA GLU C 271 -6.21 62.05 11.54
C GLU C 271 -5.26 61.40 12.53
N CYS C 272 -5.70 60.30 13.15
CA CYS C 272 -4.86 59.56 14.10
C CYS C 272 -3.71 58.86 13.39
N GLY C 273 -3.86 58.64 12.09
CA GLY C 273 -2.78 58.09 11.30
C GLY C 273 -2.76 56.58 11.29
N VAL C 274 -3.82 55.99 11.80
CA VAL C 274 -3.97 54.53 11.82
C VAL C 274 -4.88 54.05 10.68
N THR C 275 -4.44 53.04 9.94
CA THR C 275 -5.31 52.38 8.96
C THR C 275 -5.74 51.04 9.53
N VAL C 276 -7.04 50.80 9.53
CA VAL C 276 -7.60 49.57 10.08
C VAL C 276 -8.22 48.71 8.98
N ASP C 277 -7.60 47.58 8.71
CA ASP C 277 -8.15 46.60 7.78
C ASP C 277 -8.68 45.44 8.62
N GLU C 278 -9.28 44.44 7.98
CA GLU C 278 -9.91 43.33 8.70
C GLU C 278 -8.96 42.57 9.64
N LYS C 279 -7.74 42.32 9.18
CA LYS C 279 -6.77 41.57 9.99
C LYS C 279 -5.46 42.33 10.22
N TYR C 280 -5.47 43.62 9.90
CA TYR C 280 -4.22 44.38 9.90
C TYR C 280 -4.44 45.82 10.35
N VAL C 281 -3.68 46.21 11.36
CA VAL C 281 -3.73 47.57 11.86
C VAL C 281 -2.35 48.18 11.62
N TYR C 282 -2.30 49.35 11.00
CA TYR C 282 -0.99 49.88 10.63
C TYR C 282 -0.92 51.40 10.58
N PRO C 283 0.29 51.98 10.77
CA PRO C 283 1.56 51.30 10.99
C PRO C 283 1.94 51.29 12.48
N LEU C 284 2.04 50.13 13.07
CA LEU C 284 2.35 50.00 14.48
C LEU C 284 3.75 49.42 14.67
N TYR C 285 4.49 49.92 15.64
CA TYR C 285 5.78 49.30 15.96
C TYR C 285 5.58 48.31 17.04
N LEU C 286 6.01 47.11 16.79
CA LEU C 286 5.82 46.02 17.71
C LEU C 286 4.34 45.82 18.15
N HIS C 287 3.42 46.07 17.23
CA HIS C 287 1.98 45.93 17.48
C HIS C 287 1.43 46.94 18.48
N MET C 288 2.22 47.95 18.82
CA MET C 288 1.81 48.91 19.82
C MET C 288 1.83 50.40 19.48
N LEU C 289 2.97 50.84 19.00
CA LEU C 289 3.20 52.22 18.81
C LEU C 289 2.70 52.70 17.47
N ASN C 290 1.90 53.72 17.49
CA ASN C 290 1.45 54.35 16.26
C ASN C 290 2.59 55.16 15.68
N ILE C 291 3.28 54.61 14.72
CA ILE C 291 4.48 55.25 14.17
C ILE C 291 4.19 56.67 13.67
N ASN C 292 3.03 56.86 13.07
CA ASN C 292 2.65 58.17 12.55
C ASN C 292 2.40 59.19 13.65
N LYS C 293 1.80 58.76 14.75
CA LYS C 293 1.50 59.64 15.88
C LYS C 293 1.89 58.94 17.19
N PRO C 294 3.16 59.01 17.55
CA PRO C 294 3.72 58.12 18.59
C PRO C 294 3.28 58.36 20.03
N THR C 295 2.34 59.27 20.28
CA THR C 295 1.75 59.37 21.62
C THR C 295 0.42 58.61 21.66
N MET C 296 0.10 57.94 20.57
CA MET C 296 -0.96 56.96 20.59
C MET C 296 -0.35 55.57 20.54
N LEU C 297 -0.78 54.72 21.45
CA LEU C 297 -0.30 53.35 21.48
C LEU C 297 -1.47 52.41 21.67
N PHE C 298 -1.26 51.15 21.30
CA PHE C 298 -2.29 50.13 21.43
C PHE C 298 -1.78 49.00 22.31
N ILE C 299 -2.66 48.43 23.14
CA ILE C 299 -2.37 47.18 23.80
C ILE C 299 -3.41 46.12 23.45
N GLY C 300 -2.97 44.91 23.13
CA GLY C 300 -3.90 43.83 22.86
C GLY C 300 -4.36 43.73 21.43
N VAL C 301 -3.64 44.38 20.52
CA VAL C 301 -3.92 44.19 19.09
C VAL C 301 -3.33 42.85 18.63
N SER C 302 -2.14 42.54 19.13
CA SER C 302 -1.54 41.23 18.86
C SER C 302 -2.34 40.16 19.61
N TYR C 303 -2.29 38.94 19.07
CA TYR C 303 -3.01 37.84 19.67
C TYR C 303 -2.41 36.50 19.31
N ASN C 304 -3.05 35.43 19.78
CA ASN C 304 -2.51 34.08 19.72
C ASN C 304 -1.18 34.00 20.44
N ALA C 305 -1.23 34.13 21.76
CA ALA C 305 -0.03 34.14 22.57
C ALA C 305 -0.41 33.87 24.02
N CYS C 306 0.60 33.80 24.89
CA CYS C 306 0.35 33.74 26.32
C CYS C 306 -0.07 35.12 26.77
N TYR C 307 -1.37 35.31 26.90
CA TYR C 307 -1.91 36.66 27.03
C TYR C 307 -1.47 37.41 28.28
N SER C 308 -1.34 36.71 29.41
CA SER C 308 -0.89 37.33 30.65
C SER C 308 0.42 38.07 30.44
N ILE C 309 1.40 37.38 29.88
CA ILE C 309 2.72 37.94 29.62
C ILE C 309 2.65 39.06 28.57
N MET C 310 1.80 38.86 27.57
CA MET C 310 1.62 39.86 26.54
C MET C 310 1.06 41.17 27.08
N PHE C 311 -0.01 41.10 27.89
CA PHE C 311 -0.58 42.29 28.50
C PHE C 311 0.44 42.96 29.42
N ASP C 312 1.06 42.16 30.29
CA ASP C 312 2.06 42.65 31.22
C ASP C 312 3.19 43.42 30.53
N LEU C 313 3.79 42.77 29.53
CA LEU C 313 4.91 43.36 28.81
C LEU C 313 4.55 44.56 27.97
N GLN C 314 3.41 44.49 27.25
CA GLN C 314 2.98 45.59 26.43
C GLN C 314 2.66 46.82 27.25
N ALA C 315 1.98 46.63 28.38
CA ALA C 315 1.71 47.77 29.25
C ALA C 315 3.03 48.41 29.75
N GLN C 316 4.00 47.58 30.06
CA GLN C 316 5.26 48.08 30.60
C GLN C 316 6.06 48.80 29.51
N TRP C 317 5.99 48.28 28.30
CA TRP C 317 6.65 48.88 27.16
C TRP C 317 6.07 50.23 26.82
N VAL C 318 4.75 50.25 26.81
CA VAL C 318 4.00 51.43 26.51
C VAL C 318 4.34 52.49 27.53
N THR C 319 4.22 52.14 28.78
CA THR C 319 4.59 53.03 29.87
C THR C 319 6.03 53.53 29.72
N ALA C 320 6.92 52.63 29.41
CA ALA C 320 8.31 52.99 29.17
C ALA C 320 8.45 54.04 28.10
N VAL C 321 7.73 53.88 27.00
CA VAL C 321 7.84 54.85 25.92
C VAL C 321 7.39 56.21 26.37
N LEU C 322 6.26 56.27 27.04
CA LEU C 322 5.65 57.53 27.39
C LEU C 322 6.46 58.19 28.50
N ALA C 323 7.17 57.39 29.26
CA ALA C 323 7.99 57.93 30.35
C ALA C 323 9.38 58.36 29.88
N GLY C 324 9.67 58.10 28.62
CA GLY C 324 10.97 58.45 28.06
C GLY C 324 12.09 57.50 28.46
N ARG C 325 11.75 56.33 28.91
CA ARG C 325 12.74 55.40 29.29
C ARG C 325 13.04 54.38 28.28
N CYS C 326 12.37 54.44 27.15
CA CYS C 326 12.59 53.45 26.14
C CYS C 326 13.09 54.13 24.92
N THR C 327 14.16 53.60 24.39
CA THR C 327 14.84 54.27 23.31
C THR C 327 14.42 53.59 22.07
N LEU C 328 13.71 54.33 21.26
CA LEU C 328 13.11 53.79 20.06
C LEU C 328 13.96 54.07 18.86
N PRO C 329 13.81 53.15 17.83
CA PRO C 329 14.50 53.52 16.58
C PRO C 329 13.84 54.71 15.96
N ASP C 330 14.46 55.37 14.99
CA ASP C 330 13.82 56.47 14.37
C ASP C 330 12.66 55.93 13.56
N ALA C 331 11.71 56.80 13.28
CA ALA C 331 10.50 56.44 12.57
C ALA C 331 10.81 55.66 11.36
N GLU C 332 11.69 56.16 10.54
CA GLU C 332 12.01 55.47 9.28
C GLU C 332 12.41 54.02 9.53
N THR C 333 13.16 53.80 10.58
CA THR C 333 13.62 52.47 10.88
C THR C 333 12.44 51.62 11.41
N MET C 334 11.57 52.22 12.19
CA MET C 334 10.40 51.53 12.68
C MET C 334 9.46 51.09 11.54
N ARG C 335 9.30 51.95 10.54
CA ARG C 335 8.49 51.68 9.38
C ARG C 335 9.09 50.55 8.63
N LYS C 336 10.40 50.57 8.48
CA LYS C 336 11.09 49.52 7.74
C LYS C 336 10.94 48.18 8.47
N GLU C 337 11.07 48.21 9.80
CA GLU C 337 10.92 46.97 10.56
C GLU C 337 9.47 46.44 10.53
N GLU C 338 8.50 47.36 10.57
CA GLU C 338 7.10 46.94 10.50
C GLU C 338 6.85 46.24 9.18
N ALA C 339 7.31 46.84 8.08
CA ALA C 339 7.07 46.25 6.77
C ALA C 339 7.70 44.87 6.63
N GLU C 340 8.94 44.73 7.10
CA GLU C 340 9.64 43.46 7.00
C GLU C 340 9.00 42.38 7.86
N TYR C 341 8.53 42.76 9.04
CA TYR C 341 7.84 41.84 9.93
C TYR C 341 6.59 41.31 9.24
N MET C 342 5.84 42.21 8.63
CA MET C 342 4.57 41.86 7.99
C MET C 342 4.73 41.01 6.74
N GLU C 343 5.82 41.21 6.01
CA GLU C 343 6.15 40.35 4.86
C GLU C 343 6.48 38.94 5.36
N LYS C 344 7.17 38.88 6.49
CA LYS C 344 7.54 37.61 7.08
C LYS C 344 6.31 36.87 7.59
N GLN C 345 5.37 37.61 8.15
CA GLN C 345 4.09 37.03 8.54
C GLN C 345 3.38 36.44 7.32
N ARG C 346 3.37 37.18 6.21
CA ARG C 346 2.73 36.66 4.99
C ARG C 346 3.45 35.42 4.48
N ALA C 347 4.78 35.45 4.52
CA ALA C 347 5.55 34.30 4.07
C ALA C 347 5.31 33.08 4.96
N GLU C 348 5.08 33.30 6.25
CA GLU C 348 4.85 32.17 7.15
C GLU C 348 3.37 31.82 7.17
N ALA C 349 2.61 32.52 6.34
CA ALA C 349 1.19 32.28 6.17
C ALA C 349 0.40 32.46 7.46
N VAL C 350 0.72 33.50 8.22
CA VAL C 350 -0.07 33.81 9.41
C VAL C 350 -0.57 35.24 9.28
N HIS C 351 -1.63 35.56 10.00
CA HIS C 351 -2.19 36.90 9.96
C HIS C 351 -1.24 37.87 10.62
N PRO C 352 -1.32 39.16 10.22
CA PRO C 352 -0.37 40.21 10.62
C PRO C 352 -0.04 40.28 12.11
N HIS C 353 -1.01 40.10 12.99
CA HIS C 353 -0.74 40.31 14.40
C HIS C 353 -0.70 39.02 15.23
N VAL C 354 -0.47 37.89 14.57
CA VAL C 354 -0.41 36.62 15.28
C VAL C 354 1.00 36.37 15.81
N LEU C 355 1.12 36.18 17.12
CA LEU C 355 2.46 36.10 17.74
C LEU C 355 2.95 34.67 17.92
N MET C 356 2.06 33.71 17.71
CA MET C 356 2.28 32.32 18.14
C MET C 356 3.67 31.73 17.80
N ASN C 357 4.15 31.98 16.59
CA ASN C 357 5.42 31.41 16.14
C ASN C 357 6.68 31.99 16.78
N HIS C 358 6.57 33.17 17.36
CA HIS C 358 7.73 33.89 17.85
C HIS C 358 7.49 34.70 19.11
N GLN C 359 6.48 34.29 19.89
CA GLN C 359 6.07 35.09 21.03
C GLN C 359 7.17 35.26 22.08
N TRP C 360 7.95 34.21 22.31
CA TRP C 360 8.96 34.25 23.37
C TRP C 360 10.09 35.20 22.96
N GLU C 361 10.40 35.20 21.67
CA GLU C 361 11.38 36.13 21.11
C GLU C 361 10.88 37.56 21.15
N TYR C 362 9.62 37.72 20.81
CA TYR C 362 8.95 39.02 20.89
C TYR C 362 8.89 39.53 22.32
N PHE C 363 8.54 38.66 23.26
CA PHE C 363 8.51 39.03 24.66
C PHE C 363 9.91 39.43 25.17
N LYS C 364 10.93 38.69 24.75
CA LYS C 364 12.32 39.01 25.12
C LYS C 364 12.68 40.41 24.69
N LYS C 365 12.27 40.79 23.49
CA LYS C 365 12.53 42.13 22.98
C LYS C 365 11.79 43.17 23.81
N LEU C 366 10.54 42.89 24.16
CA LEU C 366 9.76 43.84 24.97
C LEU C 366 10.42 44.04 26.33
N GLU C 367 10.89 42.95 26.91
CA GLU C 367 11.60 42.98 28.19
C GLU C 367 12.84 43.87 28.13
N GLU C 368 13.68 43.62 27.17
CA GLU C 368 14.86 44.41 26.96
C GLU C 368 14.61 45.88 26.79
N MET C 369 13.71 46.24 25.92
CA MET C 369 13.42 47.64 25.70
C MET C 369 12.80 48.36 26.88
N SER C 370 11.97 47.67 27.63
CA SER C 370 11.13 48.32 28.61
C SER C 370 11.70 48.39 30.01
N GLY C 371 12.59 47.47 30.29
CA GLY C 371 13.16 47.36 31.64
C GLY C 371 12.31 46.47 32.53
N ALA C 372 11.38 45.75 31.90
CA ALA C 372 10.52 44.83 32.65
C ALA C 372 11.33 43.68 33.23
N LYS C 373 10.82 43.13 34.33
CA LYS C 373 11.39 41.92 34.91
C LYS C 373 11.29 40.78 33.91
N THR C 374 12.34 39.98 33.80
CA THR C 374 12.34 38.84 32.90
C THR C 374 11.23 37.87 33.29
N MET C 375 10.51 37.37 32.29
CA MET C 375 9.46 36.41 32.55
C MET C 375 10.02 35.12 33.13
N PRO C 376 9.38 34.59 34.18
CA PRO C 376 9.76 33.27 34.69
C PRO C 376 9.60 32.19 33.62
N PRO C 377 10.69 31.46 33.32
CA PRO C 377 10.76 30.46 32.23
C PRO C 377 9.67 29.39 32.29
N VAL C 378 9.12 29.18 33.48
CA VAL C 378 8.07 28.19 33.68
C VAL C 378 6.82 28.50 32.84
N TYR C 379 6.58 29.79 32.58
CA TYR C 379 5.47 30.18 31.70
C TYR C 379 5.63 29.59 30.29
N MET C 380 6.81 29.73 29.70
CA MET C 380 7.06 29.18 28.36
C MET C 380 6.99 27.65 28.34
N LYS C 381 7.64 27.02 29.31
CA LYS C 381 7.62 25.56 29.42
C LYS C 381 6.19 25.04 29.57
N MET C 382 5.42 25.64 30.48
CA MET C 382 4.07 25.17 30.69
C MET C 382 3.18 25.48 29.49
N PHE C 383 3.31 26.69 28.95
CA PHE C 383 2.51 27.08 27.80
C PHE C 383 2.73 26.14 26.61
N ASP C 384 3.97 25.94 26.23
CA ASP C 384 4.27 25.05 25.09
C ASP C 384 3.72 23.64 25.33
N ASP C 385 3.71 23.21 26.59
CA ASP C 385 3.18 21.89 26.93
C ASP C 385 1.63 21.78 26.85
N VAL C 386 0.92 22.78 27.36
CA VAL C 386 -0.54 22.65 27.51
C VAL C 386 -1.44 23.53 26.63
N ALA C 387 -0.90 24.48 25.88
CA ALA C 387 -1.74 25.45 25.16
C ALA C 387 -2.66 24.85 24.11
N SER C 388 -2.22 23.74 23.53
CA SER C 388 -2.90 23.04 22.45
C SER C 388 -3.71 21.88 22.94
N ASP C 389 -3.86 21.73 24.24
CA ASP C 389 -4.62 20.61 24.77
C ASP C 389 -6.11 20.74 24.37
N LEU C 390 -6.50 21.95 23.98
CA LEU C 390 -7.85 22.21 23.53
C LEU C 390 -8.19 21.43 22.27
N VAL C 391 -7.27 21.41 21.32
CA VAL C 391 -7.51 20.72 20.06
C VAL C 391 -7.10 19.25 19.99
N LYS C 392 -6.37 18.79 21.00
CA LYS C 392 -6.00 17.39 21.08
C LYS C 392 -6.88 16.60 22.04
N ASP C 393 -7.35 17.22 23.10
CA ASP C 393 -8.23 16.51 24.04
C ASP C 393 -9.32 17.35 24.62
N LEU C 394 -10.10 17.89 23.72
CA LEU C 394 -11.11 18.84 24.03
C LEU C 394 -12.05 18.42 25.12
N GLN C 395 -12.49 17.17 25.12
CA GLN C 395 -13.48 16.74 26.10
C GLN C 395 -12.92 16.53 27.51
N ASN C 396 -11.60 16.42 27.63
CA ASN C 396 -11.00 16.03 28.91
C ASN C 396 -9.89 16.93 29.48
N PHE C 397 -9.31 17.81 28.67
CA PHE C 397 -8.12 18.55 29.11
C PHE C 397 -8.39 19.44 30.33
N ARG C 398 -9.62 19.92 30.46
CA ARG C 398 -9.95 20.85 31.54
C ARG C 398 -10.06 20.24 32.94
N LYS C 399 -10.02 18.93 33.01
CA LYS C 399 -10.00 18.22 34.26
C LYS C 399 -8.64 18.33 34.91
N ASN C 400 -7.63 18.59 34.09
CA ASN C 400 -6.23 18.67 34.49
C ASN C 400 -5.99 19.87 35.40
N ASN C 401 -5.14 19.67 36.40
CA ASN C 401 -4.80 20.73 37.31
C ASN C 401 -3.28 20.87 37.44
N TYR C 402 -2.79 22.09 37.61
CA TYR C 402 -1.35 22.34 37.63
C TYR C 402 -0.93 23.24 38.79
N MET C 403 0.37 23.22 39.09
CA MET C 403 0.94 24.08 40.10
C MET C 403 2.34 24.49 39.72
N ILE C 404 2.61 25.78 39.83
CA ILE C 404 3.96 26.28 39.66
C ILE C 404 4.77 25.92 40.91
N ILE C 405 5.88 25.22 40.73
CA ILE C 405 6.75 24.89 41.86
C ILE C 405 7.69 26.06 42.07
N ASP C 406 8.31 26.52 40.99
CA ASP C 406 9.21 27.65 41.03
C ASP C 406 9.34 28.33 39.67
N ASN C 407 10.38 29.14 39.50
CA ASN C 407 10.53 29.88 38.24
C ASN C 407 10.80 28.98 37.03
N GLU C 408 11.20 27.73 37.28
CA GLU C 408 11.60 26.85 36.17
C GLU C 408 10.68 25.66 35.97
N ASN C 409 9.96 25.27 37.01
CA ASN C 409 9.21 24.01 36.96
C ASN C 409 7.80 24.07 37.51
N TYR C 410 6.98 23.17 36.97
CA TYR C 410 5.62 22.99 37.42
C TYR C 410 5.33 21.50 37.44
N LYS C 411 4.22 21.12 38.06
CA LYS C 411 3.84 19.72 38.09
C LYS C 411 2.33 19.60 37.97
N LYS C 412 1.85 18.35 37.90
CA LYS C 412 0.47 17.96 38.20
C LYS C 412 -0.43 17.83 36.97
N MET D 1 -4.64 -37.50 3.82
CA MET D 1 -4.69 -36.44 4.83
C MET D 1 -5.93 -36.60 5.68
N ARG D 2 -5.75 -37.12 6.89
CA ARG D 2 -6.85 -37.36 7.79
C ARG D 2 -6.61 -36.98 9.25
N ARG D 3 -5.44 -37.36 9.77
CA ARG D 3 -5.13 -37.19 11.18
C ARG D 3 -4.29 -35.95 11.42
N VAL D 4 -4.82 -34.98 12.16
CA VAL D 4 -4.08 -33.75 12.45
C VAL D 4 -3.91 -33.57 13.95
N ALA D 5 -2.68 -33.35 14.40
CA ALA D 5 -2.46 -33.06 15.82
C ALA D 5 -2.51 -31.55 16.02
N VAL D 6 -3.22 -31.11 17.05
CA VAL D 6 -3.18 -29.71 17.42
C VAL D 6 -2.49 -29.60 18.77
N LEU D 7 -1.44 -28.79 18.81
CA LEU D 7 -0.65 -28.68 20.01
C LEU D 7 -1.05 -27.43 20.78
N GLY D 8 -1.82 -27.62 21.85
CA GLY D 8 -2.30 -26.51 22.64
C GLY D 8 -3.79 -26.27 22.47
N ALA D 9 -4.49 -26.00 23.57
CA ALA D 9 -5.92 -25.75 23.55
C ALA D 9 -6.23 -24.37 24.10
N GLY D 10 -5.37 -23.42 23.73
CA GLY D 10 -5.69 -22.01 23.90
C GLY D 10 -6.54 -21.58 22.71
N PRO D 11 -6.80 -20.28 22.58
CA PRO D 11 -7.55 -19.71 21.47
C PRO D 11 -7.07 -20.22 20.11
N SER D 12 -5.76 -20.25 19.89
CA SER D 12 -5.23 -20.74 18.61
C SER D 12 -5.63 -22.20 18.38
N GLY D 13 -5.38 -23.03 19.35
CA GLY D 13 -5.61 -24.45 19.22
C GLY D 13 -7.09 -24.79 19.05
N LEU D 14 -7.89 -24.13 19.84
CA LEU D 14 -9.30 -24.31 19.85
C LEU D 14 -9.90 -23.89 18.51
N THR D 15 -9.44 -22.77 18.00
CA THR D 15 -9.94 -22.26 16.76
C THR D 15 -9.59 -23.23 15.66
N ALA D 16 -8.38 -23.74 15.70
CA ALA D 16 -7.91 -24.67 14.75
C ALA D 16 -8.69 -25.95 14.74
N ALA D 17 -8.99 -26.44 15.92
CA ALA D 17 -9.74 -27.64 16.05
C ALA D 17 -11.13 -27.41 15.45
N ARG D 18 -11.69 -26.24 15.65
CA ARG D 18 -13.03 -26.01 15.14
C ARG D 18 -13.07 -26.18 13.62
N TYR D 19 -12.17 -25.50 12.95
CA TYR D 19 -12.13 -25.53 11.51
C TYR D 19 -11.70 -26.83 10.91
N LEU D 20 -10.74 -27.49 11.52
CA LEU D 20 -10.29 -28.77 11.04
C LEU D 20 -11.38 -29.82 11.12
N LYS D 21 -12.13 -29.80 12.21
CA LYS D 21 -13.19 -30.74 12.42
C LYS D 21 -14.23 -30.49 11.35
N GLN D 22 -14.53 -29.22 11.13
CA GLN D 22 -15.49 -28.79 10.13
C GLN D 22 -15.08 -29.26 8.74
N ALA D 23 -13.80 -29.35 8.49
CA ALA D 23 -13.29 -29.77 7.20
C ALA D 23 -13.19 -31.29 7.07
N GLY D 24 -13.56 -31.99 8.14
CA GLY D 24 -13.65 -33.44 8.09
C GLY D 24 -12.42 -34.19 8.56
N PHE D 25 -11.44 -33.48 9.09
CA PHE D 25 -10.22 -34.12 9.60
C PHE D 25 -10.47 -34.86 10.90
N GLU D 26 -9.65 -35.88 11.18
CA GLU D 26 -9.59 -36.47 12.51
C GLU D 26 -8.58 -35.70 13.35
N VAL D 27 -9.09 -34.96 14.32
CA VAL D 27 -8.30 -34.05 15.11
C VAL D 27 -8.03 -34.60 16.50
N MET D 28 -6.80 -34.50 16.94
CA MET D 28 -6.45 -34.77 18.33
C MET D 28 -5.73 -33.55 18.88
N VAL D 29 -6.25 -33.01 19.98
CA VAL D 29 -5.64 -31.83 20.58
C VAL D 29 -4.94 -32.21 21.86
N PHE D 30 -3.69 -31.79 21.98
CA PHE D 30 -2.95 -32.02 23.21
C PHE D 30 -2.85 -30.73 24.01
N GLU D 31 -3.15 -30.79 25.30
CA GLU D 31 -3.07 -29.63 26.19
C GLU D 31 -2.56 -30.03 27.56
N ARG D 32 -1.49 -29.36 28.01
CA ARG D 32 -0.88 -29.72 29.29
C ARG D 32 -1.73 -29.33 30.50
N TYR D 33 -2.57 -28.31 30.34
CA TYR D 33 -3.38 -27.84 31.46
C TYR D 33 -4.63 -28.69 31.63
N HIS D 34 -5.34 -28.51 32.74
CA HIS D 34 -6.55 -29.32 32.96
C HIS D 34 -7.79 -28.61 32.45
N HIS D 35 -7.60 -27.47 31.81
CA HIS D 35 -8.71 -26.64 31.36
C HIS D 35 -8.27 -25.98 30.06
N VAL D 36 -9.20 -25.80 29.13
CA VAL D 36 -8.88 -25.16 27.86
C VAL D 36 -8.74 -23.65 28.06
N GLY D 37 -8.29 -22.96 27.03
CA GLY D 37 -8.31 -21.50 27.09
C GLY D 37 -6.96 -20.84 27.15
N GLY D 38 -5.91 -21.65 27.29
CA GLY D 38 -4.55 -21.14 27.26
C GLY D 38 -4.25 -20.15 28.37
N THR D 39 -3.69 -19.02 27.96
CA THR D 39 -3.21 -18.01 28.89
C THR D 39 -4.36 -17.39 29.69
N TRP D 40 -5.60 -17.61 29.27
CA TRP D 40 -6.75 -17.12 30.02
C TRP D 40 -6.97 -17.86 31.31
N ASN D 41 -6.29 -19.00 31.48
CA ASN D 41 -6.32 -19.68 32.76
C ASN D 41 -5.40 -18.97 33.73
N TYR D 42 -5.94 -18.61 34.89
CA TYR D 42 -5.11 -18.08 35.96
C TYR D 42 -4.63 -19.19 36.89
N THR D 43 -3.35 -19.15 37.26
CA THR D 43 -2.84 -20.07 38.25
C THR D 43 -1.86 -19.36 39.17
N ASP D 44 -1.83 -19.71 40.45
CA ASP D 44 -0.85 -19.11 41.34
C ASP D 44 0.54 -19.59 40.99
N GLU D 45 0.63 -20.73 40.32
CA GLU D 45 1.94 -21.29 39.98
C GLU D 45 2.68 -20.44 38.94
N THR D 46 4.00 -20.41 39.06
CA THR D 46 4.86 -19.74 38.11
C THR D 46 6.06 -20.63 37.74
N TRP D 47 6.55 -20.45 36.52
CA TRP D 47 7.75 -21.13 36.00
C TRP D 47 7.60 -22.64 35.79
N MET D 48 7.51 -23.38 36.88
CA MET D 48 7.34 -24.84 36.85
C MET D 48 6.19 -25.23 37.75
N SER D 49 5.38 -26.17 37.30
CA SER D 49 4.29 -26.68 38.12
C SER D 49 4.74 -27.87 38.96
N GLU D 50 4.01 -28.12 40.05
CA GLU D 50 4.23 -29.35 40.82
C GLU D 50 4.03 -30.61 39.99
N ASP D 51 3.30 -30.52 38.88
CA ASP D 51 3.16 -31.68 38.02
C ASP D 51 4.44 -32.03 37.24
N GLY D 52 5.46 -31.18 37.32
CA GLY D 52 6.76 -31.51 36.75
C GLY D 52 7.04 -30.91 35.39
N ARG D 53 6.12 -30.07 34.91
CA ARG D 53 6.27 -29.41 33.61
C ARG D 53 6.07 -27.90 33.72
N PRO D 54 6.53 -27.14 32.71
CA PRO D 54 6.46 -25.68 32.82
C PRO D 54 5.07 -25.11 33.02
N VAL D 55 5.01 -23.94 33.65
CA VAL D 55 3.77 -23.17 33.71
C VAL D 55 3.79 -22.25 32.50
N TYR D 56 2.75 -22.33 31.68
CA TYR D 56 2.75 -21.57 30.45
C TYR D 56 1.96 -20.29 30.56
N SER D 57 1.17 -20.20 31.63
CA SER D 57 0.31 -19.04 31.78
C SER D 57 1.06 -17.86 32.37
N SER D 58 0.78 -16.68 31.83
CA SER D 58 1.34 -15.45 32.36
C SER D 58 0.23 -14.56 32.90
N MET D 59 -0.96 -15.15 33.05
CA MET D 59 -2.11 -14.41 33.53
C MET D 59 -1.89 -14.01 34.96
N TYR D 60 -2.34 -12.80 35.31
CA TYR D 60 -2.29 -12.36 36.68
C TYR D 60 -3.67 -12.06 37.26
N GLN D 61 -3.71 -11.85 38.57
CA GLN D 61 -4.98 -11.65 39.30
C GLN D 61 -5.62 -10.33 38.95
N ASN D 62 -6.95 -10.32 38.92
CA ASN D 62 -7.72 -9.09 38.74
C ASN D 62 -7.39 -8.38 37.45
N LEU D 63 -7.08 -9.17 36.42
CA LEU D 63 -6.82 -8.62 35.11
C LEU D 63 -8.12 -8.38 34.40
N PHE D 64 -8.18 -7.26 33.69
CA PHE D 64 -9.28 -6.99 32.78
C PHE D 64 -8.69 -6.87 31.40
N VAL D 65 -9.50 -7.20 30.39
CA VAL D 65 -9.01 -7.16 29.01
C VAL D 65 -8.66 -5.73 28.61
N ASN D 66 -7.77 -5.58 27.64
CA ASN D 66 -7.38 -4.24 27.20
C ASN D 66 -8.02 -3.91 25.86
N LEU D 67 -9.00 -4.71 25.49
CA LEU D 67 -9.69 -4.51 24.23
C LEU D 67 -11.12 -4.94 24.51
N PRO D 68 -12.10 -4.23 23.92
CA PRO D 68 -13.50 -4.55 24.19
C PRO D 68 -13.87 -5.98 23.79
N LYS D 69 -14.75 -6.61 24.58
CA LYS D 69 -15.18 -7.98 24.37
C LYS D 69 -15.78 -8.16 22.99
N GLU D 70 -16.34 -7.07 22.47
CA GLU D 70 -16.90 -7.03 21.13
C GLU D 70 -15.86 -7.34 20.04
N LEU D 71 -14.61 -6.96 20.27
CA LEU D 71 -13.53 -7.21 19.30
C LEU D 71 -12.78 -8.51 19.58
N MET D 72 -12.96 -9.03 20.79
CA MET D 72 -12.30 -10.28 21.19
C MET D 72 -13.14 -11.50 20.84
N ALA D 73 -14.43 -11.26 20.58
CA ALA D 73 -15.32 -12.33 20.15
C ALA D 73 -15.13 -12.60 18.66
N PHE D 74 -15.20 -13.86 18.27
CA PHE D 74 -15.27 -14.20 16.85
C PHE D 74 -16.56 -13.65 16.26
N PRO D 75 -16.48 -13.21 15.00
CA PRO D 75 -17.61 -12.61 14.29
C PRO D 75 -18.87 -13.46 14.33
N ASP D 76 -18.73 -14.79 14.31
CA ASP D 76 -19.91 -15.65 14.32
C ASP D 76 -20.11 -16.40 15.64
N PHE D 77 -19.47 -15.93 16.71
CA PHE D 77 -19.65 -16.50 18.03
C PHE D 77 -19.58 -15.40 19.07
N PRO D 78 -20.70 -14.69 19.25
CA PRO D 78 -20.77 -13.49 20.09
C PRO D 78 -20.44 -13.80 21.53
N PHE D 79 -20.02 -12.80 22.29
CA PHE D 79 -19.74 -13.03 23.69
C PHE D 79 -21.06 -13.37 24.36
N HIS D 80 -20.99 -14.20 25.39
CA HIS D 80 -22.16 -14.49 26.22
C HIS D 80 -22.59 -13.18 26.87
N ASP D 81 -23.81 -13.15 27.37
CA ASP D 81 -24.33 -11.96 28.02
C ASP D 81 -23.56 -11.60 29.29
N ILE D 82 -22.92 -10.44 29.26
CA ILE D 82 -22.24 -9.88 30.43
C ILE D 82 -22.28 -8.35 30.35
N GLU D 83 -22.52 -7.69 31.49
CA GLU D 83 -22.45 -6.23 31.53
C GLU D 83 -21.02 -5.72 31.38
N GLY D 84 -20.83 -4.77 30.49
CA GLY D 84 -19.53 -4.13 30.32
C GLY D 84 -18.74 -4.70 29.15
N SER D 85 -18.03 -3.84 28.43
CA SER D 85 -17.19 -4.26 27.32
C SER D 85 -15.81 -4.77 27.76
N TYR D 86 -15.22 -4.12 28.76
CA TYR D 86 -13.91 -4.55 29.21
C TYR D 86 -14.02 -5.51 30.38
N VAL D 87 -14.20 -6.78 30.04
CA VAL D 87 -14.54 -7.81 31.02
C VAL D 87 -13.33 -8.35 31.79
N PRO D 88 -13.58 -8.97 32.95
CA PRO D 88 -12.50 -9.65 33.67
C PRO D 88 -12.04 -10.88 32.89
N SER D 89 -10.81 -11.32 33.17
CA SER D 89 -10.21 -12.42 32.44
C SER D 89 -11.05 -13.70 32.47
N LYS D 90 -11.72 -13.93 33.60
CA LYS D 90 -12.48 -15.16 33.78
C LYS D 90 -13.63 -15.23 32.76
N GLU D 91 -14.11 -14.08 32.32
CA GLU D 91 -15.15 -14.09 31.28
C GLU D 91 -14.60 -14.52 29.94
N VAL D 92 -13.33 -14.21 29.67
CA VAL D 92 -12.74 -14.65 28.41
C VAL D 92 -12.46 -16.15 28.47
N LEU D 93 -12.08 -16.61 29.65
CA LEU D 93 -11.85 -18.03 29.89
C LEU D 93 -13.15 -18.81 29.68
N LYS D 94 -14.24 -18.27 30.23
CA LYS D 94 -15.56 -18.84 30.04
C LYS D 94 -15.93 -18.87 28.56
N TYR D 95 -15.68 -17.76 27.86
CA TYR D 95 -15.94 -17.64 26.44
C TYR D 95 -15.32 -18.80 25.68
N PHE D 96 -14.07 -19.12 26.00
CA PHE D 96 -13.41 -20.20 25.30
C PHE D 96 -13.88 -21.58 25.75
N ASP D 97 -14.34 -21.69 26.99
CA ASP D 97 -14.93 -22.94 27.46
C ASP D 97 -16.25 -23.18 26.73
N ASN D 98 -17.03 -22.12 26.56
CA ASN D 98 -18.27 -22.15 25.84
C ASN D 98 -18.07 -22.48 24.39
N PHE D 99 -17.09 -21.87 23.75
CA PHE D 99 -16.75 -22.15 22.37
C PHE D 99 -16.38 -23.61 22.16
N THR D 100 -15.62 -24.17 23.06
CA THR D 100 -15.21 -25.54 22.97
C THR D 100 -16.42 -26.48 22.96
N ASP D 101 -17.34 -26.22 23.85
CA ASP D 101 -18.52 -27.05 23.93
C ASP D 101 -19.45 -26.85 22.71
N ALA D 102 -19.55 -25.62 22.26
CA ALA D 102 -20.46 -25.23 21.19
C ALA D 102 -20.16 -25.91 19.89
N PHE D 103 -18.90 -26.15 19.65
CA PHE D 103 -18.49 -26.82 18.44
C PHE D 103 -18.10 -28.25 18.67
N ASP D 104 -18.44 -28.80 19.82
CA ASP D 104 -18.19 -30.20 20.10
C ASP D 104 -16.72 -30.63 20.08
N LEU D 105 -15.83 -29.74 20.51
CA LEU D 105 -14.38 -29.97 20.54
C LEU D 105 -13.83 -30.70 21.77
N ARG D 106 -14.61 -30.69 22.81
CA ARG D 106 -14.12 -31.16 24.07
C ARG D 106 -13.70 -32.61 23.97
N LYS D 107 -14.42 -33.38 23.17
CA LYS D 107 -14.12 -34.78 22.94
C LYS D 107 -12.78 -34.99 22.23
N LEU D 108 -12.30 -33.97 21.53
CA LEU D 108 -11.01 -34.00 20.82
C LEU D 108 -9.74 -33.76 21.65
N ILE D 109 -9.92 -33.29 22.86
CA ILE D 109 -8.85 -32.74 23.62
C ILE D 109 -8.39 -33.66 24.69
N LYS D 110 -7.13 -34.03 24.63
CA LYS D 110 -6.50 -34.73 25.69
C LYS D 110 -5.81 -33.73 26.66
N LEU D 111 -6.50 -33.42 27.73
CA LEU D 111 -6.03 -32.49 28.75
C LEU D 111 -4.98 -33.13 29.65
N GLN D 112 -4.23 -32.30 30.37
CA GLN D 112 -3.11 -32.78 31.19
C GLN D 112 -2.17 -33.71 30.43
N HIS D 113 -1.99 -33.40 29.14
CA HIS D 113 -1.00 -34.05 28.27
C HIS D 113 0.07 -33.05 27.78
N HIS D 114 1.32 -33.25 28.18
CA HIS D 114 2.41 -32.34 27.82
C HIS D 114 3.19 -32.83 26.62
N VAL D 115 3.16 -32.06 25.55
CA VAL D 115 3.88 -32.44 24.34
C VAL D 115 5.38 -32.31 24.56
N GLU D 116 6.09 -33.42 24.41
CA GLU D 116 7.52 -33.46 24.71
C GLU D 116 8.37 -33.38 23.47
N ASN D 117 7.89 -34.00 22.40
CA ASN D 117 8.65 -34.01 21.18
C ASN D 117 7.83 -34.19 19.92
N VAL D 118 8.25 -33.58 18.83
CA VAL D 118 7.61 -33.75 17.56
C VAL D 118 8.64 -34.02 16.48
N ARG D 119 8.46 -35.09 15.73
CA ARG D 119 9.41 -35.49 14.73
C ARG D 119 8.80 -36.10 13.48
N PRO D 120 9.56 -35.86 12.33
CA PRO D 120 9.03 -36.50 11.12
C PRO D 120 9.02 -38.03 11.12
N CYS D 121 7.93 -38.63 10.62
CA CYS D 121 7.66 -40.07 10.65
C CYS D 121 7.18 -40.52 9.27
N GLU D 122 7.92 -41.40 8.60
CA GLU D 122 7.64 -41.72 7.21
C GLU D 122 7.42 -40.40 6.43
N SER D 123 6.22 -40.24 5.86
CA SER D 123 5.64 -38.97 5.43
C SER D 123 4.81 -38.29 6.51
N GLY D 124 4.65 -38.96 7.64
CA GLY D 124 3.87 -38.50 8.77
C GLY D 124 4.60 -37.74 9.84
N TRP D 125 3.93 -37.53 10.95
CA TRP D 125 4.55 -36.95 12.11
C TRP D 125 4.44 -37.84 13.33
N LEU D 126 5.49 -37.88 14.16
CA LEU D 126 5.39 -38.50 15.47
C LEU D 126 5.36 -37.49 16.60
N VAL D 127 4.37 -37.59 17.45
CA VAL D 127 4.17 -36.70 18.51
C VAL D 127 4.21 -37.48 19.76
N THR D 128 5.13 -37.13 20.60
CA THR D 128 5.35 -37.82 21.86
C THR D 128 4.86 -36.91 22.98
N VAL D 129 4.01 -37.44 23.84
CA VAL D 129 3.42 -36.63 24.89
C VAL D 129 3.44 -37.41 26.19
N THR D 130 3.49 -36.68 27.31
CA THR D 130 3.42 -37.30 28.62
C THR D 130 2.03 -37.09 29.16
N ASP D 131 1.42 -38.18 29.57
CA ASP D 131 0.17 -38.13 30.30
C ASP D 131 0.57 -37.78 31.72
N LEU D 132 0.29 -36.55 32.13
CA LEU D 132 0.74 -36.06 33.42
C LEU D 132 0.06 -36.75 34.60
N THR D 133 -1.02 -37.49 34.33
CA THR D 133 -1.71 -38.21 35.40
C THR D 133 -0.97 -39.51 35.75
N THR D 134 -0.09 -39.96 34.85
CA THR D 134 0.63 -41.22 35.06
C THR D 134 2.13 -41.03 34.91
N MET D 135 2.50 -39.88 34.33
CA MET D 135 3.87 -39.58 33.91
C MET D 135 4.41 -40.59 32.91
N VAL D 136 3.53 -41.37 32.30
CA VAL D 136 3.94 -42.30 31.25
C VAL D 136 3.93 -41.60 29.90
N GLU D 137 4.98 -41.82 29.11
CA GLU D 137 5.09 -41.16 27.83
C GLU D 137 4.41 -41.99 26.72
N HIS D 138 3.59 -41.32 25.90
CA HIS D 138 2.85 -41.97 24.82
C HIS D 138 3.14 -41.31 23.50
N SER D 139 3.24 -42.08 22.43
CA SER D 139 3.45 -41.51 21.11
C SER D 139 2.27 -41.72 20.18
N PHE D 140 2.02 -40.76 19.31
CA PHE D 140 0.91 -40.78 18.40
C PHE D 140 1.33 -40.26 17.05
N GLU D 141 0.81 -40.84 15.98
CA GLU D 141 1.25 -40.55 14.65
C GLU D 141 0.17 -39.82 13.87
N PHE D 142 0.53 -38.81 13.11
CA PHE D 142 -0.43 -37.97 12.46
C PHE D 142 0.03 -37.65 11.06
N ASP D 143 -0.86 -37.21 10.19
CA ASP D 143 -0.49 -36.81 8.85
C ASP D 143 -0.04 -35.35 8.85
N ALA D 144 -0.49 -34.60 9.85
CA ALA D 144 -0.13 -33.19 9.97
C ALA D 144 -0.19 -32.71 11.42
N VAL D 145 0.54 -31.64 11.70
CA VAL D 145 0.58 -31.07 13.04
C VAL D 145 0.46 -29.54 13.00
N VAL D 146 -0.43 -29.01 13.82
CA VAL D 146 -0.61 -27.56 13.92
C VAL D 146 -0.15 -27.09 15.30
N VAL D 147 0.90 -26.28 15.31
CA VAL D 147 1.54 -25.89 16.55
C VAL D 147 0.93 -24.60 17.09
N CYS D 148 0.30 -24.72 18.25
CA CYS D 148 -0.46 -23.62 18.84
C CYS D 148 -0.13 -23.44 20.30
N THR D 149 1.17 -23.46 20.62
CA THR D 149 1.64 -23.50 21.99
C THR D 149 1.97 -22.15 22.62
N GLY D 150 1.75 -21.10 21.85
CA GLY D 150 1.84 -19.74 22.33
C GLY D 150 3.26 -19.20 22.41
N GLN D 151 3.37 -17.92 22.70
CA GLN D 151 4.70 -17.33 22.88
C GLN D 151 4.68 -16.25 23.92
N THR D 152 3.89 -16.45 24.97
CA THR D 152 3.96 -15.52 26.10
C THR D 152 4.40 -16.26 27.35
N TRP D 153 5.37 -17.15 27.19
CA TRP D 153 5.82 -17.91 28.36
C TRP D 153 7.35 -17.92 28.58
N CYS D 154 8.11 -17.85 27.50
CA CYS D 154 9.57 -17.84 27.62
C CYS D 154 10.06 -16.39 27.64
N PRO D 155 10.53 -15.92 28.82
CA PRO D 155 10.76 -14.49 29.01
C PRO D 155 11.96 -13.97 28.22
N LEU D 156 11.90 -12.70 27.83
CA LEU D 156 13.04 -12.01 27.22
C LEU D 156 13.49 -10.91 28.15
N TYR D 157 14.78 -10.88 28.45
CA TYR D 157 15.38 -9.84 29.26
C TYR D 157 16.43 -9.12 28.42
N PRO D 158 16.28 -7.81 28.22
CA PRO D 158 17.27 -7.10 27.43
C PRO D 158 18.54 -6.98 28.26
N ASP D 159 19.70 -7.05 27.63
CA ASP D 159 20.93 -6.88 28.38
C ASP D 159 21.08 -5.45 28.82
N VAL D 160 21.61 -5.29 30.02
CA VAL D 160 21.87 -3.99 30.59
C VAL D 160 23.18 -4.06 31.35
N GLU D 161 24.04 -3.08 31.10
CA GLU D 161 25.32 -3.00 31.77
C GLU D 161 25.11 -3.03 33.28
N GLY D 162 25.79 -3.94 33.97
CA GLY D 162 25.78 -3.95 35.42
C GLY D 162 24.63 -4.72 36.03
N ARG D 163 23.84 -5.37 35.18
CA ARG D 163 22.68 -6.12 35.66
C ARG D 163 23.04 -7.13 36.73
N SER D 164 24.19 -7.76 36.56
CA SER D 164 24.64 -8.77 37.50
C SER D 164 25.03 -8.20 38.87
N PHE D 165 25.09 -6.87 38.96
CA PHE D 165 25.40 -6.22 40.23
C PHE D 165 24.15 -5.94 41.04
N PHE D 166 22.99 -5.95 40.38
CA PHE D 166 21.75 -5.58 41.06
C PHE D 166 21.37 -6.62 42.11
N ARG D 167 21.03 -6.15 43.31
CA ARG D 167 20.74 -7.06 44.42
C ARG D 167 19.32 -6.96 44.94
N GLY D 168 18.52 -6.11 44.31
CA GLY D 168 17.12 -6.04 44.65
C GLY D 168 16.40 -7.20 44.00
N ARG D 169 15.08 -7.22 44.13
CA ARG D 169 14.31 -8.30 43.55
C ARG D 169 14.08 -8.03 42.08
N LEU D 170 14.45 -8.99 41.24
CA LEU D 170 14.29 -8.83 39.81
C LEU D 170 13.35 -9.89 39.29
N THR D 171 12.26 -9.46 38.65
CA THR D 171 11.28 -10.40 38.12
C THR D 171 10.88 -10.05 36.70
N HIS D 172 10.18 -10.97 36.06
CA HIS D 172 9.65 -10.74 34.72
C HIS D 172 8.13 -10.66 34.77
N ALA D 173 7.55 -10.01 33.77
CA ALA D 173 6.09 -9.96 33.63
C ALA D 173 5.46 -11.34 33.74
N HIS D 174 6.14 -12.36 33.24
CA HIS D 174 5.60 -13.72 33.24
C HIS D 174 5.16 -14.23 34.63
N GLU D 175 5.96 -13.94 35.66
CA GLU D 175 5.72 -14.48 37.00
C GLU D 175 4.88 -13.53 37.85
N PHE D 176 4.48 -12.40 37.27
CA PHE D 176 3.58 -11.50 37.98
C PHE D 176 2.25 -12.17 38.21
N ARG D 177 1.80 -12.16 39.45
CA ARG D 177 0.51 -12.76 39.80
C ARG D 177 -0.34 -11.77 40.58
N SER D 178 0.29 -11.04 41.49
CA SER D 178 -0.42 -10.02 42.23
C SER D 178 0.53 -8.90 42.66
N PRO D 179 -0.02 -7.69 42.87
CA PRO D 179 0.85 -6.57 43.25
C PRO D 179 1.39 -6.63 44.65
N GLU D 180 0.92 -7.58 45.47
CA GLU D 180 1.27 -7.60 46.88
C GLU D 180 2.78 -7.64 47.22
N PRO D 181 3.58 -8.37 46.43
CA PRO D 181 5.01 -8.26 46.79
C PRO D 181 5.58 -6.86 46.53
N PHE D 182 4.87 -6.04 45.75
CA PHE D 182 5.40 -4.71 45.44
C PHE D 182 4.93 -3.63 46.41
N ARG D 183 4.17 -4.03 47.42
CA ARG D 183 3.60 -3.10 48.38
C ARG D 183 4.68 -2.31 49.13
N ASN D 184 4.55 -0.99 49.11
CA ASN D 184 5.50 -0.10 49.77
C ASN D 184 6.92 -0.22 49.20
N LYS D 185 7.05 -0.68 47.96
CA LYS D 185 8.37 -0.81 47.34
C LYS D 185 8.64 0.30 46.34
N ARG D 186 9.92 0.57 46.10
N ARG D 186 9.91 0.57 46.11
CA ARG D 186 10.34 1.43 45.01
CA ARG D 186 10.32 1.43 45.02
C ARG D 186 10.57 0.51 43.83
C ARG D 186 10.56 0.52 43.83
N VAL D 187 9.78 0.70 42.77
CA VAL D 187 9.75 -0.26 41.68
C VAL D 187 10.13 0.33 40.34
N LEU D 188 11.08 -0.31 39.67
CA LEU D 188 11.40 0.02 38.27
C LEU D 188 10.78 -1.00 37.35
N ILE D 189 9.97 -0.52 36.42
CA ILE D 189 9.41 -1.36 35.37
C ILE D 189 10.11 -1.03 34.06
N VAL D 190 10.69 -2.05 33.44
CA VAL D 190 11.38 -1.86 32.17
C VAL D 190 10.42 -2.31 31.09
N GLY D 191 10.06 -1.40 30.20
CA GLY D 191 8.96 -1.67 29.29
C GLY D 191 9.30 -1.27 27.86
N ALA D 192 8.41 -1.61 26.94
CA ALA D 192 8.58 -1.29 25.52
C ALA D 192 7.20 -1.04 24.94
N GLY D 193 6.97 0.16 24.43
CA GLY D 193 5.64 0.56 24.02
C GLY D 193 4.68 0.45 25.20
N PRO D 194 3.59 -0.33 25.01
CA PRO D 194 2.51 -0.47 26.00
C PRO D 194 2.72 -1.59 27.02
N SER D 195 3.84 -2.32 26.94
CA SER D 195 3.99 -3.57 27.69
C SER D 195 3.90 -3.42 29.21
N GLY D 196 4.27 -2.25 29.71
CA GLY D 196 4.32 -2.06 31.13
C GLY D 196 3.25 -1.16 31.72
N HIS D 197 2.31 -0.72 30.88
CA HIS D 197 1.27 0.20 31.31
C HIS D 197 0.34 -0.37 32.39
N ASP D 198 -0.29 -1.51 32.09
CA ASP D 198 -1.24 -2.08 33.05
C ASP D 198 -0.53 -2.51 34.32
N MET D 199 0.64 -3.10 34.18
CA MET D 199 1.36 -3.54 35.36
C MET D 199 1.77 -2.32 36.16
N ALA D 200 2.13 -1.23 35.49
CA ALA D 200 2.44 0.01 36.19
C ALA D 200 1.23 0.48 37.00
N LEU D 201 0.06 0.41 36.38
CA LEU D 201 -1.17 0.82 37.05
C LEU D 201 -1.49 -0.08 38.25
N HIS D 202 -1.43 -1.40 38.05
CA HIS D 202 -1.71 -2.35 39.13
C HIS D 202 -0.77 -2.13 40.31
N ILE D 203 0.50 -1.91 40.01
CA ILE D 203 1.50 -1.76 41.07
C ILE D 203 1.45 -0.38 41.74
N SER D 204 1.04 0.65 41.00
CA SER D 204 1.01 2.01 41.56
C SER D 204 0.10 2.06 42.79
N TYR D 205 -0.93 1.22 42.79
CA TYR D 205 -1.90 1.18 43.88
C TYR D 205 -1.33 0.64 45.20
N VAL D 206 -0.18 -0.04 45.15
CA VAL D 206 0.38 -0.59 46.39
C VAL D 206 1.77 -0.08 46.73
N SER D 207 2.45 0.51 45.76
CA SER D 207 3.87 0.82 45.95
C SER D 207 4.11 2.30 46.25
N LYS D 208 5.28 2.61 46.79
CA LYS D 208 5.66 4.01 47.06
C LYS D 208 5.74 4.79 45.76
N GLU D 209 6.61 4.31 44.89
CA GLU D 209 6.92 4.97 43.63
C GLU D 209 7.20 3.93 42.56
N VAL D 210 6.68 4.18 41.37
CA VAL D 210 6.92 3.33 40.21
C VAL D 210 7.68 4.15 39.17
N PHE D 211 8.70 3.54 38.58
CA PHE D 211 9.45 4.19 37.51
C PHE D 211 9.26 3.36 36.27
N LEU D 212 8.71 3.97 35.22
CA LEU D 212 8.46 3.25 33.98
C LEU D 212 9.48 3.68 32.97
N SER D 213 10.39 2.77 32.67
CA SER D 213 11.52 3.08 31.80
C SER D 213 11.33 2.49 30.41
N ARG D 214 11.32 3.36 29.41
CA ARG D 214 11.24 2.91 28.02
C ARG D 214 12.13 3.75 27.12
N LYS D 215 12.73 3.11 26.12
CA LYS D 215 13.51 3.81 25.09
C LYS D 215 12.61 4.78 24.32
N PHE D 224 -0.69 8.65 33.84
CA PHE D 224 -0.39 7.78 34.97
C PHE D 224 -0.72 8.44 36.30
N PRO D 225 -0.93 7.63 37.36
CA PRO D 225 -1.11 8.11 38.74
C PRO D 225 0.09 8.92 39.23
N ASP D 226 -0.08 9.56 40.39
CA ASP D 226 0.91 10.49 40.90
C ASP D 226 2.26 9.84 41.20
N ASN D 227 2.23 8.55 41.54
CA ASN D 227 3.43 7.84 41.95
C ASN D 227 4.11 7.04 40.84
N VAL D 228 3.72 7.30 39.59
CA VAL D 228 4.40 6.75 38.42
C VAL D 228 5.26 7.81 37.70
N THR D 229 6.56 7.58 37.64
CA THR D 229 7.50 8.52 36.97
C THR D 229 8.05 7.90 35.68
N GLU D 230 7.93 8.64 34.58
CA GLU D 230 8.44 8.18 33.28
C GLU D 230 9.97 8.35 33.25
N LYS D 231 10.68 7.36 32.73
CA LYS D 231 12.14 7.47 32.63
C LYS D 231 12.56 7.03 31.24
N PRO D 232 13.71 7.52 30.76
CA PRO D 232 14.17 7.05 29.46
C PRO D 232 14.81 5.68 29.57
N LEU D 233 15.59 5.29 28.56
CA LEU D 233 16.22 3.98 28.52
C LEU D 233 17.07 3.71 29.74
N LEU D 234 16.97 2.50 30.28
CA LEU D 234 17.83 2.06 31.37
C LEU D 234 19.19 1.71 30.79
N THR D 235 20.24 2.38 31.27
CA THR D 235 21.57 2.21 30.68
C THR D 235 22.54 1.43 31.56
N SER D 236 22.30 1.43 32.87
CA SER D 236 23.10 0.62 33.77
C SER D 236 22.42 0.34 35.11
N LEU D 237 22.84 -0.73 35.77
CA LEU D 237 22.37 -1.03 37.12
C LEU D 237 23.54 -1.15 38.07
N SER D 238 23.33 -0.76 39.34
CA SER D 238 24.27 -1.13 40.39
C SER D 238 23.48 -1.87 41.45
N GLU D 239 24.04 -1.98 42.64
CA GLU D 239 23.51 -2.80 43.72
C GLU D 239 22.02 -2.58 43.99
N TYR D 240 21.64 -1.32 44.14
CA TYR D 240 20.25 -0.99 44.46
C TYR D 240 19.79 0.26 43.75
N THR D 241 20.46 0.58 42.64
CA THR D 241 20.19 1.82 41.90
C THR D 241 20.10 1.56 40.40
N ALA D 242 19.16 2.23 39.74
CA ALA D 242 19.02 2.17 38.30
C ALA D 242 19.56 3.47 37.71
N HIS D 243 20.29 3.39 36.60
CA HIS D 243 20.83 4.58 35.97
C HIS D 243 20.33 4.66 34.55
N PHE D 244 19.89 5.85 34.16
CA PHE D 244 19.20 6.03 32.89
C PHE D 244 20.01 6.86 31.91
N SER D 245 19.57 6.90 30.66
CA SER D 245 20.34 7.51 29.58
C SER D 245 20.50 9.03 29.73
N ASP D 246 19.59 9.67 30.45
CA ASP D 246 19.70 11.10 30.69
C ASP D 246 20.63 11.39 31.86
N GLY D 247 21.31 10.36 32.35
CA GLY D 247 22.25 10.57 33.44
C GLY D 247 21.61 10.58 34.82
N THR D 248 20.29 10.40 34.86
CA THR D 248 19.63 10.38 36.15
C THR D 248 19.70 8.96 36.72
N SER D 249 19.47 8.86 38.03
CA SER D 249 19.53 7.59 38.71
C SER D 249 18.52 7.58 39.84
N THR D 250 17.96 6.42 40.14
CA THR D 250 17.02 6.29 41.25
C THR D 250 17.22 4.98 41.99
N ASP D 251 17.16 5.03 43.30
CA ASP D 251 17.27 3.80 44.10
C ASP D 251 15.98 3.00 43.95
N VAL D 252 16.10 1.70 43.68
CA VAL D 252 14.92 0.83 43.56
C VAL D 252 15.07 -0.49 44.33
N ASP D 253 13.95 -1.00 44.84
CA ASP D 253 13.92 -2.26 45.56
C ASP D 253 13.61 -3.41 44.62
N GLU D 254 12.87 -3.09 43.56
CA GLU D 254 12.32 -4.10 42.67
C GLU D 254 12.51 -3.68 41.23
N ILE D 255 12.90 -4.62 40.38
CA ILE D 255 12.86 -4.41 38.95
C ILE D 255 11.98 -5.45 38.33
N LEU D 256 11.03 -4.97 37.53
CA LEU D 256 10.08 -5.80 36.81
C LEU D 256 10.27 -5.63 35.33
N TYR D 257 10.61 -6.72 34.66
CA TYR D 257 10.81 -6.66 33.22
C TYR D 257 9.52 -6.93 32.48
N CYS D 258 8.96 -5.88 31.88
CA CYS D 258 7.88 -6.07 30.93
C CYS D 258 8.44 -5.94 29.55
N THR D 259 9.40 -6.80 29.23
CA THR D 259 10.16 -6.67 28.00
C THR D 259 9.82 -7.76 27.04
N GLY D 260 8.66 -8.39 27.26
CA GLY D 260 8.15 -9.37 26.31
C GLY D 260 8.84 -10.71 26.37
N TYR D 261 8.69 -11.48 25.31
CA TYR D 261 9.03 -12.89 25.33
C TYR D 261 9.85 -13.29 24.13
N ARG D 262 10.32 -14.53 24.14
CA ARG D 262 10.99 -15.07 22.98
C ARG D 262 10.25 -16.33 22.57
N TYR D 263 10.35 -16.66 21.28
CA TYR D 263 9.81 -17.90 20.77
C TYR D 263 10.56 -19.08 21.33
N ARG D 264 9.82 -20.12 21.70
CA ARG D 264 10.41 -21.31 22.28
C ARG D 264 9.49 -22.49 22.09
N PHE D 265 9.99 -23.49 21.37
CA PHE D 265 9.23 -24.69 21.09
C PHE D 265 10.11 -25.89 21.38
N PRO D 266 10.25 -26.26 22.66
CA PRO D 266 11.27 -27.25 23.03
C PRO D 266 11.04 -28.62 22.40
N PHE D 267 9.79 -28.92 22.06
CA PHE D 267 9.41 -30.22 21.48
C PHE D 267 9.77 -30.37 19.99
N LEU D 268 10.17 -29.30 19.34
CA LEU D 268 10.50 -29.39 17.92
C LEU D 268 11.90 -29.96 17.72
N SER D 269 11.98 -31.19 17.24
CA SER D 269 13.28 -31.74 16.86
C SER D 269 13.77 -31.00 15.61
N PRO D 270 15.09 -30.88 15.45
CA PRO D 270 15.67 -30.16 14.29
C PRO D 270 15.21 -30.72 12.95
N GLU D 271 14.88 -32.00 12.89
CA GLU D 271 14.42 -32.62 11.66
C GLU D 271 13.09 -31.99 11.18
N CYS D 272 12.40 -31.26 12.07
CA CYS D 272 11.18 -30.56 11.73
C CYS D 272 11.40 -29.43 10.79
N GLY D 273 12.63 -28.98 10.70
CA GLY D 273 12.97 -27.99 9.71
C GLY D 273 12.73 -26.54 10.00
N VAL D 274 12.38 -26.26 11.24
CA VAL D 274 12.17 -24.93 11.76
C VAL D 274 13.36 -24.50 12.60
N THR D 275 13.81 -23.28 12.38
CA THR D 275 14.79 -22.63 13.18
C THR D 275 14.07 -21.57 14.02
N VAL D 276 14.25 -21.65 15.32
CA VAL D 276 13.61 -20.73 16.21
C VAL D 276 14.63 -19.83 16.86
N ASP D 277 14.54 -18.54 16.59
CA ASP D 277 15.40 -17.56 17.19
C ASP D 277 14.54 -16.74 18.08
N GLU D 278 15.13 -15.82 18.82
CA GLU D 278 14.39 -15.16 19.86
C GLU D 278 13.16 -14.42 19.36
N LYS D 279 13.29 -13.68 18.28
CA LYS D 279 12.18 -12.97 17.68
C LYS D 279 11.75 -13.46 16.30
N TYR D 280 12.27 -14.58 15.88
CA TYR D 280 12.13 -15.02 14.54
C TYR D 280 11.98 -16.51 14.45
N VAL D 281 10.98 -16.94 13.73
CA VAL D 281 10.75 -18.32 13.47
C VAL D 281 10.74 -18.50 11.98
N TYR D 282 11.53 -19.44 11.49
CA TYR D 282 11.66 -19.59 10.07
C TYR D 282 12.00 -21.00 9.67
N PRO D 283 11.69 -21.47 8.38
CA PRO D 283 11.02 -20.53 7.47
C PRO D 283 9.50 -20.75 7.32
N LEU D 284 8.71 -19.74 7.64
CA LEU D 284 7.25 -19.81 7.62
C LEU D 284 6.72 -18.95 6.50
N TYR D 285 5.68 -19.44 5.85
CA TYR D 285 4.95 -18.65 4.88
C TYR D 285 3.73 -18.03 5.54
N LEU D 286 3.68 -16.74 5.52
CA LEU D 286 2.57 -16.00 6.15
C LEU D 286 2.42 -16.31 7.65
N HIS D 287 3.55 -16.52 8.32
CA HIS D 287 3.61 -16.79 9.76
C HIS D 287 2.95 -18.12 10.13
N MET D 288 2.70 -18.98 9.15
CA MET D 288 1.97 -20.22 9.40
C MET D 288 2.64 -21.48 8.87
N LEU D 289 2.93 -21.51 7.57
CA LEU D 289 3.34 -22.76 6.93
C LEU D 289 4.82 -23.01 7.06
N ASN D 290 5.19 -24.17 7.57
CA ASN D 290 6.58 -24.59 7.60
C ASN D 290 6.96 -24.92 6.17
N ILE D 291 7.69 -24.01 5.51
CA ILE D 291 8.05 -24.21 4.11
C ILE D 291 8.81 -25.51 3.86
N ASN D 292 9.72 -25.84 4.78
CA ASN D 292 10.51 -27.06 4.70
C ASN D 292 9.67 -28.32 4.85
N LYS D 293 8.67 -28.28 5.74
CA LYS D 293 7.81 -29.44 5.95
C LYS D 293 6.38 -28.96 5.99
N PRO D 294 5.77 -28.82 4.80
CA PRO D 294 4.50 -28.07 4.71
C PRO D 294 3.30 -28.76 5.32
N THR D 295 3.46 -29.91 5.98
CA THR D 295 2.34 -30.43 6.76
C THR D 295 2.46 -30.06 8.23
N MET D 296 3.47 -29.27 8.57
CA MET D 296 3.52 -28.63 9.88
C MET D 296 3.22 -27.15 9.71
N LEU D 297 2.29 -26.64 10.51
CA LEU D 297 1.95 -25.22 10.45
C LEU D 297 1.82 -24.67 11.87
N PHE D 298 1.89 -23.34 11.98
CA PHE D 298 1.77 -22.67 13.26
C PHE D 298 0.59 -21.71 13.23
N ILE D 299 -0.12 -21.63 14.35
CA ILE D 299 -1.10 -20.58 14.55
C ILE D 299 -0.68 -19.77 15.77
N GLY D 300 -0.73 -18.45 15.64
CA GLY D 300 -0.43 -17.59 16.77
C GLY D 300 1.04 -17.25 16.95
N VAL D 301 1.84 -17.45 15.90
CA VAL D 301 3.21 -16.98 15.90
C VAL D 301 3.27 -15.48 15.63
N SER D 302 2.42 -15.01 14.72
CA SER D 302 2.27 -13.58 14.50
C SER D 302 1.56 -12.94 15.68
N TYR D 303 1.79 -11.65 15.90
CA TYR D 303 1.17 -10.93 17.02
C TYR D 303 1.08 -9.43 16.79
N ASN D 304 0.57 -8.72 17.81
CA ASN D 304 0.20 -7.31 17.72
C ASN D 304 -0.83 -7.06 16.66
N ALA D 305 -2.03 -7.55 16.92
CA ALA D 305 -3.11 -7.47 15.96
C ALA D 305 -4.42 -7.69 16.69
N CYS D 306 -5.53 -7.58 15.95
CA CYS D 306 -6.83 -7.95 16.46
C CYS D 306 -6.87 -9.47 16.51
N TYR D 307 -6.63 -10.03 17.69
CA TYR D 307 -6.39 -11.47 17.80
C TYR D 307 -7.56 -12.36 17.39
N SER D 308 -8.79 -11.92 17.68
CA SER D 308 -9.96 -12.69 17.29
C SER D 308 -9.90 -13.04 15.79
N ILE D 309 -9.71 -12.01 14.97
CA ILE D 309 -9.68 -12.18 13.52
C ILE D 309 -8.46 -12.97 13.09
N MET D 310 -7.33 -12.74 13.76
CA MET D 310 -6.12 -13.45 13.42
C MET D 310 -6.26 -14.96 13.61
N PHE D 311 -6.78 -15.37 14.78
CA PHE D 311 -6.96 -16.78 15.08
C PHE D 311 -7.94 -17.39 14.11
N ASP D 312 -9.08 -16.74 13.99
CA ASP D 312 -10.13 -17.21 13.12
C ASP D 312 -9.58 -17.45 11.70
N LEU D 313 -8.91 -16.44 11.13
CA LEU D 313 -8.38 -16.56 9.77
C LEU D 313 -7.22 -17.55 9.59
N GLN D 314 -6.29 -17.57 10.53
CA GLN D 314 -5.16 -18.49 10.42
C GLN D 314 -5.65 -19.94 10.50
N ALA D 315 -6.59 -20.18 11.41
CA ALA D 315 -7.15 -21.53 11.52
C ALA D 315 -7.80 -21.96 10.22
N GLN D 316 -8.56 -21.06 9.59
CA GLN D 316 -9.23 -21.40 8.33
C GLN D 316 -8.23 -21.58 7.20
N TRP D 317 -7.16 -20.79 7.23
CA TRP D 317 -6.13 -20.87 6.21
C TRP D 317 -5.35 -22.16 6.37
N VAL D 318 -4.93 -22.45 7.60
CA VAL D 318 -4.23 -23.70 7.86
C VAL D 318 -5.09 -24.88 7.41
N THR D 319 -6.35 -24.86 7.80
CA THR D 319 -7.30 -25.90 7.41
C THR D 319 -7.40 -26.04 5.89
N ALA D 320 -7.48 -24.89 5.19
CA ALA D 320 -7.59 -24.90 3.74
C ALA D 320 -6.37 -25.52 3.06
N VAL D 321 -5.19 -25.22 3.60
CA VAL D 321 -3.93 -25.78 3.11
C VAL D 321 -3.93 -27.30 3.26
N LEU D 322 -4.28 -27.77 4.46
CA LEU D 322 -4.29 -29.20 4.73
C LEU D 322 -5.38 -29.91 3.92
N ALA D 323 -6.45 -29.21 3.61
CA ALA D 323 -7.54 -29.81 2.87
C ALA D 323 -7.26 -29.79 1.38
N GLY D 324 -6.19 -29.11 0.99
CA GLY D 324 -5.84 -28.99 -0.42
C GLY D 324 -6.72 -27.99 -1.16
N ARG D 325 -7.41 -27.13 -0.40
CA ARG D 325 -8.37 -26.18 -0.95
C ARG D 325 -7.76 -24.79 -1.16
N CYS D 326 -6.52 -24.61 -0.70
CA CYS D 326 -5.83 -23.32 -0.76
C CYS D 326 -4.69 -23.39 -1.76
N THR D 327 -4.63 -22.44 -2.68
CA THR D 327 -3.58 -22.49 -3.70
C THR D 327 -2.35 -21.71 -3.26
N LEU D 328 -1.29 -22.46 -2.96
CA LEU D 328 -0.05 -21.90 -2.48
C LEU D 328 0.94 -21.77 -3.63
N PRO D 329 1.84 -20.78 -3.55
CA PRO D 329 2.95 -20.69 -4.50
C PRO D 329 3.85 -21.91 -4.25
N ASP D 330 4.80 -22.17 -5.14
CA ASP D 330 5.72 -23.27 -4.90
C ASP D 330 6.66 -22.92 -3.74
N ALA D 331 7.36 -23.92 -3.20
CA ALA D 331 8.24 -23.67 -2.05
C ALA D 331 9.21 -22.54 -2.35
N GLU D 332 9.77 -22.57 -3.56
CA GLU D 332 10.72 -21.53 -3.97
C GLU D 332 10.16 -20.12 -3.89
N THR D 333 8.91 -19.95 -4.32
CA THR D 333 8.28 -18.62 -4.32
C THR D 333 7.97 -18.13 -2.91
N MET D 334 7.56 -19.06 -2.06
CA MET D 334 7.20 -18.75 -0.68
C MET D 334 8.40 -18.22 0.08
N ARG D 335 9.57 -18.82 -0.18
CA ARG D 335 10.82 -18.39 0.46
C ARG D 335 11.11 -16.96 0.01
N LYS D 336 10.85 -16.69 -1.26
CA LYS D 336 11.05 -15.37 -1.84
C LYS D 336 10.12 -14.34 -1.19
N GLU D 337 8.86 -14.68 -0.99
CA GLU D 337 7.91 -13.78 -0.32
C GLU D 337 8.23 -13.54 1.17
N GLU D 338 8.72 -14.56 1.85
CA GLU D 338 9.14 -14.42 3.26
C GLU D 338 10.25 -13.39 3.33
N ALA D 339 11.18 -13.48 2.41
CA ALA D 339 12.33 -12.59 2.34
C ALA D 339 11.99 -11.14 2.25
N GLU D 340 11.13 -10.78 1.32
CA GLU D 340 10.77 -9.37 1.24
C GLU D 340 9.97 -8.96 2.43
N TYR D 341 9.09 -9.86 2.88
CA TYR D 341 8.25 -9.54 4.02
C TYR D 341 9.16 -9.16 5.17
N MET D 342 10.18 -9.98 5.41
CA MET D 342 11.09 -9.74 6.53
C MET D 342 11.98 -8.51 6.31
N GLU D 343 12.31 -8.20 5.06
CA GLU D 343 13.08 -7.00 4.78
C GLU D 343 12.28 -5.76 5.16
N LYS D 344 11.00 -5.78 4.83
CA LYS D 344 10.13 -4.66 5.10
C LYS D 344 9.85 -4.50 6.60
N GLN D 345 9.77 -5.62 7.32
CA GLN D 345 9.64 -5.54 8.77
C GLN D 345 10.84 -4.77 9.32
N ARG D 346 12.02 -5.07 8.81
CA ARG D 346 13.23 -4.35 9.24
C ARG D 346 13.17 -2.87 8.89
N ALA D 347 12.70 -2.56 7.69
CA ALA D 347 12.64 -1.18 7.25
C ALA D 347 11.68 -0.39 8.12
N GLU D 348 10.60 -1.04 8.55
CA GLU D 348 9.58 -0.35 9.35
C GLU D 348 9.84 -0.46 10.85
N ALA D 349 10.99 -1.05 11.19
CA ALA D 349 11.45 -1.13 12.57
C ALA D 349 10.50 -1.89 13.51
N VAL D 350 9.98 -3.03 13.04
CA VAL D 350 9.21 -3.91 13.92
C VAL D 350 9.83 -5.29 13.88
N HIS D 351 9.51 -6.10 14.89
CA HIS D 351 10.02 -7.46 14.93
C HIS D 351 9.37 -8.31 13.84
N PRO D 352 10.04 -9.40 13.43
CA PRO D 352 9.62 -10.20 12.26
C PRO D 352 8.14 -10.61 12.17
N HIS D 353 7.50 -10.96 13.27
CA HIS D 353 6.13 -11.49 13.16
C HIS D 353 5.06 -10.49 13.63
N VAL D 354 5.41 -9.21 13.63
CA VAL D 354 4.53 -8.15 14.11
C VAL D 354 3.60 -7.64 12.99
N LEU D 355 2.29 -7.72 13.21
CA LEU D 355 1.32 -7.45 12.15
C LEU D 355 0.79 -6.02 12.15
N MET D 356 1.05 -5.28 13.22
CA MET D 356 0.33 -4.04 13.51
C MET D 356 0.16 -3.08 12.34
N ASN D 357 1.23 -2.88 11.57
CA ASN D 357 1.22 -1.92 10.49
C ASN D 357 0.39 -2.33 9.28
N HIS D 358 0.08 -3.62 9.16
CA HIS D 358 -0.59 -4.14 7.98
C HIS D 358 -1.56 -5.31 8.21
N GLN D 359 -2.13 -5.43 9.41
CA GLN D 359 -2.94 -6.61 9.72
C GLN D 359 -4.16 -6.76 8.81
N TRP D 360 -4.79 -5.64 8.48
CA TRP D 360 -6.03 -5.68 7.70
C TRP D 360 -5.79 -6.14 6.27
N GLU D 361 -4.66 -5.72 5.72
CA GLU D 361 -4.20 -6.14 4.41
C GLU D 361 -3.80 -7.61 4.43
N TYR D 362 -3.13 -8.03 5.50
CA TYR D 362 -2.79 -9.43 5.72
C TYR D 362 -4.03 -10.32 5.85
N PHE D 363 -5.01 -9.87 6.63
CA PHE D 363 -6.26 -10.61 6.81
C PHE D 363 -6.99 -10.77 5.47
N LYS D 364 -6.98 -9.70 4.68
CA LYS D 364 -7.58 -9.76 3.35
C LYS D 364 -6.94 -10.87 2.54
N LYS D 365 -5.61 -10.99 2.64
CA LYS D 365 -4.91 -12.03 1.90
C LYS D 365 -5.29 -13.42 2.42
N LEU D 366 -5.37 -13.57 3.74
CA LEU D 366 -5.78 -14.85 4.30
C LEU D 366 -7.19 -15.21 3.84
N GLU D 367 -8.08 -14.22 3.82
CA GLU D 367 -9.45 -14.44 3.36
C GLU D 367 -9.49 -14.98 1.94
N GLU D 368 -8.80 -14.29 1.04
CA GLU D 368 -8.72 -14.72 -0.34
C GLU D 368 -8.15 -16.13 -0.54
N MET D 369 -7.07 -16.44 0.16
CA MET D 369 -6.45 -17.74 -0.03
C MET D 369 -7.24 -18.87 0.64
N SER D 370 -7.90 -18.57 1.75
CA SER D 370 -8.51 -19.62 2.54
C SER D 370 -9.95 -19.88 2.12
N GLY D 371 -10.57 -18.88 1.49
CA GLY D 371 -11.97 -19.00 1.11
C GLY D 371 -12.88 -18.62 2.27
N ALA D 372 -12.28 -18.02 3.28
CA ALA D 372 -13.02 -17.58 4.47
C ALA D 372 -14.00 -16.46 4.17
N LYS D 373 -15.02 -16.37 5.01
CA LYS D 373 -15.95 -15.25 4.99
C LYS D 373 -15.21 -13.95 5.26
N THR D 374 -15.56 -12.90 4.52
CA THR D 374 -14.95 -11.57 4.74
C THR D 374 -15.25 -11.02 6.14
N MET D 375 -14.23 -10.45 6.77
CA MET D 375 -14.40 -9.82 8.07
C MET D 375 -15.33 -8.61 7.98
N PRO D 376 -16.26 -8.50 8.93
CA PRO D 376 -17.07 -7.28 9.06
C PRO D 376 -16.19 -6.07 9.31
N PRO D 377 -16.30 -5.03 8.47
CA PRO D 377 -15.44 -3.84 8.57
C PRO D 377 -15.50 -3.18 9.93
N VAL D 378 -16.58 -3.41 10.66
CA VAL D 378 -16.75 -2.81 11.97
C VAL D 378 -15.63 -3.23 12.93
N TYR D 379 -15.09 -4.43 12.73
CA TYR D 379 -13.91 -4.87 13.49
C TYR D 379 -12.70 -3.95 13.25
N MET D 380 -12.42 -3.63 12.00
CA MET D 380 -11.30 -2.74 11.70
C MET D 380 -11.48 -1.33 12.23
N LYS D 381 -12.66 -0.75 11.98
CA LYS D 381 -12.97 0.58 12.46
C LYS D 381 -12.89 0.64 13.96
N MET D 382 -13.50 -0.33 14.61
CA MET D 382 -13.54 -0.32 16.05
C MET D 382 -12.13 -0.53 16.60
N PHE D 383 -11.40 -1.49 16.04
CA PHE D 383 -10.03 -1.73 16.48
C PHE D 383 -9.15 -0.49 16.31
N ASP D 384 -9.12 0.06 15.10
CA ASP D 384 -8.33 1.25 14.82
C ASP D 384 -8.68 2.41 15.74
N ASP D 385 -9.96 2.53 16.10
CA ASP D 385 -10.38 3.60 17.00
C ASP D 385 -9.95 3.41 18.47
N VAL D 386 -10.14 2.20 19.00
CA VAL D 386 -10.02 1.99 20.44
C VAL D 386 -8.82 1.17 20.92
N ALA D 387 -8.08 0.58 20.00
CA ALA D 387 -7.03 -0.36 20.40
C ALA D 387 -5.95 0.33 21.22
N SER D 388 -5.72 1.62 20.90
CA SER D 388 -4.65 2.39 21.54
C SER D 388 -5.09 3.10 22.82
N ASP D 389 -6.33 2.89 23.24
CA ASP D 389 -6.84 3.58 24.43
C ASP D 389 -6.05 3.23 25.68
N LEU D 390 -5.45 2.04 25.70
CA LEU D 390 -4.60 1.61 26.78
C LEU D 390 -3.46 2.62 27.01
N VAL D 391 -2.83 3.06 25.91
CA VAL D 391 -1.73 4.02 26.03
C VAL D 391 -2.13 5.49 25.96
N LYS D 392 -3.35 5.77 25.53
CA LYS D 392 -3.84 7.14 25.45
C LYS D 392 -4.75 7.53 26.62
N ASP D 393 -5.38 6.56 27.26
CA ASP D 393 -6.33 6.82 28.34
C ASP D 393 -6.33 5.67 29.33
N LEU D 394 -5.13 5.35 29.81
CA LEU D 394 -4.88 4.17 30.65
C LEU D 394 -5.84 4.01 31.83
N GLN D 395 -6.04 5.09 32.58
CA GLN D 395 -6.80 5.02 33.83
C GLN D 395 -8.31 4.93 33.64
N ASN D 396 -8.80 5.29 32.46
CA ASN D 396 -10.22 5.47 32.27
C ASN D 396 -10.83 4.69 31.11
N PHE D 397 -10.01 4.18 30.20
CA PHE D 397 -10.56 3.59 28.98
C PHE D 397 -11.45 2.39 29.24
N ARG D 398 -11.22 1.66 30.33
CA ARG D 398 -12.00 0.46 30.61
C ARG D 398 -13.41 0.77 31.13
N LYS D 399 -13.69 2.06 31.36
CA LYS D 399 -15.02 2.49 31.75
C LYS D 399 -15.91 2.62 30.52
N ASN D 400 -15.28 2.68 29.35
CA ASN D 400 -16.03 2.77 28.10
C ASN D 400 -16.74 1.47 27.77
N ASN D 401 -17.95 1.58 27.24
CA ASN D 401 -18.72 0.41 26.86
C ASN D 401 -19.20 0.59 25.42
N TYR D 402 -19.25 -0.49 24.67
CA TYR D 402 -19.58 -0.40 23.25
C TYR D 402 -20.62 -1.41 22.84
N MET D 403 -21.20 -1.16 21.68
CA MET D 403 -22.11 -2.09 21.05
C MET D 403 -21.92 -2.00 19.55
N ILE D 404 -21.77 -3.15 18.92
CA ILE D 404 -21.77 -3.20 17.47
C ILE D 404 -23.21 -3.04 17.01
N ILE D 405 -23.47 -2.08 16.13
CA ILE D 405 -24.82 -1.85 15.62
C ILE D 405 -25.07 -2.82 14.48
N ASP D 406 -24.13 -2.84 13.54
CA ASP D 406 -24.23 -3.70 12.38
C ASP D 406 -22.86 -4.06 11.82
N ASN D 407 -22.83 -4.53 10.58
CA ASN D 407 -21.59 -4.98 9.96
C ASN D 407 -20.55 -3.89 9.77
N GLU D 408 -20.98 -2.64 9.81
CA GLU D 408 -20.10 -1.52 9.51
C GLU D 408 -19.88 -0.60 10.69
N ASN D 409 -20.82 -0.61 11.64
CA ASN D 409 -20.84 0.45 12.64
C ASN D 409 -21.00 0.01 14.10
N TYR D 410 -20.47 0.84 14.99
CA TYR D 410 -20.60 0.61 16.43
C TYR D 410 -20.86 1.93 17.15
N LYS D 411 -21.16 1.88 18.43
CA LYS D 411 -21.39 3.08 19.22
C LYS D 411 -21.05 2.89 20.69
N LYS D 412 -20.72 3.97 21.35
CA LYS D 412 -20.52 3.95 22.78
C LYS D 412 -21.85 3.83 23.49
N ILE D 413 -21.91 3.05 24.55
CA ILE D 413 -23.10 2.90 25.37
C ILE D 413 -22.91 3.78 26.62
#